data_8JZI
#
_entry.id   8JZI
#
_cell.length_a   150.404
_cell.length_b   125.436
_cell.length_c   116.310
_cell.angle_alpha   90.00
_cell.angle_beta   128.91
_cell.angle_gamma   90.00
#
_symmetry.space_group_name_H-M   'C 1 2 1'
#
loop_
_entity.id
_entity.type
_entity.pdbx_description
1 polymer 'S-adenosylmethionine synthase'
2 non-polymer GLYCEROL
3 non-polymer '2-(N-MORPHOLINO)-ETHANESULFONIC ACID'
4 non-polymer 'SODIUM ION'
5 non-polymer 1,2-ETHANEDIOL
6 water water
#
_entity_poly.entity_id   1
_entity_poly.type   'polypeptide(L)'
_entity_poly.pdbx_seq_one_letter_code
;MAQPTAVRLFTSESVTEGHPDKICDAISDTILDALLEKDPQSRVAVETVVTTGIVHVVGEVRTSAYVAIPQLVRNKLIEI
GFNSSEVGFDGRTCGVSVSIGEQSQEIADGVDNSDEARTNGDVEEDDRAGAGDQGLMFGYATNETEEYMPLPIALAHRLS
RRLTQVRKEGIVPHLRPDGKTQVTFAYDAQDRPSHLDTVVISTQHDPEVDRAWLETQLREHVIDWVIKDAGIEDLATGEI
TVLINPSGSFILGGPMGDAGLTGRKIIVDTYGGMARHGGGAFSGKDPSKVDRSAAYAMRWVAKNIVAAGLADRAEVQVAY
AIGRAKPVGLYVETFDTNKEGLSDEQIQAAVLEVFDLRPAAIIRELDLLRPIYADTAAYGHFGRTDLDLPWEAIDRVDEL
RAALKLA
;
_entity_poly.pdbx_strand_id   A,B,C,D
#
# COMPACT_ATOMS: atom_id res chain seq x y z
N GLN A 3 1.93 -54.53 21.97
CA GLN A 3 1.26 -54.66 23.29
C GLN A 3 1.70 -53.55 24.27
N PRO A 4 2.86 -52.88 24.13
CA PRO A 4 3.18 -51.71 24.97
C PRO A 4 2.15 -50.58 24.72
N THR A 5 1.85 -49.76 25.74
CA THR A 5 0.84 -48.68 25.60
C THR A 5 1.49 -47.31 25.88
N ALA A 6 0.99 -46.29 25.21
CA ALA A 6 1.39 -44.89 25.43
C ALA A 6 0.16 -44.15 25.94
N VAL A 7 0.36 -43.05 26.65
CA VAL A 7 -0.78 -42.22 27.10
C VAL A 7 -1.07 -41.23 25.99
N ARG A 8 -2.33 -41.14 25.57
CA ARG A 8 -2.66 -40.16 24.51
C ARG A 8 -2.75 -38.77 25.15
N LEU A 9 -2.20 -37.76 24.47
CA LEU A 9 -2.06 -36.40 25.03
C LEU A 9 -2.65 -35.46 23.99
N PHE A 10 -3.65 -34.67 24.37
CA PHE A 10 -4.38 -33.79 23.44
C PHE A 10 -4.05 -32.34 23.80
N THR A 11 -3.87 -31.50 22.78
CA THR A 11 -3.42 -30.11 22.99
C THR A 11 -4.39 -29.11 22.34
N SER A 12 -4.62 -27.99 23.00
CA SER A 12 -5.33 -26.82 22.40
C SER A 12 -4.55 -25.55 22.73
N GLU A 13 -4.74 -24.47 22.00
CA GLU A 13 -4.00 -23.22 22.25
C GLU A 13 -4.98 -22.06 22.19
N SER A 14 -4.57 -20.96 22.81
CA SER A 14 -5.27 -19.66 22.63
C SER A 14 -4.25 -18.54 22.52
N VAL A 15 -4.71 -17.34 22.14
CA VAL A 15 -3.76 -16.19 22.04
C VAL A 15 -4.47 -15.03 22.70
N THR A 16 -3.70 -14.01 23.08
CA THR A 16 -4.30 -12.75 23.58
C THR A 16 -4.76 -11.90 22.42
N GLU A 17 -5.49 -10.84 22.73
CA GLU A 17 -5.93 -9.81 21.78
C GLU A 17 -4.76 -9.09 21.10
N GLY A 18 -3.54 -9.17 21.63
CA GLY A 18 -2.36 -8.53 21.03
C GLY A 18 -1.56 -9.41 20.07
N HIS A 19 -1.96 -10.66 19.84
CA HIS A 19 -1.33 -11.52 18.82
C HIS A 19 -1.70 -10.89 17.47
N PRO A 20 -0.78 -10.74 16.51
CA PRO A 20 -1.06 -10.04 15.25
C PRO A 20 -2.30 -10.55 14.46
N ASP A 21 -2.57 -11.86 14.47
CA ASP A 21 -3.77 -12.41 13.78
C ASP A 21 -5.05 -11.95 14.48
N LYS A 22 -5.01 -11.94 15.82
CA LYS A 22 -6.16 -11.49 16.61
C LYS A 22 -6.34 -9.96 16.51
N ILE A 23 -5.26 -9.18 16.36
CA ILE A 23 -5.41 -7.73 16.09
C ILE A 23 -6.27 -7.57 14.82
N CYS A 24 -6.00 -8.36 13.80
CA CYS A 24 -6.71 -8.28 12.51
C CYS A 24 -8.19 -8.67 12.69
N ASP A 25 -8.46 -9.79 13.37
CA ASP A 25 -9.86 -10.20 13.68
C ASP A 25 -10.59 -9.05 14.38
N ALA A 26 -9.96 -8.42 15.37
CA ALA A 26 -10.59 -7.36 16.20
C ALA A 26 -10.81 -6.10 15.39
N ILE A 27 -9.89 -5.73 14.52
CA ILE A 27 -10.06 -4.56 13.64
C ILE A 27 -11.22 -4.86 12.67
N SER A 28 -11.24 -6.02 12.05
CA SER A 28 -12.29 -6.43 11.11
C SER A 28 -13.67 -6.34 11.78
N ASP A 29 -13.82 -6.88 13.00
CA ASP A 29 -15.11 -6.89 13.74
C ASP A 29 -15.44 -5.53 14.37
N THR A 30 -14.46 -4.68 14.64
CA THR A 30 -14.68 -3.29 15.10
C THR A 30 -15.31 -2.49 13.96
N ILE A 31 -14.85 -2.68 12.73
CA ILE A 31 -15.44 -2.00 11.55
C ILE A 31 -16.85 -2.58 11.35
N LEU A 32 -17.02 -3.91 11.47
CA LEU A 32 -18.36 -4.51 11.26
C LEU A 32 -19.35 -3.90 12.26
N ASP A 33 -18.97 -3.83 13.52
CA ASP A 33 -19.91 -3.36 14.57
C ASP A 33 -20.26 -1.89 14.37
N ALA A 34 -19.27 -1.07 14.01
CA ALA A 34 -19.48 0.39 13.73
C ALA A 34 -20.50 0.53 12.59
N LEU A 35 -20.41 -0.29 11.54
CA LEU A 35 -21.35 -0.23 10.39
C LEU A 35 -22.74 -0.71 10.84
N LEU A 36 -22.82 -1.83 11.58
CA LEU A 36 -24.10 -2.39 12.11
C LEU A 36 -24.81 -1.43 13.06
N GLU A 37 -24.10 -0.71 13.93
CA GLU A 37 -24.67 0.25 14.90
C GLU A 37 -25.52 1.29 14.14
N LYS A 38 -25.13 1.68 12.94
CA LYS A 38 -25.77 2.79 12.16
C LYS A 38 -26.66 2.24 11.05
N ASP A 39 -26.30 1.08 10.48
CA ASP A 39 -27.08 0.40 9.39
C ASP A 39 -27.08 -1.10 9.66
N PRO A 40 -28.05 -1.64 10.41
CA PRO A 40 -28.11 -3.08 10.67
C PRO A 40 -28.11 -4.00 9.43
N GLN A 41 -28.39 -3.46 8.24
CA GLN A 41 -28.51 -4.21 6.97
C GLN A 41 -27.17 -4.18 6.20
N SER A 42 -26.14 -3.58 6.80
CA SER A 42 -24.80 -3.47 6.18
C SER A 42 -24.33 -4.85 5.71
N ARG A 43 -23.84 -4.91 4.49
CA ARG A 43 -23.11 -6.08 3.96
C ARG A 43 -21.62 -5.75 4.09
N VAL A 44 -20.86 -6.64 4.74
CA VAL A 44 -19.48 -6.37 5.20
C VAL A 44 -18.62 -7.62 4.93
N ALA A 45 -17.55 -7.49 4.17
CA ALA A 45 -16.53 -8.52 3.93
C ALA A 45 -15.20 -7.78 3.96
N VAL A 46 -14.73 -7.51 5.18
CA VAL A 46 -13.55 -6.62 5.44
C VAL A 46 -12.45 -7.46 6.06
N GLU A 47 -11.31 -7.57 5.37
CA GLU A 47 -10.10 -8.29 5.83
C GLU A 47 -9.07 -7.26 6.24
N THR A 48 -8.35 -7.55 7.32
CA THR A 48 -7.26 -6.73 7.83
C THR A 48 -5.96 -7.47 7.70
N VAL A 49 -4.92 -6.74 7.31
CA VAL A 49 -3.54 -7.25 7.25
C VAL A 49 -2.67 -6.32 8.08
N VAL A 50 -1.82 -6.88 8.91
CA VAL A 50 -0.86 -6.06 9.69
C VAL A 50 0.55 -6.59 9.46
N THR A 51 1.48 -5.68 9.38
CA THR A 51 2.92 -6.07 9.35
C THR A 51 3.65 -4.91 9.99
N THR A 52 4.98 -4.98 10.09
CA THR A 52 5.76 -3.90 10.71
C THR A 52 5.20 -2.56 10.22
N GLY A 53 4.72 -1.76 11.15
CA GLY A 53 4.31 -0.36 10.97
C GLY A 53 3.03 -0.17 10.18
N ILE A 54 2.41 -1.25 9.66
CA ILE A 54 1.30 -1.14 8.68
C ILE A 54 0.03 -1.84 9.15
N VAL A 55 -1.09 -1.17 8.96
CA VAL A 55 -2.45 -1.79 8.90
C VAL A 55 -2.98 -1.53 7.48
N HIS A 56 -3.39 -2.59 6.80
CA HIS A 56 -4.06 -2.52 5.49
C HIS A 56 -5.43 -3.19 5.67
N VAL A 57 -6.48 -2.43 5.39
CA VAL A 57 -7.87 -2.94 5.44
C VAL A 57 -8.42 -3.05 4.03
N VAL A 58 -8.94 -4.23 3.66
CA VAL A 58 -9.34 -4.48 2.25
C VAL A 58 -10.70 -5.16 2.25
N GLY A 59 -11.42 -5.04 1.13
CA GLY A 59 -12.65 -5.82 0.93
C GLY A 59 -13.76 -4.95 0.39
N GLU A 60 -14.99 -5.25 0.80
CA GLU A 60 -16.21 -4.75 0.12
C GLU A 60 -17.25 -4.52 1.22
N VAL A 61 -17.87 -3.34 1.18
CA VAL A 61 -19.01 -2.99 2.04
C VAL A 61 -20.17 -2.48 1.17
N ARG A 62 -21.39 -2.76 1.62
CA ARG A 62 -22.63 -2.14 1.09
C ARG A 62 -23.43 -1.62 2.28
N THR A 63 -23.51 -0.31 2.43
CA THR A 63 -23.96 0.33 3.68
C THR A 63 -24.47 1.73 3.36
N SER A 64 -25.37 2.20 4.20
CA SER A 64 -25.83 3.62 4.19
C SER A 64 -25.09 4.37 5.30
N ALA A 65 -24.33 3.70 6.17
CA ALA A 65 -23.61 4.34 7.30
C ALA A 65 -22.32 5.00 6.82
N TYR A 66 -21.92 6.10 7.46
CA TYR A 66 -20.56 6.67 7.40
C TYR A 66 -19.81 6.27 8.67
N VAL A 67 -18.65 5.60 8.54
CA VAL A 67 -17.74 5.35 9.71
C VAL A 67 -16.33 5.75 9.28
N ALA A 68 -15.59 6.36 10.20
CA ALA A 68 -14.21 6.86 10.01
C ALA A 68 -13.27 5.69 10.30
N ILE A 69 -12.90 4.95 9.25
CA ILE A 69 -12.16 3.67 9.42
C ILE A 69 -10.81 3.94 10.07
N PRO A 70 -9.97 4.89 9.60
CA PRO A 70 -8.65 5.05 10.22
C PRO A 70 -8.71 5.33 11.73
N GLN A 71 -9.62 6.21 12.17
CA GLN A 71 -9.75 6.48 13.62
C GLN A 71 -10.22 5.22 14.38
N LEU A 72 -11.10 4.40 13.80
CA LEU A 72 -11.55 3.13 14.42
C LEU A 72 -10.33 2.21 14.64
N VAL A 73 -9.47 2.13 13.62
CA VAL A 73 -8.27 1.24 13.65
C VAL A 73 -7.35 1.77 14.74
N ARG A 74 -7.00 3.05 14.70
CA ARG A 74 -5.99 3.60 15.67
C ARG A 74 -6.49 3.42 17.10
N ASN A 75 -7.78 3.65 17.35
CA ASN A 75 -8.35 3.57 18.72
C ASN A 75 -8.32 2.12 19.19
N LYS A 76 -8.67 1.16 18.30
CA LYS A 76 -8.62 -0.28 18.67
C LYS A 76 -7.19 -0.69 19.03
N LEU A 77 -6.17 -0.24 18.29
CA LEU A 77 -4.76 -0.58 18.66
C LEU A 77 -4.36 -0.01 20.02
N ILE A 78 -4.78 1.20 20.33
CA ILE A 78 -4.53 1.85 21.64
C ILE A 78 -5.23 1.06 22.75
N GLU A 79 -6.47 0.62 22.52
CA GLU A 79 -7.28 -0.17 23.52
C GLU A 79 -6.52 -1.48 23.81
N ILE A 80 -5.98 -2.12 22.75
CA ILE A 80 -5.18 -3.39 22.91
C ILE A 80 -3.89 -3.15 23.71
N GLY A 81 -3.23 -2.01 23.53
CA GLY A 81 -2.06 -1.55 24.28
C GLY A 81 -0.87 -1.31 23.39
N PHE A 82 -1.07 -1.28 22.08
CA PHE A 82 0.02 -0.92 21.13
C PHE A 82 0.01 0.60 20.97
N ASN A 83 0.75 1.31 21.84
CA ASN A 83 0.66 2.79 21.98
C ASN A 83 2.05 3.42 21.85
N SER A 84 3.06 2.68 21.39
CA SER A 84 4.48 3.14 21.39
C SER A 84 5.33 2.32 20.45
N SER A 85 6.33 2.94 19.82
CA SER A 85 7.38 2.26 19.04
C SER A 85 8.11 1.31 19.99
N GLU A 86 8.20 1.66 21.29
CA GLU A 86 8.97 0.85 22.27
C GLU A 86 8.34 -0.53 22.41
N VAL A 87 7.03 -0.69 22.17
CA VAL A 87 6.38 -2.02 22.30
C VAL A 87 6.24 -2.67 20.92
N GLY A 88 6.67 -2.01 19.83
CA GLY A 88 6.70 -2.64 18.50
C GLY A 88 5.62 -2.08 17.58
N PHE A 89 4.68 -1.30 18.08
CA PHE A 89 3.54 -0.82 17.24
C PHE A 89 2.77 0.26 18.01
N ASP A 90 2.39 1.30 17.29
CA ASP A 90 1.72 2.47 17.89
C ASP A 90 0.51 2.80 17.04
N GLY A 91 -0.66 2.57 17.58
CA GLY A 91 -1.90 3.01 16.93
C GLY A 91 -1.91 4.49 16.56
N ARG A 92 -1.22 5.35 17.33
CA ARG A 92 -1.24 6.82 17.14
C ARG A 92 -0.47 7.19 15.87
N THR A 93 0.57 6.42 15.53
CA THR A 93 1.57 6.81 14.49
C THR A 93 1.80 5.75 13.41
N CYS A 94 1.11 4.63 13.43
CA CYS A 94 1.28 3.58 12.38
C CYS A 94 0.61 3.99 11.05
N GLY A 95 0.98 3.31 9.98
CA GLY A 95 0.32 3.36 8.67
C GLY A 95 -1.07 2.74 8.75
N VAL A 96 -2.04 3.41 8.17
CA VAL A 96 -3.39 2.83 7.99
C VAL A 96 -3.78 3.09 6.54
N SER A 97 -3.99 2.03 5.78
CA SER A 97 -4.32 2.09 4.35
C SER A 97 -5.64 1.34 4.19
N VAL A 98 -6.56 1.94 3.46
CA VAL A 98 -7.92 1.36 3.25
C VAL A 98 -8.13 1.12 1.76
N SER A 99 -8.41 -0.12 1.36
CA SER A 99 -8.74 -0.50 -0.04
C SER A 99 -10.10 -1.23 0.02
N ILE A 100 -11.17 -0.48 0.22
CA ILE A 100 -12.54 -1.06 0.36
C ILE A 100 -13.38 -0.56 -0.81
N GLY A 101 -14.04 -1.48 -1.51
CA GLY A 101 -15.03 -1.15 -2.55
C GLY A 101 -16.38 -0.92 -1.92
N GLU A 102 -17.11 0.12 -2.35
CA GLU A 102 -18.37 0.55 -1.69
C GLU A 102 -19.56 0.34 -2.63
N GLN A 103 -19.31 0.08 -3.91
CA GLN A 103 -20.37 -0.22 -4.92
C GLN A 103 -20.00 -1.54 -5.62
N SER A 104 -20.60 -1.82 -6.79
CA SER A 104 -20.34 -3.02 -7.63
C SER A 104 -19.90 -2.62 -9.05
N ASP A 126 -39.12 -13.17 4.77
CA ASP A 126 -37.91 -13.07 3.91
C ASP A 126 -37.03 -14.32 4.04
N ASP A 127 -37.56 -15.42 4.62
CA ASP A 127 -36.76 -16.64 4.94
C ASP A 127 -36.35 -17.37 3.67
N ARG A 128 -36.96 -17.04 2.51
CA ARG A 128 -36.70 -17.78 1.24
C ARG A 128 -35.33 -17.43 0.66
N ALA A 129 -34.65 -16.42 1.20
CA ALA A 129 -33.44 -15.83 0.58
C ALA A 129 -32.36 -16.93 0.50
N GLY A 130 -31.76 -17.09 -0.68
CA GLY A 130 -30.74 -18.13 -0.89
C GLY A 130 -29.46 -17.81 -0.14
N ALA A 131 -28.66 -18.86 0.13
CA ALA A 131 -27.32 -18.73 0.74
C ALA A 131 -26.47 -17.85 -0.18
N GLY A 132 -25.62 -16.98 0.39
CA GLY A 132 -24.75 -16.08 -0.40
C GLY A 132 -23.48 -16.77 -0.86
N ASP A 133 -23.27 -18.02 -0.40
CA ASP A 133 -22.09 -18.81 -0.85
C ASP A 133 -22.37 -20.28 -0.57
N GLN A 134 -21.58 -21.14 -1.19
CA GLN A 134 -21.49 -22.57 -0.78
C GLN A 134 -20.61 -22.62 0.49
N GLY A 135 -20.57 -23.78 1.13
CA GLY A 135 -19.64 -24.06 2.21
C GLY A 135 -20.21 -24.98 3.26
N LEU A 136 -19.34 -25.41 4.17
CA LEU A 136 -19.68 -26.35 5.24
C LEU A 136 -19.26 -25.66 6.55
N MET A 137 -19.96 -25.99 7.62
CA MET A 137 -19.77 -25.34 8.94
C MET A 137 -20.06 -26.36 10.02
N PHE A 138 -19.26 -26.39 11.08
CA PHE A 138 -19.48 -27.31 12.20
C PHE A 138 -19.74 -26.54 13.47
N GLY A 139 -20.54 -27.14 14.35
CA GLY A 139 -20.79 -26.71 15.72
C GLY A 139 -20.53 -27.86 16.66
N TYR A 140 -20.20 -27.53 17.89
CA TYR A 140 -19.84 -28.56 18.89
C TYR A 140 -20.30 -28.14 20.28
N ALA A 141 -20.64 -29.14 21.10
CA ALA A 141 -20.92 -28.93 22.53
C ALA A 141 -20.59 -30.18 23.31
N THR A 142 -20.25 -30.01 24.58
CA THR A 142 -19.96 -31.15 25.49
C THR A 142 -20.31 -30.71 26.89
N ASN A 143 -20.91 -31.59 27.69
CA ASN A 143 -21.26 -31.22 29.09
C ASN A 143 -20.09 -31.41 30.06
N GLU A 144 -18.87 -31.54 29.55
CA GLU A 144 -17.67 -31.70 30.41
C GLU A 144 -17.27 -30.38 31.10
N THR A 145 -17.78 -29.22 30.67
CA THR A 145 -17.66 -27.94 31.41
C THR A 145 -19.04 -27.28 31.49
N GLU A 146 -19.22 -26.41 32.48
CA GLU A 146 -20.48 -25.65 32.69
C GLU A 146 -20.84 -24.85 31.43
N GLU A 147 -19.85 -24.40 30.66
CA GLU A 147 -20.07 -23.57 29.45
C GLU A 147 -20.17 -24.47 28.20
N TYR A 148 -20.20 -25.78 28.39
CA TYR A 148 -20.43 -26.76 27.29
C TYR A 148 -19.31 -26.68 26.26
N MET A 149 -18.10 -26.43 26.73
CA MET A 149 -16.90 -26.36 25.88
C MET A 149 -15.96 -27.51 26.21
N PRO A 150 -15.09 -27.92 25.27
CA PRO A 150 -14.03 -28.87 25.61
C PRO A 150 -13.05 -28.28 26.62
N LEU A 151 -12.62 -29.10 27.60
CA LEU A 151 -11.72 -28.63 28.67
C LEU A 151 -10.46 -28.00 28.06
N PRO A 152 -9.77 -28.57 27.05
CA PRO A 152 -8.47 -27.99 26.69
C PRO A 152 -8.60 -26.54 26.15
N ILE A 153 -9.50 -26.31 25.21
CA ILE A 153 -9.71 -24.92 24.71
C ILE A 153 -10.26 -24.03 25.85
N ALA A 154 -11.12 -24.54 26.72
CA ALA A 154 -11.68 -23.73 27.82
C ALA A 154 -10.51 -23.23 28.68
N LEU A 155 -9.62 -24.14 29.08
CA LEU A 155 -8.47 -23.73 29.90
C LEU A 155 -7.56 -22.78 29.13
N ALA A 156 -7.23 -23.07 27.89
CA ALA A 156 -6.35 -22.20 27.07
C ALA A 156 -6.95 -20.79 26.96
N HIS A 157 -8.25 -20.67 26.72
CA HIS A 157 -8.90 -19.34 26.68
C HIS A 157 -8.88 -18.67 28.06
N ARG A 158 -9.11 -19.43 29.13
CA ARG A 158 -9.14 -18.81 30.48
C ARG A 158 -7.74 -18.26 30.76
N LEU A 159 -6.70 -18.96 30.33
CA LEU A 159 -5.30 -18.55 30.57
C LEU A 159 -5.00 -17.30 29.74
N SER A 160 -5.43 -17.22 28.47
CA SER A 160 -5.14 -16.04 27.63
C SER A 160 -5.98 -14.85 28.13
N ARG A 161 -7.22 -15.07 28.52
CA ARG A 161 -8.06 -13.99 29.10
C ARG A 161 -7.39 -13.48 30.39
N ARG A 162 -6.89 -14.38 31.24
CA ARG A 162 -6.33 -13.98 32.53
C ARG A 162 -5.01 -13.22 32.28
N LEU A 163 -4.22 -13.66 31.29
CA LEU A 163 -2.93 -12.99 30.98
C LEU A 163 -3.23 -11.54 30.56
N THR A 164 -4.28 -11.27 29.81
CA THR A 164 -4.68 -9.91 29.45
C THR A 164 -5.17 -9.17 30.69
N GLN A 165 -6.01 -9.81 31.51
CA GLN A 165 -6.58 -9.18 32.73
C GLN A 165 -5.46 -8.71 33.66
N VAL A 166 -4.46 -9.53 33.90
CA VAL A 166 -3.44 -9.15 34.92
C VAL A 166 -2.60 -7.96 34.43
N ARG A 167 -2.41 -7.86 33.12
CA ARG A 167 -1.76 -6.68 32.49
C ARG A 167 -2.64 -5.45 32.65
N LYS A 168 -3.90 -5.50 32.20
CA LYS A 168 -4.79 -4.32 32.11
C LYS A 168 -5.09 -3.80 33.52
N GLU A 169 -5.23 -4.68 34.47
CA GLU A 169 -5.55 -4.29 35.89
C GLU A 169 -4.26 -4.11 36.72
N GLY A 170 -3.05 -4.37 36.19
CA GLY A 170 -1.83 -4.13 36.99
C GLY A 170 -1.56 -5.20 38.05
N ILE A 171 -2.20 -6.36 37.99
CA ILE A 171 -1.97 -7.50 38.92
C ILE A 171 -0.53 -7.96 38.70
N VAL A 172 -0.11 -8.02 37.45
CA VAL A 172 1.29 -8.32 37.10
C VAL A 172 1.75 -7.13 36.28
N PRO A 173 2.64 -6.28 36.80
CA PRO A 173 3.11 -5.12 36.06
C PRO A 173 4.10 -5.53 34.95
N HIS A 174 4.41 -4.57 34.09
CA HIS A 174 5.50 -4.68 33.06
C HIS A 174 5.17 -5.68 31.96
N LEU A 175 3.88 -6.02 31.74
CA LEU A 175 3.48 -6.90 30.61
C LEU A 175 3.13 -6.04 29.38
N ARG A 176 3.20 -6.66 28.21
CA ARG A 176 2.85 -6.03 26.92
C ARG A 176 1.81 -6.94 26.26
N PRO A 177 1.13 -6.50 25.19
CA PRO A 177 -0.10 -7.16 24.74
C PRO A 177 0.00 -8.58 24.19
N ASP A 178 1.09 -8.89 23.49
CA ASP A 178 1.19 -10.14 22.70
C ASP A 178 1.42 -11.30 23.65
N GLY A 179 0.80 -12.44 23.39
CA GLY A 179 0.92 -13.64 24.21
C GLY A 179 0.16 -14.82 23.64
N LYS A 180 0.55 -16.00 24.08
CA LYS A 180 -0.01 -17.26 23.58
C LYS A 180 -0.03 -18.25 24.75
N THR A 181 -1.09 -19.03 24.81
CA THR A 181 -1.21 -20.12 25.79
C THR A 181 -1.40 -21.46 25.11
N GLN A 182 -0.94 -22.54 25.76
CA GLN A 182 -1.09 -23.88 25.18
C GLN A 182 -1.18 -24.92 26.30
N VAL A 183 -2.20 -25.74 26.22
CA VAL A 183 -2.42 -26.75 27.29
C VAL A 183 -2.54 -28.13 26.63
N THR A 184 -1.91 -29.09 27.27
CA THR A 184 -1.90 -30.51 26.87
C THR A 184 -2.47 -31.31 28.04
N PHE A 185 -3.56 -32.04 27.79
CA PHE A 185 -4.19 -32.99 28.74
C PHE A 185 -3.84 -34.41 28.32
N ALA A 186 -3.62 -35.26 29.31
CA ALA A 186 -3.71 -36.73 29.12
C ALA A 186 -5.19 -37.06 28.96
N TYR A 187 -5.47 -38.01 28.08
CA TYR A 187 -6.81 -38.53 27.72
C TYR A 187 -6.84 -40.02 28.05
N ASP A 188 -8.01 -40.50 28.44
CA ASP A 188 -8.19 -41.95 28.68
C ASP A 188 -8.52 -42.64 27.37
N ALA A 189 -8.70 -43.97 27.42
CA ALA A 189 -8.97 -44.83 26.25
C ALA A 189 -10.37 -44.54 25.69
N GLN A 190 -11.24 -43.86 26.45
CA GLN A 190 -12.63 -43.50 26.03
C GLN A 190 -12.65 -42.07 25.50
N ASP A 191 -11.50 -41.46 25.22
CA ASP A 191 -11.40 -40.14 24.54
C ASP A 191 -11.81 -39.00 25.48
N ARG A 192 -11.69 -39.19 26.80
CA ARG A 192 -12.05 -38.13 27.79
C ARG A 192 -10.80 -37.61 28.48
N PRO A 193 -10.75 -36.30 28.86
CA PRO A 193 -9.61 -35.77 29.60
C PRO A 193 -9.48 -36.48 30.96
N SER A 194 -8.25 -36.83 31.30
CA SER A 194 -7.85 -37.56 32.52
C SER A 194 -7.05 -36.62 33.45
N HIS A 195 -6.14 -35.81 32.92
CA HIS A 195 -5.19 -35.04 33.78
C HIS A 195 -4.58 -33.92 32.96
N LEU A 196 -4.39 -32.75 33.55
CA LEU A 196 -3.53 -31.68 32.97
C LEU A 196 -2.07 -32.16 32.98
N ASP A 197 -1.38 -32.09 31.84
CA ASP A 197 0.01 -32.59 31.68
C ASP A 197 0.99 -31.42 31.55
N THR A 198 0.73 -30.48 30.64
CA THR A 198 1.69 -29.42 30.29
C THR A 198 0.93 -28.11 30.04
N VAL A 199 1.46 -27.02 30.55
CA VAL A 199 0.98 -25.64 30.31
C VAL A 199 2.11 -24.81 29.76
N VAL A 200 1.86 -24.14 28.63
CA VAL A 200 2.84 -23.19 28.07
C VAL A 200 2.21 -21.81 28.04
N ILE A 201 2.89 -20.83 28.59
CA ILE A 201 2.48 -19.42 28.44
C ILE A 201 3.67 -18.58 27.99
N SER A 202 3.46 -17.80 26.94
CA SER A 202 4.44 -16.80 26.47
C SER A 202 3.74 -15.43 26.51
N THR A 203 4.39 -14.48 27.15
CA THR A 203 3.90 -13.09 27.22
C THR A 203 4.99 -12.11 26.80
N GLN A 204 4.57 -11.11 26.03
CA GLN A 204 5.37 -9.90 25.76
C GLN A 204 5.58 -9.18 27.09
N HIS A 205 6.69 -8.48 27.22
CA HIS A 205 7.00 -7.76 28.47
C HIS A 205 7.97 -6.60 28.25
N ASP A 206 8.00 -5.70 29.22
CA ASP A 206 9.01 -4.61 29.26
C ASP A 206 10.37 -5.19 29.58
N PRO A 207 11.45 -4.53 29.12
CA PRO A 207 12.78 -5.02 29.43
C PRO A 207 13.15 -4.84 30.91
N GLU A 208 12.31 -4.16 31.69
CA GLU A 208 12.55 -3.94 33.15
C GLU A 208 12.36 -5.27 33.90
N VAL A 209 11.72 -6.28 33.29
CA VAL A 209 11.55 -7.60 33.94
C VAL A 209 12.21 -8.69 33.11
N ASP A 210 12.53 -9.79 33.75
CA ASP A 210 13.19 -10.94 33.10
C ASP A 210 12.38 -12.22 33.27
N ARG A 211 12.81 -13.27 32.58
CA ARG A 211 12.02 -14.51 32.50
C ARG A 211 11.86 -15.13 33.89
N ALA A 212 12.83 -14.97 34.77
CA ALA A 212 12.76 -15.65 36.09
C ALA A 212 11.63 -15.01 36.90
N TRP A 213 11.54 -13.68 36.82
CA TRP A 213 10.43 -12.93 37.49
C TRP A 213 9.11 -13.33 36.87
N LEU A 214 9.02 -13.31 35.55
CA LEU A 214 7.77 -13.70 34.84
C LEU A 214 7.31 -15.11 35.22
N GLU A 215 8.24 -16.06 35.39
CA GLU A 215 7.83 -17.41 35.74
C GLU A 215 7.10 -17.40 37.08
N THR A 216 7.69 -16.79 38.10
CA THR A 216 7.00 -16.69 39.41
C THR A 216 5.65 -15.99 39.27
N GLN A 217 5.62 -14.86 38.61
CA GLN A 217 4.41 -14.00 38.55
C GLN A 217 3.29 -14.80 37.83
N LEU A 218 3.60 -15.42 36.69
CA LEU A 218 2.54 -16.02 35.85
C LEU A 218 2.14 -17.36 36.47
N ARG A 219 3.07 -18.09 37.07
CA ARG A 219 2.66 -19.33 37.77
C ARG A 219 1.62 -18.97 38.83
N GLU A 220 1.89 -17.95 39.64
CA GLU A 220 0.99 -17.56 40.75
C GLU A 220 -0.28 -16.87 40.23
N HIS A 221 -0.13 -15.82 39.43
CA HIS A 221 -1.24 -14.87 39.18
C HIS A 221 -2.06 -15.26 37.94
N VAL A 222 -1.54 -16.14 37.08
CA VAL A 222 -2.28 -16.64 35.90
C VAL A 222 -2.67 -18.11 36.10
N ILE A 223 -1.71 -19.01 36.13
CA ILE A 223 -1.97 -20.48 36.10
C ILE A 223 -2.69 -20.89 37.37
N ASP A 224 -2.12 -20.61 38.56
CA ASP A 224 -2.72 -21.14 39.81
C ASP A 224 -4.10 -20.49 39.99
N TRP A 225 -4.23 -19.21 39.63
CA TRP A 225 -5.51 -18.48 39.80
C TRP A 225 -6.55 -19.13 38.90
N VAL A 226 -6.20 -19.44 37.63
CA VAL A 226 -7.16 -19.99 36.63
C VAL A 226 -7.57 -21.43 37.06
N ILE A 227 -6.64 -22.27 37.50
CA ILE A 227 -6.98 -23.66 37.90
C ILE A 227 -8.07 -23.60 38.97
N LYS A 228 -7.95 -22.69 39.93
CA LYS A 228 -8.95 -22.55 41.04
C LYS A 228 -10.21 -21.92 40.47
N ASP A 229 -10.09 -20.89 39.63
CA ASP A 229 -11.27 -20.20 39.08
C ASP A 229 -12.09 -21.19 38.20
N ALA A 230 -11.43 -22.13 37.51
CA ALA A 230 -12.10 -23.10 36.61
C ALA A 230 -12.62 -24.34 37.38
N GLY A 231 -12.24 -24.45 38.64
CA GLY A 231 -12.60 -25.60 39.50
C GLY A 231 -11.96 -26.92 39.04
N ILE A 232 -10.74 -26.87 38.51
CA ILE A 232 -10.12 -28.08 37.95
C ILE A 232 -8.90 -28.49 38.79
N GLU A 233 -8.96 -28.21 40.10
CA GLU A 233 -7.95 -28.74 41.05
C GLU A 233 -7.76 -30.26 40.87
N ASP A 234 -8.84 -31.02 40.77
CA ASP A 234 -8.83 -32.50 40.69
C ASP A 234 -7.95 -32.92 39.49
N LEU A 235 -7.97 -32.15 38.40
CA LEU A 235 -7.22 -32.49 37.15
C LEU A 235 -5.77 -31.99 37.20
N ALA A 236 -5.36 -31.19 38.19
CA ALA A 236 -4.02 -30.54 38.24
C ALA A 236 -3.20 -31.00 39.44
N THR A 237 -3.49 -32.19 39.98
CA THR A 237 -2.73 -32.77 41.11
C THR A 237 -1.39 -33.28 40.57
N GLY A 238 -0.37 -33.40 41.44
CA GLY A 238 0.92 -34.00 41.07
C GLY A 238 1.75 -33.08 40.19
N GLU A 239 2.47 -33.68 39.23
CA GLU A 239 3.53 -33.07 38.39
C GLU A 239 2.82 -32.47 37.15
N ILE A 240 2.70 -31.16 37.14
CA ILE A 240 2.29 -30.38 35.95
C ILE A 240 3.55 -29.71 35.42
N THR A 241 3.88 -29.93 34.16
CA THR A 241 5.03 -29.29 33.50
C THR A 241 4.60 -27.91 33.04
N VAL A 242 5.27 -26.88 33.51
CA VAL A 242 4.91 -25.48 33.19
C VAL A 242 6.12 -24.85 32.51
N LEU A 243 5.86 -24.22 31.37
CA LEU A 243 6.89 -23.52 30.59
C LEU A 243 6.40 -22.08 30.47
N ILE A 244 7.08 -21.13 31.11
CA ILE A 244 6.78 -19.68 30.98
C ILE A 244 7.88 -19.04 30.15
N ASN A 245 7.53 -18.42 29.03
CA ASN A 245 8.47 -17.70 28.13
C ASN A 245 9.66 -18.58 27.86
N PRO A 246 9.45 -19.85 27.47
CA PRO A 246 10.57 -20.80 27.36
C PRO A 246 11.69 -20.38 26.38
N SER A 247 11.38 -19.52 25.38
CA SER A 247 12.37 -19.02 24.41
C SER A 247 13.10 -17.80 24.93
N GLY A 248 12.77 -17.31 26.11
CA GLY A 248 13.50 -16.20 26.76
C GLY A 248 12.80 -14.88 26.58
N SER A 249 13.57 -13.83 26.28
CA SER A 249 13.07 -12.44 26.16
C SER A 249 11.97 -12.37 25.13
N PHE A 250 10.91 -11.63 25.44
CA PHE A 250 9.79 -11.36 24.50
C PHE A 250 9.45 -9.86 24.60
N ILE A 251 10.32 -9.01 24.05
CA ILE A 251 10.22 -7.53 24.26
C ILE A 251 9.29 -6.92 23.19
N LEU A 252 9.51 -7.24 21.93
CA LEU A 252 8.69 -6.67 20.84
C LEU A 252 7.60 -7.69 20.46
N GLY A 253 6.50 -7.24 19.89
CA GLY A 253 5.45 -8.21 19.56
C GLY A 253 4.40 -7.55 18.70
N GLY A 254 3.24 -8.19 18.60
CA GLY A 254 2.20 -7.83 17.65
C GLY A 254 2.75 -7.92 16.23
N PRO A 255 2.49 -6.90 15.39
CA PRO A 255 2.87 -7.01 13.98
C PRO A 255 4.39 -6.89 13.74
N MET A 256 5.14 -6.41 14.73
CA MET A 256 6.57 -6.04 14.57
C MET A 256 7.31 -7.31 14.15
N GLY A 257 8.05 -7.21 13.04
CA GLY A 257 8.88 -8.30 12.48
C GLY A 257 8.03 -9.52 12.16
N ASP A 258 6.73 -9.32 11.90
CA ASP A 258 5.79 -10.45 11.77
C ASP A 258 4.76 -10.04 10.71
N ALA A 259 3.67 -10.80 10.63
CA ALA A 259 2.48 -10.40 9.89
C ALA A 259 1.29 -11.12 10.49
N GLY A 260 0.16 -10.45 10.44
CA GLY A 260 -1.13 -10.97 10.87
C GLY A 260 -2.13 -10.76 9.78
N LEU A 261 -3.13 -11.64 9.74
CA LEU A 261 -4.22 -11.56 8.76
C LEU A 261 -5.51 -11.96 9.46
N THR A 262 -6.63 -11.36 9.06
CA THR A 262 -8.00 -11.79 9.49
C THR A 262 -8.20 -13.28 9.15
N GLY A 263 -8.77 -14.06 10.06
CA GLY A 263 -9.23 -15.42 9.73
C GLY A 263 -8.10 -16.43 9.71
N ARG A 264 -7.04 -16.19 10.47
CA ARG A 264 -5.89 -17.10 10.62
C ARG A 264 -5.84 -17.72 12.03
N LYS A 265 -6.91 -17.60 12.82
CA LYS A 265 -6.98 -18.26 14.16
C LYS A 265 -8.32 -18.94 14.26
N ILE A 266 -8.72 -19.68 13.23
CA ILE A 266 -10.13 -20.15 13.16
C ILE A 266 -10.34 -21.32 14.14
N ILE A 267 -9.29 -21.99 14.60
CA ILE A 267 -9.41 -23.09 15.57
C ILE A 267 -9.42 -22.55 17.00
N VAL A 268 -8.62 -21.54 17.26
CA VAL A 268 -8.70 -20.75 18.52
C VAL A 268 -10.08 -20.13 18.67
N ASP A 269 -10.65 -19.68 17.56
CA ASP A 269 -11.98 -19.03 17.53
C ASP A 269 -13.10 -20.00 17.90
N THR A 270 -12.89 -21.31 17.71
CA THR A 270 -13.98 -22.32 17.79
C THR A 270 -13.76 -23.25 18.96
N TYR A 271 -13.19 -24.43 18.72
CA TYR A 271 -13.14 -25.48 19.76
C TYR A 271 -11.72 -25.98 20.00
N GLY A 272 -10.67 -25.32 19.47
CA GLY A 272 -9.27 -25.64 19.81
C GLY A 272 -8.85 -26.97 19.23
N GLY A 273 -9.51 -27.43 18.19
CA GLY A 273 -9.12 -28.66 17.49
C GLY A 273 -9.91 -29.87 17.99
N MET A 274 -10.76 -29.71 19.00
CA MET A 274 -11.58 -30.84 19.50
C MET A 274 -12.62 -31.23 18.47
N ALA A 275 -13.14 -30.23 17.76
CA ALA A 275 -14.24 -30.39 16.80
C ALA A 275 -13.67 -30.15 15.42
N ARG A 276 -14.26 -30.79 14.43
CA ARG A 276 -13.99 -30.51 13.03
C ARG A 276 -14.37 -29.08 12.66
N HIS A 277 -13.80 -28.57 11.59
CA HIS A 277 -14.01 -27.20 11.10
C HIS A 277 -14.17 -27.20 9.58
N GLY A 278 -15.05 -26.33 9.08
CA GLY A 278 -15.41 -26.22 7.65
C GLY A 278 -14.50 -25.29 6.89
N GLY A 279 -13.69 -24.46 7.57
CA GLY A 279 -12.66 -23.65 6.89
C GLY A 279 -12.94 -22.16 6.91
N GLY A 280 -14.18 -21.77 7.14
CA GLY A 280 -14.62 -20.38 6.99
C GLY A 280 -14.25 -19.57 8.21
N ALA A 281 -13.78 -18.34 7.98
CA ALA A 281 -13.46 -17.44 9.09
C ALA A 281 -14.69 -16.65 9.47
N PHE A 282 -14.67 -16.09 10.66
CA PHE A 282 -15.84 -15.35 11.20
C PHE A 282 -15.65 -13.83 11.03
N SER A 283 -14.49 -13.28 11.45
CA SER A 283 -14.38 -11.82 11.69
C SER A 283 -14.42 -11.06 10.36
N GLY A 284 -15.06 -9.91 10.35
CA GLY A 284 -15.14 -9.00 9.19
C GLY A 284 -16.28 -9.38 8.25
N LYS A 285 -17.10 -10.32 8.67
CA LYS A 285 -18.27 -10.82 7.91
C LYS A 285 -19.56 -10.45 8.66
N ASP A 286 -20.48 -9.81 7.95
CA ASP A 286 -21.84 -9.58 8.50
C ASP A 286 -22.58 -10.92 8.57
N PRO A 287 -23.70 -10.99 9.30
CA PRO A 287 -24.43 -12.25 9.45
C PRO A 287 -25.05 -12.95 8.21
N SER A 288 -25.18 -12.27 7.08
CA SER A 288 -25.61 -12.90 5.81
C SER A 288 -24.56 -13.92 5.34
N LYS A 289 -23.32 -13.86 5.86
CA LYS A 289 -22.28 -14.83 5.44
C LYS A 289 -22.56 -16.11 6.21
N VAL A 290 -22.94 -17.18 5.52
CA VAL A 290 -23.21 -18.47 6.22
C VAL A 290 -21.94 -18.97 6.93
N ASP A 291 -20.76 -18.62 6.43
CA ASP A 291 -19.52 -19.03 7.15
C ASP A 291 -19.63 -18.73 8.63
N ARG A 292 -20.20 -17.57 8.96
CA ARG A 292 -20.33 -17.11 10.34
C ARG A 292 -21.67 -17.59 10.89
N SER A 293 -22.79 -17.17 10.31
CA SER A 293 -24.12 -17.40 10.93
C SER A 293 -24.43 -18.90 11.05
N ALA A 294 -24.00 -19.74 10.11
CA ALA A 294 -24.38 -21.17 10.14
C ALA A 294 -23.48 -21.87 11.17
N ALA A 295 -22.24 -21.43 11.34
CA ALA A 295 -21.40 -21.94 12.44
C ALA A 295 -22.03 -21.62 13.81
N TYR A 296 -22.53 -20.41 13.98
CA TYR A 296 -23.27 -19.97 15.18
C TYR A 296 -24.52 -20.85 15.37
N ALA A 297 -25.26 -21.09 14.28
CA ALA A 297 -26.48 -21.94 14.33
C ALA A 297 -26.05 -23.34 14.74
N MET A 298 -24.90 -23.85 14.27
CA MET A 298 -24.49 -25.24 14.64
C MET A 298 -24.04 -25.31 16.11
N ARG A 299 -23.43 -24.28 16.68
CA ARG A 299 -23.15 -24.28 18.14
C ARG A 299 -24.51 -24.35 18.86
N TRP A 300 -25.45 -23.51 18.46
CA TRP A 300 -26.82 -23.42 19.07
C TRP A 300 -27.49 -24.80 19.05
N VAL A 301 -27.48 -25.48 17.90
CA VAL A 301 -28.01 -26.87 17.76
C VAL A 301 -27.28 -27.82 18.70
N ALA A 302 -25.96 -27.86 18.65
CA ALA A 302 -25.16 -28.84 19.40
C ALA A 302 -25.41 -28.65 20.88
N LYS A 303 -25.41 -27.40 21.37
CA LYS A 303 -25.55 -27.08 22.79
C LYS A 303 -26.94 -27.56 23.24
N ASN A 304 -27.97 -27.32 22.43
CA ASN A 304 -29.33 -27.77 22.79
C ASN A 304 -29.41 -29.30 22.79
N ILE A 305 -28.75 -30.00 21.87
CA ILE A 305 -28.72 -31.51 21.84
C ILE A 305 -28.17 -31.99 23.17
N VAL A 306 -27.08 -31.40 23.63
CA VAL A 306 -26.47 -31.83 24.90
C VAL A 306 -27.37 -31.39 26.06
N ALA A 307 -27.80 -30.13 26.12
CA ALA A 307 -28.59 -29.59 27.24
C ALA A 307 -29.94 -30.32 27.37
N ALA A 308 -30.47 -30.87 26.28
CA ALA A 308 -31.74 -31.65 26.27
C ALA A 308 -31.51 -33.10 26.73
N GLY A 309 -30.29 -33.43 27.11
CA GLY A 309 -29.92 -34.76 27.64
C GLY A 309 -29.97 -35.84 26.55
N LEU A 310 -29.67 -35.50 25.29
CA LEU A 310 -29.71 -36.49 24.18
C LEU A 310 -28.32 -37.08 23.90
N ALA A 311 -27.27 -36.51 24.51
CA ALA A 311 -25.85 -36.84 24.28
C ALA A 311 -25.00 -36.10 25.30
N ASP A 312 -23.80 -36.60 25.59
CA ASP A 312 -22.80 -35.89 26.41
C ASP A 312 -21.99 -34.98 25.47
N ARG A 313 -21.74 -35.39 24.25
CA ARG A 313 -20.97 -34.55 23.30
C ARG A 313 -21.69 -34.61 21.95
N ALA A 314 -21.71 -33.52 21.22
CA ALA A 314 -22.40 -33.50 19.93
C ALA A 314 -21.63 -32.56 19.00
N GLU A 315 -21.40 -33.04 17.79
CA GLU A 315 -20.82 -32.24 16.67
C GLU A 315 -21.80 -32.29 15.51
N VAL A 316 -22.09 -31.13 14.90
CA VAL A 316 -23.07 -31.09 13.79
C VAL A 316 -22.47 -30.31 12.64
N GLN A 317 -22.48 -30.92 11.45
CA GLN A 317 -22.11 -30.24 10.20
C GLN A 317 -23.38 -29.77 9.50
N VAL A 318 -23.34 -28.58 8.93
CA VAL A 318 -24.35 -28.12 7.95
C VAL A 318 -23.60 -27.63 6.68
N ALA A 319 -24.27 -27.66 5.53
CA ALA A 319 -23.66 -27.18 4.28
C ALA A 319 -24.72 -26.54 3.38
N TYR A 320 -24.29 -25.55 2.59
CA TYR A 320 -25.19 -24.75 1.71
C TYR A 320 -24.69 -24.78 0.27
N ALA A 321 -25.60 -24.49 -0.66
CA ALA A 321 -25.28 -24.16 -2.07
C ALA A 321 -25.69 -22.71 -2.30
N ILE A 322 -24.88 -21.98 -3.06
CA ILE A 322 -25.14 -20.55 -3.37
C ILE A 322 -26.50 -20.48 -4.07
N GLY A 323 -27.35 -19.51 -3.69
CA GLY A 323 -28.69 -19.33 -4.25
C GLY A 323 -29.76 -20.27 -3.73
N ARG A 324 -29.45 -21.17 -2.79
CA ARG A 324 -30.45 -22.09 -2.21
C ARG A 324 -30.60 -21.83 -0.69
N ALA A 325 -31.83 -21.73 -0.17
CA ALA A 325 -32.05 -21.38 1.26
C ALA A 325 -31.81 -22.61 2.15
N LYS A 326 -32.44 -23.74 1.81
CA LYS A 326 -32.33 -25.00 2.58
C LYS A 326 -30.92 -25.57 2.43
N PRO A 327 -30.26 -25.99 3.53
CA PRO A 327 -28.99 -26.73 3.44
C PRO A 327 -29.08 -27.92 2.49
N VAL A 328 -27.98 -28.19 1.80
CA VAL A 328 -27.80 -29.40 0.96
C VAL A 328 -27.36 -30.51 1.90
N GLY A 329 -26.92 -30.18 3.11
CA GLY A 329 -26.43 -31.24 4.01
C GLY A 329 -26.53 -30.90 5.46
N LEU A 330 -26.66 -31.96 6.28
CA LEU A 330 -26.67 -31.91 7.77
C LEU A 330 -26.16 -33.26 8.30
N TYR A 331 -25.31 -33.19 9.28
CA TYR A 331 -24.61 -34.42 9.76
C TYR A 331 -24.44 -34.33 11.27
N VAL A 332 -25.24 -35.08 12.04
CA VAL A 332 -25.18 -35.14 13.54
C VAL A 332 -24.27 -36.31 13.96
N GLU A 333 -23.33 -36.05 14.86
CA GLU A 333 -22.43 -37.09 15.45
C GLU A 333 -22.46 -36.90 16.96
N THR A 334 -22.67 -37.95 17.77
CA THR A 334 -22.59 -37.78 19.25
C THR A 334 -21.59 -38.80 19.81
N PHE A 335 -20.77 -39.41 18.98
CA PHE A 335 -19.56 -40.19 19.38
C PHE A 335 -19.94 -41.32 20.35
N ASP A 336 -21.07 -41.98 20.11
CA ASP A 336 -21.61 -43.07 20.96
C ASP A 336 -21.95 -42.57 22.37
N THR A 337 -22.12 -41.25 22.61
CA THR A 337 -22.61 -40.71 23.90
C THR A 337 -24.12 -40.45 23.83
N ASN A 338 -24.79 -40.89 22.76
CA ASN A 338 -26.25 -40.72 22.58
C ASN A 338 -26.99 -41.39 23.77
N LYS A 339 -28.06 -40.76 24.19
CA LYS A 339 -28.86 -41.22 25.36
C LYS A 339 -30.24 -41.67 24.89
N GLU A 340 -31.01 -42.29 25.79
CA GLU A 340 -32.45 -42.62 25.58
C GLU A 340 -32.63 -43.60 24.42
N GLY A 341 -31.64 -44.45 24.13
CA GLY A 341 -31.64 -45.42 23.02
C GLY A 341 -31.80 -44.78 21.64
N LEU A 342 -31.58 -43.47 21.52
CA LEU A 342 -31.71 -42.72 20.25
C LEU A 342 -30.42 -42.84 19.44
N SER A 343 -30.54 -43.03 18.13
CA SER A 343 -29.39 -42.93 17.20
C SER A 343 -29.14 -41.49 16.77
N ASP A 344 -28.01 -41.26 16.10
CA ASP A 344 -27.70 -39.93 15.54
C ASP A 344 -28.70 -39.58 14.44
N GLU A 345 -29.20 -40.58 13.73
CA GLU A 345 -30.16 -40.39 12.62
C GLU A 345 -31.49 -39.91 13.23
N GLN A 346 -31.91 -40.46 14.38
CA GLN A 346 -33.16 -40.01 15.05
C GLN A 346 -32.99 -38.61 15.62
N ILE A 347 -31.82 -38.30 16.18
CA ILE A 347 -31.58 -36.97 16.78
C ILE A 347 -31.65 -35.95 15.66
N GLN A 348 -31.05 -36.25 14.51
CA GLN A 348 -31.02 -35.35 13.33
C GLN A 348 -32.45 -35.07 12.83
N ALA A 349 -33.31 -36.08 12.81
CA ALA A 349 -34.72 -35.88 12.37
C ALA A 349 -35.39 -34.86 13.29
N ALA A 350 -35.16 -34.93 14.61
CA ALA A 350 -35.68 -33.97 15.61
C ALA A 350 -35.10 -32.57 15.35
N VAL A 351 -33.80 -32.50 15.05
CA VAL A 351 -33.14 -31.19 14.74
C VAL A 351 -33.84 -30.57 13.54
N LEU A 352 -34.08 -31.36 12.49
CA LEU A 352 -34.73 -30.96 11.22
C LEU A 352 -36.17 -30.49 11.50
N GLU A 353 -36.87 -31.09 12.47
CA GLU A 353 -38.25 -30.65 12.83
C GLU A 353 -38.17 -29.30 13.56
N VAL A 354 -37.19 -29.13 14.47
CA VAL A 354 -37.16 -28.04 15.49
C VAL A 354 -36.45 -26.80 14.93
N PHE A 355 -35.34 -26.93 14.22
CA PHE A 355 -34.53 -25.78 13.74
C PHE A 355 -34.82 -25.43 12.29
N ASP A 356 -35.01 -24.14 12.00
CA ASP A 356 -35.08 -23.63 10.61
C ASP A 356 -33.69 -23.11 10.23
N LEU A 357 -32.95 -23.88 9.43
CA LEU A 357 -31.53 -23.60 9.09
C LEU A 357 -31.41 -22.83 7.78
N ARG A 358 -32.50 -22.23 7.29
CA ARG A 358 -32.36 -21.25 6.19
C ARG A 358 -31.67 -20.02 6.76
N PRO A 359 -30.69 -19.46 6.02
CA PRO A 359 -29.87 -18.38 6.57
C PRO A 359 -30.67 -17.19 7.11
N ALA A 360 -31.77 -16.81 6.42
CA ALA A 360 -32.60 -15.67 6.91
C ALA A 360 -33.26 -16.03 8.25
N ALA A 361 -33.68 -17.27 8.41
CA ALA A 361 -34.36 -17.75 9.64
C ALA A 361 -33.36 -17.80 10.79
N ILE A 362 -32.11 -18.19 10.53
CA ILE A 362 -31.02 -18.12 11.55
C ILE A 362 -30.83 -16.67 12.00
N ILE A 363 -30.73 -15.74 11.05
CA ILE A 363 -30.48 -14.32 11.37
C ILE A 363 -31.65 -13.78 12.20
N ARG A 364 -32.89 -14.14 11.86
CA ARG A 364 -34.08 -13.65 12.60
C ARG A 364 -34.17 -14.29 13.99
N GLU A 365 -34.09 -15.62 14.12
CA GLU A 365 -34.27 -16.32 15.42
C GLU A 365 -33.14 -15.93 16.38
N LEU A 366 -31.89 -15.79 15.89
CA LEU A 366 -30.77 -15.42 16.80
C LEU A 366 -30.57 -13.89 16.88
N ASP A 367 -31.38 -13.09 16.21
CA ASP A 367 -31.29 -11.59 16.31
C ASP A 367 -29.85 -11.15 16.06
N LEU A 368 -29.27 -11.55 14.94
CA LEU A 368 -27.83 -11.34 14.66
C LEU A 368 -27.55 -9.93 14.16
N LEU A 369 -28.53 -9.13 13.71
CA LEU A 369 -28.21 -7.82 13.06
C LEU A 369 -27.97 -6.76 14.13
N ARG A 370 -26.96 -6.99 14.99
CA ARG A 370 -26.61 -6.09 16.11
C ARG A 370 -25.09 -6.01 16.23
N PRO A 371 -24.54 -4.90 16.76
CA PRO A 371 -23.09 -4.75 16.90
C PRO A 371 -22.58 -5.48 18.14
N ILE A 372 -22.51 -6.81 18.04
CA ILE A 372 -22.11 -7.68 19.18
C ILE A 372 -20.82 -8.45 18.87
N TYR A 373 -20.17 -8.19 17.73
CA TYR A 373 -19.09 -9.07 17.24
C TYR A 373 -17.65 -8.72 17.66
N ALA A 374 -17.37 -7.46 17.95
CA ALA A 374 -16.00 -7.08 18.33
C ALA A 374 -15.61 -7.87 19.58
N ASP A 375 -16.55 -8.09 20.53
CA ASP A 375 -16.27 -8.90 21.73
C ASP A 375 -15.88 -10.35 21.37
N THR A 376 -16.33 -10.91 20.23
CA THR A 376 -16.05 -12.33 19.85
C THR A 376 -14.66 -12.50 19.25
N ALA A 377 -13.99 -11.40 18.91
CA ALA A 377 -12.80 -11.41 18.00
C ALA A 377 -11.53 -11.89 18.73
N ALA A 378 -11.53 -12.04 20.05
CA ALA A 378 -10.45 -12.68 20.82
C ALA A 378 -11.12 -13.45 21.96
N TYR A 379 -10.50 -14.56 22.38
CA TYR A 379 -10.86 -15.39 23.56
C TYR A 379 -12.02 -16.32 23.21
N GLY A 380 -12.34 -16.46 21.93
CA GLY A 380 -13.30 -17.48 21.43
C GLY A 380 -14.70 -16.94 21.18
N HIS A 381 -15.37 -17.52 20.20
CA HIS A 381 -16.76 -17.15 19.86
C HIS A 381 -17.76 -17.95 20.72
N PHE A 382 -17.33 -19.03 21.35
CA PHE A 382 -18.26 -19.96 22.03
C PHE A 382 -17.88 -20.17 23.51
N GLY A 383 -18.90 -20.42 24.33
CA GLY A 383 -18.74 -20.73 25.76
C GLY A 383 -18.23 -19.54 26.56
N ARG A 384 -18.58 -18.33 26.14
CA ARG A 384 -18.25 -17.01 26.75
C ARG A 384 -19.30 -16.60 27.78
N THR A 385 -19.02 -16.94 29.03
CA THR A 385 -19.87 -16.60 30.21
C THR A 385 -19.70 -15.12 30.56
N ASP A 386 -18.70 -14.41 30.00
CA ASP A 386 -18.60 -12.93 30.13
C ASP A 386 -19.56 -12.22 29.16
N LEU A 387 -20.13 -12.90 28.19
CA LEU A 387 -20.92 -12.24 27.12
C LEU A 387 -22.33 -12.81 27.13
N ASP A 388 -23.27 -12.17 26.44
CA ASP A 388 -24.66 -12.71 26.35
C ASP A 388 -24.94 -13.07 24.89
N LEU A 389 -24.33 -14.12 24.35
CA LEU A 389 -24.41 -14.34 22.89
C LEU A 389 -25.63 -15.22 22.59
N PRO A 390 -26.42 -14.93 21.53
CA PRO A 390 -27.70 -15.60 21.29
C PRO A 390 -27.57 -17.09 20.92
N TRP A 391 -26.42 -17.47 20.34
CA TRP A 391 -26.18 -18.87 19.88
C TRP A 391 -25.84 -19.73 21.09
N GLU A 392 -25.72 -19.14 22.28
CA GLU A 392 -25.41 -19.86 23.53
C GLU A 392 -26.72 -20.15 24.26
N ALA A 393 -27.87 -19.75 23.70
CA ALA A 393 -29.18 -19.97 24.39
C ALA A 393 -29.59 -21.46 24.38
N ILE A 394 -30.00 -22.03 25.52
CA ILE A 394 -30.42 -23.48 25.55
C ILE A 394 -31.96 -23.52 25.63
N ASP A 395 -32.56 -22.73 24.77
CA ASP A 395 -34.02 -22.41 24.70
C ASP A 395 -34.75 -23.31 23.70
N ARG A 396 -34.11 -24.38 23.18
CA ARG A 396 -34.76 -25.32 22.23
C ARG A 396 -34.81 -26.73 22.84
N VAL A 397 -34.46 -26.86 24.12
CA VAL A 397 -34.41 -28.14 24.89
C VAL A 397 -35.82 -28.78 24.89
N ASP A 398 -36.84 -28.00 25.25
CA ASP A 398 -38.25 -28.47 25.38
C ASP A 398 -38.76 -28.95 24.03
N GLU A 399 -38.48 -28.23 22.94
CA GLU A 399 -38.96 -28.58 21.59
C GLU A 399 -38.29 -29.87 21.11
N LEU A 400 -36.97 -30.04 21.34
CA LEU A 400 -36.25 -31.24 20.87
C LEU A 400 -36.83 -32.48 21.58
N ARG A 401 -37.00 -32.39 22.90
CA ARG A 401 -37.48 -33.53 23.74
C ARG A 401 -38.90 -33.92 23.28
N ALA A 402 -39.73 -32.93 22.98
CA ALA A 402 -41.14 -33.13 22.52
C ALA A 402 -41.14 -33.80 21.14
N ALA A 403 -40.20 -33.44 20.26
CA ALA A 403 -40.09 -34.01 18.89
C ALA A 403 -39.70 -35.48 18.98
N LEU A 404 -39.04 -35.88 20.07
CA LEU A 404 -38.60 -37.26 20.33
C LEU A 404 -39.53 -37.94 21.33
N LYS A 405 -40.62 -37.29 21.73
CA LYS A 405 -41.61 -37.94 22.63
C LYS A 405 -40.94 -38.33 23.96
N LEU A 406 -39.98 -37.52 24.41
CA LEU A 406 -39.36 -37.73 25.73
C LEU A 406 -40.07 -36.80 26.72
N ALA A 407 -39.98 -37.11 28.02
CA ALA A 407 -40.58 -36.22 29.03
C ALA A 407 -39.74 -34.94 29.17
N GLN B 3 -39.01 -43.58 16.89
CA GLN B 3 -38.86 -42.15 16.47
C GLN B 3 -38.32 -42.08 15.03
N PRO B 4 -38.70 -41.06 14.25
CA PRO B 4 -38.25 -40.92 12.86
C PRO B 4 -36.73 -40.76 12.70
N THR B 5 -36.20 -41.18 11.55
CA THR B 5 -34.75 -41.08 11.25
C THR B 5 -34.58 -40.17 10.02
N ALA B 6 -33.45 -39.47 9.98
CA ALA B 6 -33.03 -38.64 8.85
C ALA B 6 -31.77 -39.30 8.31
N VAL B 7 -31.45 -39.11 7.05
CA VAL B 7 -30.18 -39.61 6.47
C VAL B 7 -29.10 -38.53 6.70
N ARG B 8 -27.95 -38.97 7.22
CA ARG B 8 -26.80 -38.06 7.49
C ARG B 8 -26.12 -37.76 6.17
N LEU B 9 -25.87 -36.47 5.93
CA LEU B 9 -25.27 -35.97 4.68
C LEU B 9 -24.02 -35.16 5.07
N PHE B 10 -22.88 -35.67 4.66
CA PHE B 10 -21.55 -35.03 4.87
C PHE B 10 -21.06 -34.33 3.59
N THR B 11 -20.56 -33.11 3.75
CA THR B 11 -20.09 -32.26 2.63
C THR B 11 -18.59 -31.92 2.73
N SER B 12 -17.93 -31.84 1.59
CA SER B 12 -16.59 -31.22 1.45
C SER B 12 -16.58 -30.30 0.23
N GLU B 13 -15.64 -29.39 0.19
CA GLU B 13 -15.53 -28.49 -0.97
C GLU B 13 -14.07 -28.39 -1.41
N SER B 14 -13.89 -27.96 -2.66
CA SER B 14 -12.59 -27.52 -3.20
C SER B 14 -12.76 -26.26 -4.04
N VAL B 15 -11.64 -25.66 -4.42
CA VAL B 15 -11.64 -24.44 -5.27
C VAL B 15 -10.58 -24.58 -6.33
N THR B 16 -10.75 -23.89 -7.45
CA THR B 16 -9.74 -23.87 -8.51
C THR B 16 -8.59 -23.00 -8.02
N GLU B 17 -7.51 -23.06 -8.76
CA GLU B 17 -6.30 -22.22 -8.61
C GLU B 17 -6.66 -20.74 -8.87
N GLY B 18 -7.79 -20.43 -9.50
CA GLY B 18 -8.23 -19.04 -9.77
C GLY B 18 -9.03 -18.40 -8.66
N HIS B 19 -9.37 -19.16 -7.62
CA HIS B 19 -10.10 -18.62 -6.46
C HIS B 19 -9.13 -17.67 -5.75
N PRO B 20 -9.56 -16.47 -5.35
CA PRO B 20 -8.62 -15.47 -4.82
C PRO B 20 -7.75 -15.93 -3.65
N ASP B 21 -8.33 -16.70 -2.74
CA ASP B 21 -7.53 -17.26 -1.60
C ASP B 21 -6.47 -18.24 -2.12
N LYS B 22 -6.84 -19.03 -3.12
CA LYS B 22 -5.84 -19.97 -3.68
C LYS B 22 -4.81 -19.23 -4.55
N ILE B 23 -5.17 -18.12 -5.18
CA ILE B 23 -4.17 -17.25 -5.82
C ILE B 23 -3.10 -16.87 -4.80
N CYS B 24 -3.53 -16.48 -3.62
CA CYS B 24 -2.62 -16.04 -2.54
C CYS B 24 -1.72 -17.22 -2.09
N ASP B 25 -2.26 -18.39 -1.81
CA ASP B 25 -1.47 -19.58 -1.41
C ASP B 25 -0.40 -19.87 -2.48
N ALA B 26 -0.80 -19.84 -3.75
CA ALA B 26 0.12 -20.11 -4.87
C ALA B 26 1.21 -19.07 -5.00
N ILE B 27 0.89 -17.78 -4.93
CA ILE B 27 1.89 -16.71 -4.95
C ILE B 27 2.87 -16.92 -3.79
N SER B 28 2.38 -17.21 -2.59
CA SER B 28 3.23 -17.36 -1.38
C SER B 28 4.21 -18.52 -1.58
N ASP B 29 3.73 -19.63 -2.14
CA ASP B 29 4.51 -20.87 -2.31
C ASP B 29 5.41 -20.78 -3.57
N THR B 30 5.02 -19.98 -4.55
CA THR B 30 5.89 -19.67 -5.72
C THR B 30 7.11 -18.88 -5.23
N ILE B 31 6.94 -17.93 -4.31
CA ILE B 31 8.09 -17.16 -3.76
C ILE B 31 8.94 -18.12 -2.93
N LEU B 32 8.30 -18.91 -2.08
CA LEU B 32 8.99 -19.95 -1.29
C LEU B 32 9.85 -20.83 -2.22
N ASP B 33 9.27 -21.38 -3.27
CA ASP B 33 10.03 -22.31 -4.15
C ASP B 33 11.23 -21.61 -4.82
N ALA B 34 11.05 -20.36 -5.25
CA ALA B 34 12.08 -19.56 -5.95
C ALA B 34 13.25 -19.37 -4.98
N LEU B 35 12.96 -19.21 -3.69
CA LEU B 35 14.01 -18.97 -2.68
C LEU B 35 14.70 -20.32 -2.36
N LEU B 36 13.95 -21.39 -2.22
CA LEU B 36 14.51 -22.72 -1.90
C LEU B 36 15.39 -23.23 -3.03
N GLU B 37 15.04 -22.89 -4.28
CA GLU B 37 15.82 -23.30 -5.48
C GLU B 37 17.25 -22.78 -5.36
N LYS B 38 17.41 -21.55 -4.88
CA LYS B 38 18.73 -20.87 -4.78
C LYS B 38 19.33 -21.06 -3.39
N ASP B 39 18.52 -21.18 -2.34
CA ASP B 39 19.00 -21.29 -0.94
C ASP B 39 18.08 -22.23 -0.18
N PRO B 40 18.43 -23.53 -0.13
CA PRO B 40 17.65 -24.50 0.61
C PRO B 40 17.37 -24.19 2.09
N GLN B 41 18.24 -23.38 2.70
CA GLN B 41 18.17 -23.04 4.15
C GLN B 41 17.30 -21.77 4.31
N SER B 42 16.65 -21.28 3.26
CA SER B 42 15.90 -20.00 3.35
C SER B 42 14.84 -20.15 4.44
N ARG B 43 14.71 -19.15 5.33
CA ARG B 43 13.54 -19.01 6.26
C ARG B 43 12.53 -18.09 5.58
N VAL B 44 11.26 -18.48 5.52
CA VAL B 44 10.24 -17.77 4.69
C VAL B 44 8.95 -17.71 5.49
N ALA B 45 8.37 -16.52 5.63
CA ALA B 45 7.04 -16.35 6.26
C ALA B 45 6.34 -15.26 5.47
N VAL B 46 5.84 -15.63 4.30
CA VAL B 46 5.32 -14.64 3.33
C VAL B 46 3.83 -14.88 3.16
N GLU B 47 3.07 -13.81 3.33
CA GLU B 47 1.60 -13.78 3.17
C GLU B 47 1.24 -12.89 2.01
N THR B 48 0.26 -13.31 1.23
CA THR B 48 -0.19 -12.57 0.05
C THR B 48 -1.62 -12.13 0.32
N VAL B 49 -1.94 -10.91 -0.09
CA VAL B 49 -3.31 -10.34 -0.06
C VAL B 49 -3.64 -9.87 -1.48
N VAL B 50 -4.82 -10.21 -1.97
CA VAL B 50 -5.28 -9.70 -3.28
C VAL B 50 -6.66 -9.05 -3.10
N THR B 51 -6.89 -7.97 -3.83
CA THR B 51 -8.23 -7.37 -3.93
C THR B 51 -8.25 -6.70 -5.29
N THR B 52 -9.30 -5.94 -5.59
CA THR B 52 -9.37 -5.28 -6.92
C THR B 52 -8.01 -4.66 -7.30
N GLY B 53 -7.38 -5.14 -8.37
CA GLY B 53 -6.24 -4.48 -9.01
C GLY B 53 -4.92 -4.61 -8.28
N ILE B 54 -4.88 -5.23 -7.10
CA ILE B 54 -3.61 -5.23 -6.31
C ILE B 54 -3.24 -6.60 -5.75
N VAL B 55 -1.94 -6.87 -5.76
CA VAL B 55 -1.31 -7.96 -4.98
C VAL B 55 -0.42 -7.27 -3.95
N HIS B 56 -0.58 -7.57 -2.67
CA HIS B 56 0.32 -7.07 -1.59
C HIS B 56 0.97 -8.30 -0.95
N VAL B 57 2.28 -8.44 -1.09
CA VAL B 57 3.06 -9.51 -0.42
C VAL B 57 3.73 -8.93 0.84
N VAL B 58 3.51 -9.58 1.99
CA VAL B 58 4.01 -9.08 3.31
C VAL B 58 4.70 -10.24 4.05
N GLY B 59 5.59 -9.87 4.96
CA GLY B 59 6.19 -10.84 5.89
C GLY B 59 7.68 -10.63 5.98
N GLU B 60 8.40 -11.74 6.07
CA GLU B 60 9.81 -11.79 6.48
C GLU B 60 10.48 -12.99 5.81
N VAL B 61 11.72 -12.78 5.37
CA VAL B 61 12.54 -13.85 4.71
C VAL B 61 13.94 -13.72 5.29
N ARG B 62 14.60 -14.84 5.50
CA ARG B 62 16.03 -14.84 5.86
C ARG B 62 16.71 -15.73 4.84
N THR B 63 17.36 -15.15 3.83
CA THR B 63 17.84 -15.92 2.68
C THR B 63 19.10 -15.28 2.11
N SER B 64 19.92 -16.11 1.47
CA SER B 64 21.08 -15.64 0.70
C SER B 64 20.66 -15.46 -0.76
N ALA B 65 19.45 -15.91 -1.13
CA ALA B 65 18.98 -15.94 -2.53
C ALA B 65 18.45 -14.57 -2.96
N TYR B 66 18.74 -14.17 -4.21
CA TYR B 66 18.08 -13.03 -4.89
C TYR B 66 16.96 -13.58 -5.77
N VAL B 67 15.71 -13.22 -5.50
CA VAL B 67 14.55 -13.55 -6.40
C VAL B 67 13.80 -12.25 -6.66
N ALA B 68 13.36 -12.08 -7.90
CA ALA B 68 12.57 -10.92 -8.38
C ALA B 68 11.08 -11.20 -8.16
N ILE B 69 10.55 -10.71 -7.04
CA ILE B 69 9.19 -11.08 -6.58
C ILE B 69 8.15 -10.51 -7.55
N PRO B 70 8.21 -9.24 -8.02
CA PRO B 70 7.14 -8.70 -8.85
C PRO B 70 6.95 -9.57 -10.11
N GLN B 71 8.04 -9.97 -10.77
CA GLN B 71 7.94 -10.81 -12.00
C GLN B 71 7.31 -12.16 -11.65
N LEU B 72 7.73 -12.80 -10.56
CA LEU B 72 7.21 -14.13 -10.16
C LEU B 72 5.70 -14.02 -9.99
N VAL B 73 5.24 -12.96 -9.33
CA VAL B 73 3.79 -12.72 -9.09
C VAL B 73 3.08 -12.57 -10.42
N ARG B 74 3.59 -11.70 -11.30
CA ARG B 74 2.93 -11.43 -12.60
C ARG B 74 2.83 -12.73 -13.38
N ASN B 75 3.91 -13.48 -13.45
CA ASN B 75 3.97 -14.71 -14.29
C ASN B 75 2.97 -15.73 -13.71
N LYS B 76 2.88 -15.81 -12.39
CA LYS B 76 1.98 -16.78 -11.74
C LYS B 76 0.52 -16.41 -12.07
N LEU B 77 0.13 -15.12 -12.06
CA LEU B 77 -1.28 -14.74 -12.35
C LEU B 77 -1.56 -15.12 -13.81
N ILE B 78 -0.59 -14.86 -14.68
CA ILE B 78 -0.78 -15.12 -16.13
C ILE B 78 -0.95 -16.64 -16.33
N GLU B 79 -0.18 -17.46 -15.62
CA GLU B 79 -0.34 -18.94 -15.73
C GLU B 79 -1.75 -19.37 -15.28
N ILE B 80 -2.23 -18.80 -14.19
CA ILE B 80 -3.58 -19.10 -13.65
C ILE B 80 -4.63 -18.74 -14.70
N GLY B 81 -4.38 -17.72 -15.52
CA GLY B 81 -5.31 -17.28 -16.58
C GLY B 81 -5.84 -15.88 -16.36
N PHE B 82 -5.35 -15.12 -15.35
CA PHE B 82 -5.77 -13.72 -15.14
C PHE B 82 -4.87 -12.82 -15.97
N ASN B 83 -5.29 -12.59 -17.22
CA ASN B 83 -4.42 -11.97 -18.24
C ASN B 83 -5.10 -10.78 -18.90
N SER B 84 -6.19 -10.27 -18.34
CA SER B 84 -6.96 -9.18 -18.97
C SER B 84 -7.90 -8.46 -17.98
N SER B 85 -8.07 -7.16 -18.11
CA SER B 85 -9.12 -6.44 -17.35
C SER B 85 -10.48 -7.09 -17.66
N GLU B 86 -10.65 -7.66 -18.86
CA GLU B 86 -11.95 -8.29 -19.25
C GLU B 86 -12.32 -9.41 -18.27
N VAL B 87 -11.37 -10.20 -17.82
CA VAL B 87 -11.71 -11.33 -16.92
C VAL B 87 -11.66 -10.84 -15.46
N GLY B 88 -11.27 -9.59 -15.24
CA GLY B 88 -11.38 -8.95 -13.90
C GLY B 88 -10.03 -8.78 -13.21
N PHE B 89 -8.92 -9.32 -13.76
CA PHE B 89 -7.56 -9.17 -13.18
C PHE B 89 -6.53 -9.50 -14.24
N ASP B 90 -5.44 -8.74 -14.28
CA ASP B 90 -4.36 -8.91 -15.29
C ASP B 90 -2.98 -8.90 -14.65
N GLY B 91 -2.27 -10.03 -14.67
CA GLY B 91 -0.92 -10.16 -14.11
C GLY B 91 0.01 -9.15 -14.74
N ARG B 92 -0.21 -8.81 -16.02
CA ARG B 92 0.72 -7.89 -16.73
C ARG B 92 0.57 -6.46 -16.22
N THR B 93 -0.63 -6.03 -15.79
CA THR B 93 -0.93 -4.58 -15.57
C THR B 93 -1.40 -4.30 -14.13
N CYS B 94 -1.52 -5.33 -13.29
CA CYS B 94 -2.02 -5.16 -11.90
C CYS B 94 -0.93 -4.56 -11.00
N GLY B 95 -1.40 -4.05 -9.86
CA GLY B 95 -0.51 -3.55 -8.81
C GLY B 95 0.24 -4.70 -8.17
N VAL B 96 1.53 -4.51 -7.90
CA VAL B 96 2.30 -5.43 -7.03
C VAL B 96 3.11 -4.60 -6.05
N SER B 97 2.82 -4.81 -4.77
CA SER B 97 3.46 -4.08 -3.65
C SER B 97 4.06 -5.13 -2.72
N VAL B 98 5.30 -4.91 -2.31
CA VAL B 98 6.07 -5.85 -1.48
C VAL B 98 6.51 -5.16 -0.18
N SER B 99 6.16 -5.76 0.97
CA SER B 99 6.52 -5.27 2.32
C SER B 99 7.14 -6.45 3.06
N ILE B 100 8.31 -6.87 2.59
CA ILE B 100 9.02 -8.03 3.20
C ILE B 100 10.28 -7.53 3.90
N GLY B 101 10.44 -7.89 5.20
CA GLY B 101 11.68 -7.61 5.94
C GLY B 101 12.70 -8.69 5.62
N GLU B 102 13.98 -8.31 5.49
CA GLU B 102 15.05 -9.26 5.10
C GLU B 102 16.08 -9.44 6.24
N GLN B 103 15.98 -8.63 7.28
CA GLN B 103 16.83 -8.77 8.49
C GLN B 103 16.09 -8.20 9.71
N SER B 104 16.52 -8.54 10.93
CA SER B 104 15.92 -7.94 12.16
C SER B 104 16.42 -6.50 12.30
N GLN B 105 17.74 -6.28 12.32
CA GLN B 105 18.32 -4.91 12.28
C GLN B 105 18.40 -4.17 13.64
N GLU B 106 17.82 -4.68 14.73
CA GLU B 106 17.93 -3.90 15.99
C GLU B 106 17.78 -4.82 17.20
N GLY B 132 9.93 -20.98 17.99
CA GLY B 132 8.88 -21.03 16.95
C GLY B 132 8.22 -22.39 16.85
N ASP B 133 8.82 -23.44 17.44
CA ASP B 133 8.24 -24.80 17.28
C ASP B 133 7.12 -24.95 18.31
N GLN B 134 5.89 -24.58 17.95
CA GLN B 134 4.78 -24.62 18.92
C GLN B 134 3.49 -24.93 18.17
N GLY B 135 2.45 -25.28 18.88
CA GLY B 135 1.10 -25.43 18.32
C GLY B 135 0.73 -26.88 18.09
N LEU B 136 -0.42 -27.10 17.48
CA LEU B 136 -0.96 -28.47 17.32
C LEU B 136 -1.19 -28.72 15.85
N MET B 137 -1.06 -29.95 15.40
CA MET B 137 -1.24 -30.32 13.97
C MET B 137 -1.88 -31.70 13.90
N PHE B 138 -2.73 -31.92 12.89
CA PHE B 138 -3.39 -33.22 12.64
C PHE B 138 -3.06 -33.77 11.26
N GLY B 139 -2.98 -35.09 11.23
CA GLY B 139 -2.90 -35.88 10.00
C GLY B 139 -3.99 -36.92 9.96
N TYR B 140 -4.29 -37.41 8.76
CA TYR B 140 -5.44 -38.30 8.55
C TYR B 140 -5.17 -39.19 7.34
N ALA B 141 -5.64 -40.43 7.41
CA ALA B 141 -5.72 -41.35 6.28
C ALA B 141 -6.88 -42.34 6.46
N THR B 142 -7.38 -42.85 5.34
CA THR B 142 -8.47 -43.85 5.31
C THR B 142 -8.26 -44.69 4.05
N ASN B 143 -8.57 -45.97 4.12
CA ASN B 143 -8.38 -46.85 2.94
C ASN B 143 -9.63 -46.88 2.06
N GLU B 144 -10.54 -45.90 2.18
CA GLU B 144 -11.80 -45.89 1.40
C GLU B 144 -11.46 -45.44 -0.03
N THR B 145 -10.30 -44.82 -0.27
CA THR B 145 -9.78 -44.50 -1.63
C THR B 145 -8.36 -45.00 -1.79
N GLU B 146 -7.93 -45.24 -3.03
CA GLU B 146 -6.59 -45.76 -3.29
C GLU B 146 -5.55 -44.74 -2.82
N GLU B 147 -5.91 -43.45 -2.82
CA GLU B 147 -4.93 -42.39 -2.41
C GLU B 147 -5.07 -42.12 -0.90
N TYR B 148 -5.86 -42.92 -0.19
CA TYR B 148 -5.95 -42.89 1.31
C TYR B 148 -6.57 -41.59 1.77
N MET B 149 -7.45 -41.01 0.95
CA MET B 149 -8.20 -39.78 1.31
C MET B 149 -9.68 -40.09 1.57
N PRO B 150 -10.38 -39.23 2.31
CA PRO B 150 -11.84 -39.30 2.40
C PRO B 150 -12.50 -39.07 1.03
N LEU B 151 -13.55 -39.82 0.73
CA LEU B 151 -14.25 -39.67 -0.58
C LEU B 151 -14.76 -38.26 -0.85
N PRO B 152 -15.38 -37.51 0.09
CA PRO B 152 -15.96 -36.22 -0.28
C PRO B 152 -14.89 -35.24 -0.76
N ILE B 153 -13.80 -35.12 0.00
CA ILE B 153 -12.71 -34.20 -0.42
C ILE B 153 -11.96 -34.76 -1.63
N ALA B 154 -11.78 -36.08 -1.75
CA ALA B 154 -11.12 -36.62 -2.95
C ALA B 154 -11.94 -36.26 -4.20
N LEU B 155 -13.27 -36.42 -4.14
CA LEU B 155 -14.16 -36.08 -5.27
C LEU B 155 -14.21 -34.56 -5.49
N ALA B 156 -14.25 -33.75 -4.43
CA ALA B 156 -14.31 -32.28 -4.60
C ALA B 156 -13.01 -31.81 -5.30
N HIS B 157 -11.83 -32.31 -4.89
CA HIS B 157 -10.55 -31.96 -5.55
C HIS B 157 -10.49 -32.47 -7.00
N ARG B 158 -11.01 -33.67 -7.28
CA ARG B 158 -11.03 -34.18 -8.67
C ARG B 158 -11.89 -33.23 -9.52
N LEU B 159 -12.99 -32.70 -9.00
CA LEU B 159 -13.88 -31.83 -9.79
C LEU B 159 -13.18 -30.49 -10.02
N SER B 160 -12.56 -29.89 -8.99
CA SER B 160 -11.96 -28.57 -9.18
C SER B 160 -10.74 -28.72 -10.11
N ARG B 161 -9.91 -29.77 -9.96
CA ARG B 161 -8.74 -29.99 -10.86
C ARG B 161 -9.27 -30.15 -12.30
N ARG B 162 -10.35 -30.95 -12.48
CA ARG B 162 -10.91 -31.23 -13.82
C ARG B 162 -11.54 -29.95 -14.39
N LEU B 163 -12.17 -29.11 -13.57
CA LEU B 163 -12.71 -27.80 -14.06
C LEU B 163 -11.58 -26.93 -14.63
N THR B 164 -10.45 -26.79 -13.95
CA THR B 164 -9.28 -26.05 -14.47
C THR B 164 -8.79 -26.72 -15.79
N GLN B 165 -8.66 -28.04 -15.77
CA GLN B 165 -8.11 -28.81 -16.92
C GLN B 165 -8.97 -28.55 -18.17
N VAL B 166 -10.30 -28.57 -18.05
CA VAL B 166 -11.15 -28.47 -19.27
C VAL B 166 -11.04 -27.05 -19.82
N ARG B 167 -10.75 -26.06 -18.96
CA ARG B 167 -10.48 -24.69 -19.43
C ARG B 167 -9.13 -24.64 -20.16
N LYS B 168 -8.03 -25.07 -19.52
CA LYS B 168 -6.67 -24.88 -20.07
C LYS B 168 -6.53 -25.70 -21.36
N GLU B 169 -7.19 -26.84 -21.42
CA GLU B 169 -7.13 -27.75 -22.61
C GLU B 169 -8.17 -27.30 -23.65
N GLY B 170 -9.10 -26.40 -23.33
CA GLY B 170 -10.17 -25.99 -24.25
C GLY B 170 -11.14 -27.14 -24.56
N ILE B 171 -11.30 -28.07 -23.66
CA ILE B 171 -12.36 -29.12 -23.70
C ILE B 171 -13.71 -28.47 -23.52
N VAL B 172 -13.81 -27.52 -22.60
CA VAL B 172 -15.01 -26.67 -22.48
C VAL B 172 -14.53 -25.25 -22.70
N PRO B 173 -15.01 -24.56 -23.76
CA PRO B 173 -14.60 -23.17 -24.01
C PRO B 173 -15.33 -22.15 -23.10
N HIS B 174 -14.89 -20.89 -23.16
CA HIS B 174 -15.60 -19.74 -22.53
C HIS B 174 -15.55 -19.82 -21.00
N LEU B 175 -14.64 -20.62 -20.42
CA LEU B 175 -14.46 -20.61 -18.94
C LEU B 175 -13.42 -19.58 -18.54
N ARG B 176 -13.54 -19.11 -17.30
CA ARG B 176 -12.56 -18.19 -16.65
C ARG B 176 -12.03 -18.88 -15.39
N PRO B 177 -10.91 -18.40 -14.79
CA PRO B 177 -10.21 -19.26 -13.82
C PRO B 177 -10.92 -19.52 -12.48
N ASP B 178 -11.75 -18.60 -12.01
CA ASP B 178 -12.32 -18.72 -10.63
C ASP B 178 -13.40 -19.80 -10.61
N GLY B 179 -13.36 -20.68 -9.63
CA GLY B 179 -14.42 -21.68 -9.48
C GLY B 179 -14.38 -22.37 -8.14
N LYS B 180 -15.51 -22.97 -7.77
CA LYS B 180 -15.66 -23.75 -6.52
C LYS B 180 -16.41 -25.04 -6.84
N THR B 181 -16.10 -26.10 -6.11
CA THR B 181 -16.83 -27.39 -6.25
C THR B 181 -17.26 -27.81 -4.84
N GLN B 182 -18.35 -28.53 -4.75
CA GLN B 182 -18.83 -29.05 -3.47
C GLN B 182 -19.54 -30.37 -3.70
N VAL B 183 -19.29 -31.31 -2.79
CA VAL B 183 -19.81 -32.67 -2.89
C VAL B 183 -20.42 -33.06 -1.53
N THR B 184 -21.63 -33.59 -1.59
CA THR B 184 -22.36 -34.09 -0.40
C THR B 184 -22.66 -35.56 -0.65
N PHE B 185 -22.24 -36.40 0.29
CA PHE B 185 -22.46 -37.87 0.33
C PHE B 185 -23.43 -38.19 1.46
N ALA B 186 -24.40 -39.07 1.18
CA ALA B 186 -25.12 -39.79 2.24
C ALA B 186 -24.14 -40.68 3.01
N TYR B 187 -24.28 -40.73 4.33
CA TYR B 187 -23.43 -41.58 5.20
C TYR B 187 -24.32 -42.63 5.86
N ASP B 188 -23.76 -43.78 6.22
CA ASP B 188 -24.51 -44.83 6.95
C ASP B 188 -24.38 -44.59 8.45
N ALA B 189 -25.03 -45.42 9.25
CA ALA B 189 -25.03 -45.28 10.72
C ALA B 189 -23.62 -45.49 11.30
N GLN B 190 -22.70 -46.10 10.55
CA GLN B 190 -21.33 -46.46 11.03
C GLN B 190 -20.33 -45.37 10.60
N ASP B 191 -20.82 -44.24 10.09
CA ASP B 191 -20.02 -43.02 9.74
C ASP B 191 -19.24 -43.26 8.45
N ARG B 192 -19.73 -44.16 7.58
CA ARG B 192 -19.09 -44.41 6.27
C ARG B 192 -19.94 -43.89 5.12
N PRO B 193 -19.28 -43.45 4.03
CA PRO B 193 -20.01 -42.95 2.87
C PRO B 193 -20.81 -44.09 2.22
N SER B 194 -22.05 -43.79 1.82
CA SER B 194 -22.96 -44.78 1.17
C SER B 194 -23.23 -44.40 -0.28
N HIS B 195 -23.42 -43.12 -0.61
CA HIS B 195 -23.72 -42.75 -2.02
C HIS B 195 -23.63 -41.23 -2.22
N LEU B 196 -23.28 -40.82 -3.44
CA LEU B 196 -23.23 -39.39 -3.81
C LEU B 196 -24.65 -38.83 -3.74
N ASP B 197 -24.86 -37.64 -3.18
CA ASP B 197 -26.19 -37.01 -3.04
C ASP B 197 -26.27 -35.75 -3.90
N THR B 198 -25.31 -34.82 -3.75
CA THR B 198 -25.36 -33.45 -4.30
C THR B 198 -23.98 -33.06 -4.81
N VAL B 199 -23.92 -32.54 -6.03
CA VAL B 199 -22.70 -31.94 -6.62
C VAL B 199 -23.03 -30.49 -6.96
N VAL B 200 -22.22 -29.54 -6.49
CA VAL B 200 -22.30 -28.09 -6.81
C VAL B 200 -21.02 -27.75 -7.56
N ILE B 201 -21.15 -27.14 -8.74
CA ILE B 201 -20.01 -26.48 -9.43
C ILE B 201 -20.43 -25.04 -9.73
N SER B 202 -19.63 -24.07 -9.30
CA SER B 202 -19.77 -22.63 -9.65
C SER B 202 -18.50 -22.24 -10.43
N THR B 203 -18.65 -21.81 -11.67
CA THR B 203 -17.46 -21.45 -12.49
C THR B 203 -17.65 -20.06 -13.07
N GLN B 204 -16.57 -19.31 -13.05
CA GLN B 204 -16.43 -18.04 -13.79
C GLN B 204 -16.46 -18.40 -15.29
N HIS B 205 -17.01 -17.52 -16.12
CA HIS B 205 -17.17 -17.77 -17.57
C HIS B 205 -17.31 -16.43 -18.32
N ASP B 206 -17.21 -16.51 -19.64
CA ASP B 206 -17.36 -15.38 -20.58
C ASP B 206 -18.85 -15.04 -20.66
N PRO B 207 -19.26 -13.79 -20.94
CA PRO B 207 -20.70 -13.48 -21.06
C PRO B 207 -21.36 -14.13 -22.28
N GLU B 208 -20.58 -14.68 -23.22
CA GLU B 208 -21.07 -15.39 -24.45
C GLU B 208 -21.93 -16.60 -24.06
N VAL B 209 -21.78 -17.15 -22.84
CA VAL B 209 -22.48 -18.42 -22.45
C VAL B 209 -23.27 -18.16 -21.16
N ASP B 210 -24.29 -18.98 -20.91
CA ASP B 210 -25.11 -18.86 -19.67
C ASP B 210 -25.18 -20.19 -18.92
N ARG B 211 -25.92 -20.19 -17.79
CA ARG B 211 -26.05 -21.31 -16.80
C ARG B 211 -26.44 -22.61 -17.51
N ALA B 212 -27.43 -22.57 -18.41
CA ALA B 212 -27.96 -23.77 -19.11
C ALA B 212 -26.84 -24.41 -19.94
N TRP B 213 -26.00 -23.58 -20.54
CA TRP B 213 -24.95 -24.06 -21.47
C TRP B 213 -23.87 -24.73 -20.62
N LEU B 214 -23.45 -24.03 -19.56
CA LEU B 214 -22.51 -24.55 -18.54
C LEU B 214 -23.07 -25.84 -17.94
N GLU B 215 -24.37 -25.96 -17.67
CA GLU B 215 -24.91 -27.21 -17.09
C GLU B 215 -24.63 -28.40 -18.01
N THR B 216 -24.94 -28.32 -19.30
CA THR B 216 -24.72 -29.45 -20.25
C THR B 216 -23.24 -29.79 -20.36
N GLN B 217 -22.40 -28.76 -20.55
CA GLN B 217 -20.94 -28.89 -20.75
C GLN B 217 -20.29 -29.48 -19.51
N LEU B 218 -20.62 -28.93 -18.34
CA LEU B 218 -19.94 -29.37 -17.10
C LEU B 218 -20.46 -30.75 -16.65
N ARG B 219 -21.75 -31.07 -16.84
CA ARG B 219 -22.25 -32.42 -16.46
C ARG B 219 -21.46 -33.46 -17.25
N GLU B 220 -21.22 -33.22 -18.53
CA GLU B 220 -20.56 -34.23 -19.41
C GLU B 220 -19.05 -34.26 -19.14
N HIS B 221 -18.40 -33.11 -19.28
CA HIS B 221 -16.93 -33.01 -19.40
C HIS B 221 -16.26 -32.93 -18.02
N VAL B 222 -16.99 -32.55 -16.99
CA VAL B 222 -16.44 -32.47 -15.62
C VAL B 222 -17.04 -33.57 -14.74
N ILE B 223 -18.35 -33.53 -14.45
CA ILE B 223 -18.94 -34.42 -13.42
C ILE B 223 -18.88 -35.87 -13.91
N ASP B 224 -19.47 -36.15 -15.07
CA ASP B 224 -19.54 -37.54 -15.58
C ASP B 224 -18.11 -38.10 -15.74
N TRP B 225 -17.21 -37.31 -16.32
CA TRP B 225 -15.80 -37.68 -16.65
C TRP B 225 -15.07 -38.05 -15.34
N VAL B 226 -15.22 -37.25 -14.29
CA VAL B 226 -14.56 -37.49 -12.99
C VAL B 226 -15.16 -38.74 -12.31
N ILE B 227 -16.48 -38.96 -12.40
CA ILE B 227 -17.08 -40.16 -11.73
C ILE B 227 -16.47 -41.42 -12.37
N LYS B 228 -16.26 -41.43 -13.68
CA LYS B 228 -15.61 -42.55 -14.43
C LYS B 228 -14.13 -42.59 -14.03
N ASP B 229 -13.43 -41.46 -14.14
CA ASP B 229 -11.99 -41.41 -13.81
C ASP B 229 -11.72 -41.91 -12.38
N ALA B 230 -12.62 -41.67 -11.43
CA ALA B 230 -12.45 -42.02 -10.00
C ALA B 230 -12.90 -43.47 -9.75
N GLY B 231 -13.61 -44.06 -10.72
CA GLY B 231 -14.25 -45.39 -10.59
C GLY B 231 -15.26 -45.45 -9.46
N ILE B 232 -16.14 -44.44 -9.29
CA ILE B 232 -17.19 -44.42 -8.23
C ILE B 232 -18.58 -44.48 -8.89
N GLU B 233 -18.71 -45.13 -10.05
CA GLU B 233 -20.01 -45.27 -10.75
C GLU B 233 -21.07 -45.83 -9.80
N ASP B 234 -20.69 -46.83 -9.01
CA ASP B 234 -21.62 -47.56 -8.10
C ASP B 234 -22.10 -46.63 -6.98
N LEU B 235 -21.36 -45.54 -6.70
CA LEU B 235 -21.80 -44.55 -5.69
C LEU B 235 -22.66 -43.45 -6.34
N ALA B 236 -22.77 -43.42 -7.68
CA ALA B 236 -23.39 -42.29 -8.44
C ALA B 236 -24.61 -42.76 -9.26
N THR B 237 -25.19 -43.91 -8.94
CA THR B 237 -26.43 -44.43 -9.56
C THR B 237 -27.63 -43.65 -9.01
N GLY B 238 -28.76 -43.70 -9.70
CA GLY B 238 -30.02 -43.08 -9.24
C GLY B 238 -30.00 -41.57 -9.33
N GLU B 239 -30.73 -40.91 -8.42
CA GLU B 239 -30.99 -39.45 -8.48
C GLU B 239 -29.80 -38.71 -7.84
N ILE B 240 -29.00 -37.99 -8.62
CA ILE B 240 -27.96 -37.07 -8.05
C ILE B 240 -28.43 -35.63 -8.25
N THR B 241 -28.47 -34.80 -7.20
CA THR B 241 -28.79 -33.37 -7.35
C THR B 241 -27.54 -32.67 -7.90
N VAL B 242 -27.61 -32.07 -9.09
CA VAL B 242 -26.51 -31.28 -9.71
C VAL B 242 -26.94 -29.82 -9.79
N LEU B 243 -26.17 -28.95 -9.15
CA LEU B 243 -26.36 -27.49 -9.10
C LEU B 243 -25.17 -26.82 -9.76
N ILE B 244 -25.32 -26.38 -11.02
CA ILE B 244 -24.27 -25.73 -11.83
C ILE B 244 -24.63 -24.25 -11.94
N ASN B 245 -23.73 -23.38 -11.49
CA ASN B 245 -23.94 -21.91 -11.39
C ASN B 245 -25.35 -21.67 -10.88
N PRO B 246 -25.70 -22.22 -9.70
CA PRO B 246 -27.08 -22.15 -9.23
C PRO B 246 -27.55 -20.71 -8.94
N SER B 247 -26.62 -19.77 -8.78
CA SER B 247 -26.97 -18.36 -8.45
C SER B 247 -26.82 -17.47 -9.67
N GLY B 248 -26.80 -18.06 -10.88
CA GLY B 248 -26.79 -17.33 -12.17
C GLY B 248 -25.39 -17.07 -12.70
N SER B 249 -25.20 -15.95 -13.42
CA SER B 249 -23.95 -15.70 -14.18
C SER B 249 -22.82 -15.35 -13.21
N PHE B 250 -21.60 -15.58 -13.66
CA PHE B 250 -20.34 -15.48 -12.87
C PHE B 250 -19.27 -15.07 -13.86
N ILE B 251 -19.36 -13.82 -14.28
CA ILE B 251 -18.51 -13.21 -15.33
C ILE B 251 -17.21 -12.67 -14.74
N LEU B 252 -17.31 -11.81 -13.74
CA LEU B 252 -16.12 -11.32 -13.03
C LEU B 252 -15.91 -12.26 -11.84
N GLY B 253 -14.66 -12.54 -11.55
CA GLY B 253 -14.22 -13.36 -10.43
C GLY B 253 -12.77 -13.04 -10.15
N GLY B 254 -12.07 -13.91 -9.43
CA GLY B 254 -10.77 -13.61 -8.83
C GLY B 254 -10.89 -12.48 -7.81
N PRO B 255 -9.81 -11.70 -7.61
CA PRO B 255 -9.81 -10.68 -6.56
C PRO B 255 -10.80 -9.52 -6.68
N MET B 256 -11.27 -9.20 -7.90
CA MET B 256 -12.21 -8.07 -8.16
C MET B 256 -13.52 -8.28 -7.40
N GLY B 257 -13.83 -7.45 -6.40
CA GLY B 257 -14.98 -7.62 -5.47
C GLY B 257 -14.97 -8.91 -4.65
N ASP B 258 -13.81 -9.57 -4.42
CA ASP B 258 -13.72 -10.81 -3.59
C ASP B 258 -12.29 -11.01 -3.06
N ALA B 259 -11.90 -10.23 -2.04
CA ALA B 259 -10.50 -10.24 -1.51
C ALA B 259 -10.08 -11.66 -1.12
N GLY B 260 -8.80 -11.94 -1.31
CA GLY B 260 -8.14 -13.22 -1.04
C GLY B 260 -6.96 -12.98 -0.10
N LEU B 261 -6.68 -13.94 0.78
CA LEU B 261 -5.51 -13.97 1.66
C LEU B 261 -4.92 -15.37 1.67
N THR B 262 -3.62 -15.46 1.91
CA THR B 262 -2.93 -16.75 2.15
C THR B 262 -3.54 -17.41 3.39
N GLY B 263 -3.74 -18.72 3.35
CA GLY B 263 -4.05 -19.54 4.53
C GLY B 263 -5.51 -19.40 4.95
N ARG B 264 -6.40 -19.12 4.01
CA ARG B 264 -7.87 -19.01 4.28
C ARG B 264 -8.61 -20.19 3.64
N LYS B 265 -7.88 -21.23 3.24
CA LYS B 265 -8.49 -22.44 2.64
C LYS B 265 -7.84 -23.65 3.28
N ILE B 266 -7.62 -23.61 4.61
CA ILE B 266 -6.78 -24.63 5.26
C ILE B 266 -7.54 -25.97 5.30
N ILE B 267 -8.87 -26.01 5.16
CA ILE B 267 -9.68 -27.27 5.22
C ILE B 267 -9.71 -27.90 3.80
N VAL B 268 -9.79 -27.06 2.76
CA VAL B 268 -9.56 -27.47 1.37
C VAL B 268 -8.15 -28.09 1.21
N ASP B 269 -7.16 -27.53 1.89
CA ASP B 269 -5.75 -27.93 1.73
C ASP B 269 -5.52 -29.32 2.31
N THR B 270 -6.38 -29.75 3.26
CA THR B 270 -6.12 -30.91 4.11
C THR B 270 -7.13 -32.01 3.78
N TYR B 271 -8.18 -32.18 4.55
CA TYR B 271 -9.07 -33.36 4.42
C TYR B 271 -10.54 -32.97 4.26
N GLY B 272 -10.82 -31.70 3.90
CA GLY B 272 -12.17 -31.20 3.59
C GLY B 272 -13.13 -31.28 4.76
N GLY B 273 -12.64 -31.31 6.00
CA GLY B 273 -13.53 -31.28 7.17
C GLY B 273 -13.76 -32.68 7.78
N MET B 274 -13.29 -33.73 7.11
CA MET B 274 -13.36 -35.11 7.64
C MET B 274 -12.47 -35.21 8.87
N ALA B 275 -11.32 -34.57 8.83
CA ALA B 275 -10.29 -34.60 9.89
C ALA B 275 -10.31 -33.29 10.65
N ARG B 276 -9.96 -33.34 11.92
CA ARG B 276 -9.75 -32.13 12.75
C ARG B 276 -8.51 -31.43 12.26
N HIS B 277 -8.38 -30.14 12.63
CA HIS B 277 -7.29 -29.25 12.18
C HIS B 277 -6.81 -28.45 13.36
N GLY B 278 -5.52 -28.14 13.35
CA GLY B 278 -4.84 -27.35 14.40
C GLY B 278 -4.83 -25.86 14.18
N GLY B 279 -5.19 -25.35 12.98
CA GLY B 279 -5.36 -23.91 12.71
C GLY B 279 -4.26 -23.33 11.83
N GLY B 280 -3.15 -24.05 11.73
CA GLY B 280 -1.95 -23.56 11.04
C GLY B 280 -2.08 -23.66 9.53
N ALA B 281 -1.75 -22.61 8.81
CA ALA B 281 -1.78 -22.58 7.33
C ALA B 281 -0.42 -23.07 6.84
N PHE B 282 -0.41 -23.59 5.61
CA PHE B 282 0.81 -24.17 5.02
C PHE B 282 1.57 -23.18 4.14
N SER B 283 0.87 -22.49 3.27
CA SER B 283 1.56 -21.76 2.18
C SER B 283 2.35 -20.55 2.70
N GLY B 284 3.45 -20.23 2.03
CA GLY B 284 4.34 -19.11 2.34
C GLY B 284 5.24 -19.43 3.50
N LYS B 285 5.19 -20.67 4.01
CA LYS B 285 6.03 -21.10 5.16
C LYS B 285 7.09 -22.09 4.71
N ASP B 286 8.35 -21.84 5.04
CA ASP B 286 9.42 -22.84 4.77
C ASP B 286 9.17 -24.08 5.62
N PRO B 287 9.75 -25.25 5.26
CA PRO B 287 9.75 -26.46 6.11
C PRO B 287 10.21 -26.43 7.58
N SER B 288 10.96 -25.44 8.07
CA SER B 288 11.30 -25.24 9.51
C SER B 288 10.02 -24.90 10.33
N LYS B 289 8.92 -24.62 9.68
CA LYS B 289 7.72 -24.20 10.43
C LYS B 289 6.91 -25.49 10.68
N VAL B 290 6.73 -25.90 11.94
CA VAL B 290 5.94 -27.13 12.24
C VAL B 290 4.52 -27.03 11.71
N ASP B 291 3.92 -25.83 11.55
CA ASP B 291 2.55 -25.75 11.00
C ASP B 291 2.50 -26.54 9.69
N ARG B 292 3.63 -26.54 8.97
CA ARG B 292 3.76 -27.30 7.71
C ARG B 292 4.41 -28.66 7.97
N SER B 293 5.64 -28.72 8.41
CA SER B 293 6.41 -29.98 8.52
C SER B 293 5.70 -31.03 9.40
N ALA B 294 5.12 -30.63 10.54
CA ALA B 294 4.50 -31.57 11.50
C ALA B 294 3.15 -32.08 10.96
N ALA B 295 2.40 -31.27 10.25
CA ALA B 295 1.16 -31.71 9.58
C ALA B 295 1.49 -32.71 8.47
N TYR B 296 2.53 -32.45 7.70
CA TYR B 296 3.04 -33.42 6.72
C TYR B 296 3.48 -34.70 7.41
N ALA B 297 4.19 -34.62 8.54
CA ALA B 297 4.66 -35.81 9.28
C ALA B 297 3.43 -36.63 9.74
N MET B 298 2.34 -35.93 10.11
CA MET B 298 1.15 -36.64 10.69
C MET B 298 0.37 -37.30 9.55
N ARG B 299 0.38 -36.73 8.35
CA ARG B 299 -0.18 -37.41 7.18
C ARG B 299 0.63 -38.67 6.96
N TRP B 300 1.95 -38.56 7.06
CA TRP B 300 2.88 -39.70 6.83
C TRP B 300 2.62 -40.79 7.86
N VAL B 301 2.49 -40.42 9.12
CA VAL B 301 2.19 -41.39 10.21
C VAL B 301 0.81 -42.03 9.96
N ALA B 302 -0.22 -41.25 9.67
CA ALA B 302 -1.60 -41.76 9.55
C ALA B 302 -1.67 -42.73 8.38
N LYS B 303 -1.01 -42.37 7.28
CA LYS B 303 -1.10 -43.18 6.06
C LYS B 303 -0.38 -44.51 6.35
N ASN B 304 0.75 -44.49 7.04
CA ASN B 304 1.48 -45.75 7.37
C ASN B 304 0.67 -46.61 8.35
N ILE B 305 -0.01 -46.03 9.31
CA ILE B 305 -0.87 -46.81 10.27
C ILE B 305 -1.90 -47.59 9.42
N VAL B 306 -2.52 -46.94 8.45
CA VAL B 306 -3.63 -47.58 7.68
C VAL B 306 -3.00 -48.57 6.68
N ALA B 307 -1.94 -48.19 5.99
CA ALA B 307 -1.22 -49.10 5.05
C ALA B 307 -0.67 -50.33 5.78
N ALA B 308 -0.37 -50.23 7.06
CA ALA B 308 0.20 -51.35 7.87
C ALA B 308 -0.93 -52.26 8.38
N GLY B 309 -2.18 -52.01 8.00
CA GLY B 309 -3.38 -52.81 8.36
C GLY B 309 -3.66 -52.78 9.84
N LEU B 310 -3.36 -51.65 10.50
CA LEU B 310 -3.64 -51.45 11.95
C LEU B 310 -5.04 -50.86 12.16
N ALA B 311 -5.64 -50.25 11.14
CA ALA B 311 -6.89 -49.47 11.18
C ALA B 311 -7.36 -49.18 9.74
N ASP B 312 -8.66 -49.06 9.52
CA ASP B 312 -9.22 -48.54 8.24
C ASP B 312 -9.05 -47.03 8.15
N ARG B 313 -9.14 -46.33 9.28
CA ARG B 313 -9.10 -44.85 9.30
C ARG B 313 -8.29 -44.42 10.51
N ALA B 314 -7.43 -43.43 10.36
CA ALA B 314 -6.57 -42.97 11.48
C ALA B 314 -6.43 -41.46 11.43
N GLU B 315 -6.53 -40.81 12.59
CA GLU B 315 -6.30 -39.35 12.77
C GLU B 315 -5.28 -39.20 13.89
N VAL B 316 -4.23 -38.41 13.67
CA VAL B 316 -3.16 -38.27 14.70
C VAL B 316 -2.94 -36.78 14.92
N GLN B 317 -2.99 -36.36 16.19
CA GLN B 317 -2.62 -34.98 16.55
C GLN B 317 -1.18 -35.07 17.04
N VAL B 318 -0.39 -34.06 16.71
CA VAL B 318 0.90 -33.80 17.38
C VAL B 318 0.88 -32.37 17.90
N ALA B 319 1.70 -32.12 18.90
CA ALA B 319 1.86 -30.76 19.43
C ALA B 319 3.27 -30.56 19.97
N TYR B 320 3.73 -29.31 19.87
CA TYR B 320 5.11 -28.91 20.28
C TYR B 320 5.04 -27.80 21.31
N ALA B 321 6.02 -27.83 22.24
CA ALA B 321 6.26 -26.80 23.26
C ALA B 321 7.57 -26.11 22.88
N ILE B 322 7.53 -24.79 22.77
CA ILE B 322 8.74 -23.97 22.49
C ILE B 322 9.92 -24.51 23.32
N GLY B 323 11.08 -24.66 22.65
CA GLY B 323 12.39 -25.02 23.24
C GLY B 323 12.59 -26.51 23.41
N ARG B 324 11.54 -27.31 23.20
CA ARG B 324 11.63 -28.79 23.32
C ARG B 324 11.57 -29.40 21.92
N ALA B 325 12.54 -30.24 21.59
CA ALA B 325 12.59 -30.82 20.23
C ALA B 325 11.47 -31.83 20.10
N LYS B 326 11.41 -32.82 21.00
CA LYS B 326 10.36 -33.87 20.90
C LYS B 326 9.00 -33.25 21.20
N PRO B 327 7.94 -33.74 20.53
CA PRO B 327 6.59 -33.25 20.81
C PRO B 327 6.18 -33.40 22.27
N VAL B 328 5.42 -32.41 22.73
CA VAL B 328 4.80 -32.43 24.09
C VAL B 328 3.51 -33.24 24.05
N GLY B 329 2.97 -33.52 22.87
CA GLY B 329 1.68 -34.20 22.75
C GLY B 329 1.62 -35.04 21.49
N LEU B 330 0.98 -36.19 21.61
CA LEU B 330 0.64 -37.04 20.45
C LEU B 330 -0.64 -37.74 20.79
N TYR B 331 -1.53 -37.89 19.82
CA TYR B 331 -2.89 -38.43 20.07
C TYR B 331 -3.36 -39.18 18.83
N VAL B 332 -3.39 -40.52 18.92
CA VAL B 332 -3.86 -41.42 17.83
C VAL B 332 -5.34 -41.76 18.05
N GLU B 333 -6.16 -41.66 17.00
CA GLU B 333 -7.60 -42.00 17.09
C GLU B 333 -7.88 -42.83 15.85
N THR B 334 -8.46 -44.01 16.00
CA THR B 334 -8.85 -44.82 14.80
C THR B 334 -10.35 -45.11 14.77
N PHE B 335 -11.16 -44.45 15.60
CA PHE B 335 -12.64 -44.38 15.43
C PHE B 335 -13.22 -45.79 15.40
N ASP B 336 -12.68 -46.66 16.27
CA ASP B 336 -13.06 -48.07 16.48
C ASP B 336 -12.83 -48.87 15.18
N THR B 337 -11.95 -48.43 14.28
CA THR B 337 -11.57 -49.20 13.06
C THR B 337 -10.32 -50.03 13.27
N ASN B 338 -9.80 -50.06 14.50
CA ASN B 338 -8.64 -50.86 14.96
C ASN B 338 -8.71 -52.28 14.43
N LYS B 339 -7.56 -52.78 14.01
CA LYS B 339 -7.39 -54.19 13.56
C LYS B 339 -6.39 -54.88 14.50
N GLU B 340 -6.25 -56.19 14.36
CA GLU B 340 -5.14 -56.93 15.02
C GLU B 340 -5.27 -56.90 16.56
N GLY B 341 -6.45 -56.58 17.10
CA GLY B 341 -6.70 -56.52 18.56
C GLY B 341 -5.88 -55.45 19.26
N LEU B 342 -5.45 -54.42 18.53
CA LEU B 342 -4.65 -53.28 19.05
C LEU B 342 -5.58 -52.12 19.46
N SER B 343 -5.27 -51.49 20.58
CA SER B 343 -5.93 -50.25 21.02
C SER B 343 -5.19 -49.09 20.35
N ASP B 344 -5.79 -47.93 20.40
CA ASP B 344 -5.14 -46.70 19.91
C ASP B 344 -3.87 -46.40 20.73
N GLU B 345 -3.87 -46.69 22.05
CA GLU B 345 -2.70 -46.50 22.96
C GLU B 345 -1.55 -47.39 22.47
N GLN B 346 -1.83 -48.64 22.08
CA GLN B 346 -0.79 -49.59 21.57
C GLN B 346 -0.24 -49.12 20.24
N ILE B 347 -1.14 -48.69 19.35
CA ILE B 347 -0.72 -48.12 18.03
C ILE B 347 0.21 -46.94 18.33
N GLN B 348 -0.19 -46.06 19.25
CA GLN B 348 0.63 -44.86 19.57
C GLN B 348 2.01 -45.24 20.11
N ALA B 349 2.15 -46.27 20.94
CA ALA B 349 3.49 -46.71 21.41
C ALA B 349 4.35 -47.13 20.20
N ALA B 350 3.77 -47.85 19.21
CA ALA B 350 4.52 -48.29 18.00
C ALA B 350 4.93 -47.05 17.20
N VAL B 351 4.03 -46.10 17.05
CA VAL B 351 4.37 -44.83 16.34
C VAL B 351 5.59 -44.15 17.00
N LEU B 352 5.59 -44.05 18.32
CA LEU B 352 6.66 -43.38 19.08
C LEU B 352 7.98 -44.12 18.91
N GLU B 353 7.96 -45.44 18.78
CA GLU B 353 9.23 -46.25 18.59
C GLU B 353 9.75 -46.09 17.15
N VAL B 354 8.86 -45.95 16.16
CA VAL B 354 9.20 -45.99 14.70
C VAL B 354 9.55 -44.60 14.16
N PHE B 355 8.81 -43.56 14.55
CA PHE B 355 8.89 -42.21 13.97
C PHE B 355 9.64 -41.25 14.89
N ASP B 356 10.63 -40.59 14.33
CA ASP B 356 11.35 -39.49 15.01
C ASP B 356 10.61 -38.19 14.66
N LEU B 357 9.85 -37.65 15.62
CA LEU B 357 8.94 -36.50 15.39
C LEU B 357 9.59 -35.20 15.85
N ARG B 358 10.92 -35.19 16.04
CA ARG B 358 11.64 -33.89 16.17
C ARG B 358 11.61 -33.18 14.83
N PRO B 359 11.32 -31.86 14.78
CA PRO B 359 11.21 -31.18 13.48
C PRO B 359 12.44 -31.42 12.57
N ALA B 360 13.65 -31.35 13.13
CA ALA B 360 14.87 -31.51 12.32
C ALA B 360 14.87 -32.91 11.67
N ALA B 361 14.42 -33.95 12.38
CA ALA B 361 14.40 -35.33 11.87
C ALA B 361 13.35 -35.43 10.78
N ILE B 362 12.18 -34.79 10.96
CA ILE B 362 11.11 -34.80 9.92
C ILE B 362 11.66 -34.22 8.62
N ILE B 363 12.29 -33.03 8.70
CA ILE B 363 12.91 -32.31 7.54
C ILE B 363 13.91 -33.26 6.84
N ARG B 364 14.75 -33.93 7.61
CA ARG B 364 15.80 -34.82 7.04
C ARG B 364 15.16 -36.06 6.40
N GLU B 365 14.28 -36.76 7.13
CA GLU B 365 13.68 -38.03 6.64
C GLU B 365 12.76 -37.80 5.44
N LEU B 366 12.02 -36.68 5.37
CA LEU B 366 11.13 -36.37 4.22
C LEU B 366 11.86 -35.48 3.18
N ASP B 367 13.13 -35.12 3.41
CA ASP B 367 13.94 -34.33 2.44
C ASP B 367 13.16 -33.07 2.01
N LEU B 368 12.75 -32.26 2.98
CA LEU B 368 11.77 -31.21 2.71
C LEU B 368 12.41 -29.98 2.07
N LEU B 369 13.75 -29.83 2.10
CA LEU B 369 14.34 -28.54 1.67
C LEU B 369 14.56 -28.56 0.15
N ARG B 370 13.43 -28.62 -0.57
CA ARG B 370 13.38 -28.69 -2.04
C ARG B 370 12.22 -27.82 -2.52
N PRO B 371 12.30 -27.27 -3.75
CA PRO B 371 11.22 -26.46 -4.31
C PRO B 371 10.08 -27.31 -4.89
N ILE B 372 9.32 -27.90 -3.99
CA ILE B 372 8.20 -28.80 -4.31
C ILE B 372 6.85 -28.21 -3.90
N TYR B 373 6.78 -26.97 -3.39
CA TYR B 373 5.57 -26.53 -2.65
C TYR B 373 4.56 -25.78 -3.52
N ALA B 374 4.96 -25.06 -4.56
CA ALA B 374 3.95 -24.32 -5.39
C ALA B 374 2.88 -25.30 -5.90
N ASP B 375 3.27 -26.52 -6.27
CA ASP B 375 2.33 -27.55 -6.77
C ASP B 375 1.29 -27.87 -5.68
N THR B 376 1.60 -27.70 -4.38
CA THR B 376 0.69 -28.12 -3.28
C THR B 376 -0.34 -27.02 -3.03
N ALA B 377 -0.21 -25.84 -3.63
CA ALA B 377 -0.90 -24.61 -3.19
C ALA B 377 -2.31 -24.54 -3.77
N ALA B 378 -2.68 -25.47 -4.65
CA ALA B 378 -4.08 -25.73 -5.04
C ALA B 378 -4.27 -27.24 -5.23
N TYR B 379 -5.49 -27.69 -4.98
CA TYR B 379 -6.05 -29.05 -5.26
C TYR B 379 -5.62 -29.99 -4.14
N GLY B 380 -5.09 -29.46 -3.04
CA GLY B 380 -4.82 -30.20 -1.81
C GLY B 380 -3.38 -30.61 -1.66
N HIS B 381 -2.94 -30.70 -0.40
CA HIS B 381 -1.57 -31.12 -0.02
C HIS B 381 -1.44 -32.64 0.09
N PHE B 382 -2.55 -33.38 0.11
CA PHE B 382 -2.53 -34.81 0.48
C PHE B 382 -3.22 -35.63 -0.60
N GLY B 383 -2.73 -36.86 -0.78
CA GLY B 383 -3.33 -37.84 -1.69
C GLY B 383 -3.26 -37.38 -3.15
N ARG B 384 -2.23 -36.66 -3.51
CA ARG B 384 -2.01 -36.15 -4.89
C ARG B 384 -1.36 -37.25 -5.76
N THR B 385 -2.16 -37.88 -6.63
CA THR B 385 -1.65 -38.94 -7.55
C THR B 385 -0.74 -38.30 -8.61
N ASP B 386 -0.91 -37.01 -8.87
CA ASP B 386 -0.20 -36.26 -9.95
C ASP B 386 1.18 -35.82 -9.43
N LEU B 387 1.45 -35.89 -8.12
CA LEU B 387 2.72 -35.38 -7.56
C LEU B 387 3.45 -36.52 -6.89
N ASP B 388 4.71 -36.32 -6.50
CA ASP B 388 5.50 -37.38 -5.81
C ASP B 388 6.00 -36.83 -4.47
N LEU B 389 5.08 -36.69 -3.51
CA LEU B 389 5.35 -35.97 -2.25
C LEU B 389 5.87 -36.94 -1.19
N PRO B 390 6.96 -36.60 -0.46
CA PRO B 390 7.58 -37.56 0.43
C PRO B 390 6.68 -38.00 1.58
N TRP B 391 5.74 -37.13 2.01
CA TRP B 391 4.83 -37.49 3.13
C TRP B 391 3.75 -38.49 2.70
N GLU B 392 3.72 -38.87 1.42
CA GLU B 392 2.76 -39.89 0.89
C GLU B 392 3.43 -41.26 0.83
N ALA B 393 4.70 -41.40 1.27
CA ALA B 393 5.42 -42.69 1.20
C ALA B 393 4.85 -43.64 2.26
N ILE B 394 4.52 -44.88 1.88
CA ILE B 394 4.09 -45.86 2.91
C ILE B 394 5.28 -46.81 3.18
N ASP B 395 6.44 -46.22 3.46
CA ASP B 395 7.75 -46.88 3.60
C ASP B 395 8.02 -47.20 5.06
N ARG B 396 7.07 -47.03 5.99
CA ARG B 396 7.35 -47.39 7.40
C ARG B 396 6.42 -48.52 7.85
N VAL B 397 5.76 -49.22 6.93
CA VAL B 397 4.75 -50.26 7.30
C VAL B 397 5.48 -51.40 8.03
N ASP B 398 6.63 -51.84 7.48
CA ASP B 398 7.34 -53.02 8.00
C ASP B 398 7.81 -52.71 9.41
N GLU B 399 8.34 -51.51 9.61
CA GLU B 399 8.77 -51.04 10.96
C GLU B 399 7.61 -51.05 11.95
N LEU B 400 6.43 -50.51 11.62
CA LEU B 400 5.28 -50.50 12.56
C LEU B 400 4.86 -51.92 12.94
N ARG B 401 4.76 -52.80 11.95
CA ARG B 401 4.29 -54.20 12.20
C ARG B 401 5.32 -54.92 13.05
N ALA B 402 6.61 -54.65 12.84
CA ALA B 402 7.70 -55.29 13.61
C ALA B 402 7.64 -54.76 15.05
N ALA B 403 7.48 -53.45 15.25
CA ALA B 403 7.34 -52.86 16.60
C ALA B 403 6.13 -53.45 17.35
N LEU B 404 5.11 -53.92 16.62
CA LEU B 404 3.88 -54.50 17.23
C LEU B 404 3.94 -56.03 17.25
N LYS B 405 5.07 -56.63 16.85
CA LYS B 405 5.28 -58.11 16.88
C LYS B 405 4.27 -58.82 15.98
N LEU B 406 3.77 -58.15 14.95
CA LEU B 406 2.85 -58.75 13.96
C LEU B 406 3.67 -59.38 12.83
N ALA B 407 3.07 -60.35 12.14
CA ALA B 407 3.63 -61.00 10.93
C ALA B 407 3.86 -59.94 9.86
N GLN C 3 5.40 60.28 -7.16
CA GLN C 3 4.79 58.92 -7.09
C GLN C 3 5.62 58.09 -6.10
N PRO C 4 5.10 57.73 -4.90
CA PRO C 4 5.89 57.04 -3.88
C PRO C 4 6.47 55.67 -4.26
N THR C 5 7.43 55.23 -3.45
CA THR C 5 8.28 54.04 -3.65
C THR C 5 8.10 53.08 -2.48
N ALA C 6 8.13 51.79 -2.78
CA ALA C 6 8.18 50.74 -1.75
C ALA C 6 9.49 50.02 -1.95
N VAL C 7 10.04 49.36 -0.93
CA VAL C 7 11.33 48.64 -1.10
C VAL C 7 10.97 47.24 -1.57
N ARG C 8 11.62 46.80 -2.64
CA ARG C 8 11.45 45.43 -3.15
C ARG C 8 12.16 44.45 -2.20
N LEU C 9 11.50 43.35 -1.90
CA LEU C 9 11.96 42.37 -0.87
C LEU C 9 11.81 40.99 -1.50
N PHE C 10 12.94 40.33 -1.69
CA PHE C 10 13.05 39.02 -2.35
C PHE C 10 13.33 37.95 -1.31
N THR C 11 12.60 36.84 -1.42
CA THR C 11 12.68 35.72 -0.44
C THR C 11 13.14 34.42 -1.10
N SER C 12 13.89 33.61 -0.34
CA SER C 12 14.18 32.19 -0.69
C SER C 12 14.01 31.35 0.58
N GLU C 13 13.80 30.04 0.43
CA GLU C 13 13.63 29.17 1.62
C GLU C 13 14.52 27.96 1.48
N SER C 14 14.72 27.27 2.59
CA SER C 14 15.32 25.93 2.59
C SER C 14 14.61 25.11 3.65
N VAL C 15 14.95 23.82 3.67
CA VAL C 15 14.33 22.94 4.67
C VAL C 15 15.42 21.97 5.12
N THR C 16 15.24 21.40 6.31
CA THR C 16 16.17 20.39 6.82
C THR C 16 15.91 19.08 6.07
N GLU C 17 16.82 18.14 6.29
CA GLU C 17 16.72 16.75 5.81
C GLU C 17 15.56 16.03 6.48
N GLY C 18 15.02 16.55 7.59
CA GLY C 18 13.84 15.97 8.28
C GLY C 18 12.49 16.43 7.75
N HIS C 19 12.45 17.41 6.85
CA HIS C 19 11.20 17.81 6.17
C HIS C 19 10.75 16.64 5.29
N PRO C 20 9.47 16.24 5.38
CA PRO C 20 8.95 15.06 4.70
C PRO C 20 9.24 14.99 3.20
N ASP C 21 9.19 16.12 2.51
CA ASP C 21 9.59 16.09 1.07
C ASP C 21 11.08 15.75 0.93
N LYS C 22 11.95 16.33 1.74
CA LYS C 22 13.41 16.04 1.66
C LYS C 22 13.71 14.63 2.17
N ILE C 23 12.90 14.08 3.09
CA ILE C 23 13.04 12.64 3.46
C ILE C 23 12.90 11.82 2.18
N CYS C 24 11.91 12.13 1.37
CA CYS C 24 11.62 11.36 0.12
C CYS C 24 12.76 11.53 -0.88
N ASP C 25 13.23 12.76 -1.08
CA ASP C 25 14.42 12.95 -1.96
C ASP C 25 15.61 12.09 -1.47
N ALA C 26 15.95 12.16 -0.18
CA ALA C 26 17.13 11.44 0.37
C ALA C 26 16.94 9.93 0.19
N ILE C 27 15.73 9.42 0.39
CA ILE C 27 15.49 7.95 0.25
C ILE C 27 15.68 7.57 -1.22
N SER C 28 15.07 8.32 -2.13
CA SER C 28 15.20 8.11 -3.60
C SER C 28 16.68 8.12 -4.01
N ASP C 29 17.50 9.05 -3.53
CA ASP C 29 18.94 9.18 -3.95
C ASP C 29 19.81 8.19 -3.16
N THR C 30 19.40 7.75 -1.98
CA THR C 30 20.11 6.65 -1.26
C THR C 30 19.95 5.34 -2.04
N ILE C 31 18.75 5.07 -2.58
CA ILE C 31 18.48 3.88 -3.45
C ILE C 31 19.33 4.04 -4.71
N LEU C 32 19.28 5.20 -5.37
CA LEU C 32 20.09 5.43 -6.59
C LEU C 32 21.59 5.15 -6.30
N ASP C 33 22.14 5.70 -5.25
CA ASP C 33 23.57 5.54 -4.91
C ASP C 33 23.89 4.06 -4.70
N ALA C 34 23.00 3.31 -4.02
CA ALA C 34 23.29 1.90 -3.66
C ALA C 34 23.35 1.09 -4.95
N LEU C 35 22.45 1.42 -5.90
CA LEU C 35 22.42 0.77 -7.25
C LEU C 35 23.70 1.15 -8.04
N LEU C 36 24.08 2.43 -8.08
CA LEU C 36 25.27 2.88 -8.87
C LEU C 36 26.57 2.29 -8.33
N GLU C 37 26.66 2.13 -7.00
CA GLU C 37 27.83 1.54 -6.30
C GLU C 37 28.12 0.15 -6.87
N LYS C 38 27.09 -0.65 -7.14
CA LYS C 38 27.25 -2.06 -7.59
C LYS C 38 27.19 -2.16 -9.13
N ASP C 39 26.53 -1.23 -9.80
CA ASP C 39 26.29 -1.25 -11.27
C ASP C 39 26.16 0.19 -11.73
N PRO C 40 27.27 0.82 -12.16
CA PRO C 40 27.22 2.19 -12.72
C PRO C 40 26.22 2.43 -13.86
N GLN C 41 25.83 1.39 -14.61
CA GLN C 41 24.90 1.56 -15.78
C GLN C 41 23.45 1.45 -15.29
N SER C 42 23.18 1.30 -13.99
CA SER C 42 21.78 1.12 -13.48
C SER C 42 20.89 2.23 -14.04
N ARG C 43 19.71 1.90 -14.58
CA ARG C 43 18.67 2.89 -14.98
C ARG C 43 17.69 3.00 -13.81
N VAL C 44 17.51 4.19 -13.27
CA VAL C 44 16.74 4.32 -11.99
C VAL C 44 15.70 5.44 -12.19
N ALA C 45 14.45 5.19 -11.82
CA ALA C 45 13.40 6.22 -11.71
C ALA C 45 12.55 5.89 -10.48
N VAL C 46 13.03 6.26 -9.30
CA VAL C 46 12.44 5.78 -8.01
C VAL C 46 11.92 7.00 -7.26
N GLU C 47 10.61 7.00 -7.04
CA GLU C 47 9.84 8.03 -6.32
C GLU C 47 9.53 7.47 -4.96
N THR C 48 9.62 8.32 -3.95
CA THR C 48 9.29 7.94 -2.54
C THR C 48 8.11 8.79 -2.08
N VAL C 49 7.18 8.17 -1.35
CA VAL C 49 6.02 8.84 -0.75
C VAL C 49 6.03 8.51 0.74
N VAL C 50 5.84 9.53 1.59
CA VAL C 50 5.80 9.29 3.06
C VAL C 50 4.53 9.90 3.61
N THR C 51 3.86 9.19 4.51
CA THR C 51 2.73 9.73 5.27
C THR C 51 2.81 9.08 6.67
N THR C 52 1.85 9.34 7.54
CA THR C 52 1.81 8.72 8.88
C THR C 52 2.20 7.24 8.79
N GLY C 53 3.30 6.87 9.44
CA GLY C 53 3.74 5.48 9.69
C GLY C 53 4.23 4.75 8.45
N ILE C 54 4.28 5.38 7.29
CA ILE C 54 4.60 4.56 6.09
C ILE C 54 5.52 5.28 5.10
N VAL C 55 6.42 4.48 4.56
CA VAL C 55 7.22 4.80 3.36
C VAL C 55 6.77 3.91 2.20
N HIS C 56 6.47 4.48 1.04
CA HIS C 56 6.14 3.71 -0.19
C HIS C 56 7.13 4.16 -1.25
N VAL C 57 7.91 3.22 -1.78
CA VAL C 57 8.88 3.46 -2.88
C VAL C 57 8.31 2.86 -4.16
N VAL C 58 8.12 3.67 -5.22
CA VAL C 58 7.50 3.22 -6.49
C VAL C 58 8.44 3.60 -7.63
N GLY C 59 8.26 2.95 -8.77
CA GLY C 59 8.99 3.34 -9.99
C GLY C 59 9.59 2.12 -10.69
N GLU C 60 10.71 2.35 -11.36
CA GLU C 60 11.25 1.41 -12.37
C GLU C 60 12.78 1.43 -12.24
N VAL C 61 13.39 0.25 -12.18
CA VAL C 61 14.86 0.08 -12.18
C VAL C 61 15.21 -0.96 -13.24
N ARG C 62 16.32 -0.72 -13.92
CA ARG C 62 16.99 -1.74 -14.77
C ARG C 62 18.43 -1.77 -14.30
N THR C 63 18.82 -2.84 -13.62
CA THR C 63 20.12 -3.00 -12.95
C THR C 63 20.45 -4.49 -12.91
N SER C 64 21.74 -4.80 -12.79
CA SER C 64 22.25 -6.16 -12.47
C SER C 64 22.49 -6.26 -10.97
N ALA C 65 22.27 -5.16 -10.21
CA ALA C 65 22.64 -5.01 -8.79
C ALA C 65 21.49 -5.55 -7.92
N TYR C 66 21.79 -6.24 -6.83
CA TYR C 66 20.80 -6.48 -5.73
C TYR C 66 21.10 -5.48 -4.61
N VAL C 67 20.11 -4.70 -4.17
CA VAL C 67 20.23 -3.84 -2.96
C VAL C 67 19.04 -4.16 -2.05
N ALA C 68 19.24 -4.14 -0.74
CA ALA C 68 18.18 -4.37 0.26
C ALA C 68 17.43 -3.04 0.50
N ILE C 69 16.33 -2.80 -0.17
CA ILE C 69 15.67 -1.46 -0.16
C ILE C 69 15.11 -1.20 1.23
N PRO C 70 14.34 -2.11 1.89
CA PRO C 70 13.79 -1.75 3.19
C PRO C 70 14.89 -1.32 4.19
N GLN C 71 16.01 -2.04 4.22
CA GLN C 71 17.07 -1.71 5.21
C GLN C 71 17.65 -0.32 4.89
N LEU C 72 17.82 -0.03 3.62
CA LEU C 72 18.32 1.31 3.19
C LEU C 72 17.38 2.39 3.71
N VAL C 73 16.07 2.19 3.55
CA VAL C 73 15.03 3.18 3.96
C VAL C 73 15.16 3.37 5.48
N ARG C 74 15.14 2.29 6.26
CA ARG C 74 15.11 2.38 7.74
C ARG C 74 16.38 3.07 8.24
N ASN C 75 17.53 2.64 7.71
CA ASN C 75 18.84 3.23 8.12
C ASN C 75 18.86 4.74 7.82
N LYS C 76 18.33 5.16 6.66
CA LYS C 76 18.32 6.60 6.28
C LYS C 76 17.43 7.33 7.29
N LEU C 77 16.23 6.83 7.58
CA LEU C 77 15.36 7.55 8.55
C LEU C 77 16.10 7.65 9.89
N ILE C 78 16.83 6.60 10.31
CA ILE C 78 17.57 6.67 11.60
C ILE C 78 18.64 7.74 11.49
N GLU C 79 19.41 7.81 10.40
CA GLU C 79 20.49 8.85 10.23
C GLU C 79 19.82 10.24 10.36
N ILE C 80 18.63 10.43 9.78
CA ILE C 80 17.88 11.73 9.77
C ILE C 80 17.46 12.07 11.20
N GLY C 81 17.18 11.05 12.04
CA GLY C 81 16.80 11.31 13.45
C GLY C 81 15.39 10.86 13.77
N PHE C 82 14.71 10.21 12.82
CA PHE C 82 13.33 9.71 13.08
C PHE C 82 13.47 8.31 13.65
N ASN C 83 13.55 8.25 14.98
CA ASN C 83 13.91 6.99 15.68
C ASN C 83 12.92 6.66 16.81
N SER C 84 11.75 7.28 16.84
CA SER C 84 10.75 7.06 17.93
C SER C 84 9.35 7.42 17.47
N SER C 85 8.33 6.70 17.92
CA SER C 85 6.94 7.20 17.86
C SER C 85 6.86 8.58 18.56
N GLU C 86 7.66 8.84 19.60
CA GLU C 86 7.58 10.12 20.37
C GLU C 86 7.88 11.32 19.46
N VAL C 87 8.77 11.17 18.49
CA VAL C 87 9.13 12.28 17.54
C VAL C 87 8.26 12.21 16.28
N GLY C 88 7.37 11.24 16.17
CA GLY C 88 6.36 11.15 15.10
C GLY C 88 6.68 10.14 13.99
N PHE C 89 7.85 9.54 13.98
CA PHE C 89 8.23 8.60 12.90
C PHE C 89 9.46 7.84 13.37
N ASP C 90 9.44 6.54 13.22
CA ASP C 90 10.54 5.65 13.63
C ASP C 90 10.94 4.76 12.48
N GLY C 91 12.17 4.91 11.99
CA GLY C 91 12.69 4.04 10.91
C GLY C 91 12.73 2.58 11.31
N ARG C 92 12.83 2.26 12.62
CA ARG C 92 13.00 0.85 13.03
C ARG C 92 11.65 0.16 13.01
N THR C 93 10.54 0.89 13.05
CA THR C 93 9.23 0.24 13.28
C THR C 93 8.17 0.70 12.27
N CYS C 94 8.50 1.58 11.31
CA CYS C 94 7.56 2.15 10.35
C CYS C 94 7.28 1.13 9.24
N GLY C 95 6.25 1.36 8.47
CA GLY C 95 5.96 0.50 7.30
C GLY C 95 6.88 0.87 6.16
N VAL C 96 7.32 -0.13 5.40
CA VAL C 96 8.07 0.13 4.14
C VAL C 96 7.45 -0.79 3.09
N SER C 97 6.95 -0.20 2.01
CA SER C 97 6.32 -0.94 0.89
C SER C 97 7.04 -0.52 -0.37
N VAL C 98 7.30 -1.49 -1.24
CA VAL C 98 8.10 -1.27 -2.46
C VAL C 98 7.26 -1.74 -3.63
N SER C 99 7.11 -0.90 -4.64
CA SER C 99 6.32 -1.23 -5.86
C SER C 99 7.20 -0.79 -7.01
N ILE C 100 8.29 -1.50 -7.21
CA ILE C 100 9.31 -1.19 -8.25
C ILE C 100 9.30 -2.30 -9.29
N GLY C 101 9.10 -1.90 -10.54
CA GLY C 101 9.15 -2.82 -11.70
C GLY C 101 10.59 -2.95 -12.18
N GLU C 102 11.07 -4.17 -12.48
CA GLU C 102 12.53 -4.43 -12.73
C GLU C 102 12.81 -4.67 -14.22
N ASP C 126 28.96 6.59 -30.45
CA ASP C 126 28.19 6.25 -29.23
C ASP C 126 27.59 7.50 -28.57
N ASP C 127 28.19 8.69 -28.77
CA ASP C 127 27.81 9.95 -28.08
C ASP C 127 26.56 10.59 -28.70
N ARG C 128 26.05 10.06 -29.82
CA ARG C 128 24.74 10.49 -30.41
C ARG C 128 23.61 9.62 -29.84
N ALA C 129 23.79 9.04 -28.64
CA ALA C 129 22.75 8.36 -27.84
C ALA C 129 21.68 9.39 -27.47
N GLY C 130 20.45 9.18 -27.93
CA GLY C 130 19.35 10.15 -27.80
C GLY C 130 19.02 10.45 -26.34
N ALA C 131 18.49 11.66 -26.10
CA ALA C 131 17.72 12.04 -24.89
C ALA C 131 16.60 11.01 -24.64
N GLY C 132 16.44 10.58 -23.38
CA GLY C 132 15.41 9.62 -22.94
C GLY C 132 14.05 10.27 -22.81
N ASP C 133 14.01 11.60 -22.80
CA ASP C 133 12.75 12.37 -22.68
C ASP C 133 12.95 13.75 -23.29
N GLN C 134 11.84 14.41 -23.58
CA GLN C 134 11.85 15.85 -23.89
C GLN C 134 11.98 16.63 -22.57
N GLY C 135 12.15 17.93 -22.67
CA GLY C 135 12.02 18.86 -21.55
C GLY C 135 13.00 20.00 -21.61
N LEU C 136 12.88 20.90 -20.65
CA LEU C 136 13.70 22.13 -20.56
C LEU C 136 14.34 22.14 -19.17
N MET C 137 15.56 22.64 -19.11
CA MET C 137 16.39 22.70 -17.88
C MET C 137 17.14 24.03 -17.85
N PHE C 138 17.25 24.61 -16.65
CA PHE C 138 18.01 25.87 -16.41
C PHE C 138 19.13 25.70 -15.41
N GLY C 139 20.18 26.46 -15.65
CA GLY C 139 21.35 26.62 -14.77
C GLY C 139 21.58 28.07 -14.49
N TYR C 140 22.27 28.36 -13.39
CA TYR C 140 22.47 29.76 -12.96
C TYR C 140 23.75 29.88 -12.15
N ALA C 141 24.40 31.03 -12.28
CA ALA C 141 25.59 31.42 -11.49
C ALA C 141 25.65 32.95 -11.30
N THR C 142 26.25 33.37 -10.20
CA THR C 142 26.41 34.80 -9.87
C THR C 142 27.66 34.94 -9.03
N ASN C 143 28.48 35.97 -9.30
CA ASN C 143 29.72 36.15 -8.52
C ASN C 143 29.43 36.88 -7.20
N GLU C 144 28.17 36.98 -6.76
CA GLU C 144 27.80 37.73 -5.52
C GLU C 144 28.22 36.93 -4.27
N THR C 145 28.42 35.60 -4.33
CA THR C 145 28.96 34.78 -3.21
C THR C 145 30.18 34.02 -3.74
N GLU C 146 31.06 33.56 -2.84
CA GLU C 146 32.25 32.76 -3.24
C GLU C 146 31.81 31.42 -3.86
N GLU C 147 30.60 30.93 -3.57
CA GLU C 147 30.13 29.63 -4.17
C GLU C 147 29.31 29.91 -5.44
N TYR C 148 29.30 31.15 -5.91
CA TYR C 148 28.67 31.52 -7.19
C TYR C 148 27.15 31.30 -7.07
N MET C 149 26.58 31.43 -5.87
CA MET C 149 25.12 31.28 -5.69
C MET C 149 24.49 32.61 -5.31
N PRO C 150 23.18 32.73 -5.55
CA PRO C 150 22.45 33.88 -5.08
C PRO C 150 22.53 33.95 -3.55
N LEU C 151 22.60 35.15 -3.00
CA LEU C 151 22.66 35.31 -1.54
C LEU C 151 21.44 34.76 -0.81
N PRO C 152 20.16 34.98 -1.22
CA PRO C 152 19.05 34.47 -0.43
C PRO C 152 19.08 32.94 -0.28
N ILE C 153 19.20 32.16 -1.36
CA ILE C 153 19.21 30.67 -1.20
C ILE C 153 20.49 30.23 -0.47
N ALA C 154 21.64 30.83 -0.74
CA ALA C 154 22.90 30.50 -0.03
C ALA C 154 22.70 30.65 1.48
N LEU C 155 22.07 31.73 1.93
CA LEU C 155 21.82 31.97 3.37
C LEU C 155 20.74 31.02 3.89
N ALA C 156 19.66 30.79 3.15
CA ALA C 156 18.61 29.84 3.60
C ALA C 156 19.24 28.46 3.82
N HIS C 157 20.05 27.98 2.87
CA HIS C 157 20.69 26.65 3.01
C HIS C 157 21.66 26.64 4.20
N ARG C 158 22.41 27.70 4.39
CA ARG C 158 23.37 27.73 5.52
C ARG C 158 22.57 27.61 6.83
N LEU C 159 21.43 28.30 6.95
CA LEU C 159 20.56 28.23 8.16
C LEU C 159 20.01 26.82 8.35
N SER C 160 19.54 26.16 7.29
CA SER C 160 18.90 24.83 7.41
C SER C 160 19.98 23.80 7.75
N ARG C 161 21.17 23.94 7.17
CA ARG C 161 22.27 23.00 7.46
C ARG C 161 22.74 23.22 8.92
N ARG C 162 22.81 24.46 9.34
CA ARG C 162 23.24 24.78 10.74
C ARG C 162 22.17 24.30 11.73
N LEU C 163 20.88 24.40 11.42
CA LEU C 163 19.80 23.94 12.32
C LEU C 163 19.96 22.42 12.51
N THR C 164 20.19 21.68 11.43
CA THR C 164 20.50 20.23 11.54
C THR C 164 21.75 20.01 12.40
N GLN C 165 22.84 20.74 12.10
CA GLN C 165 24.15 20.54 12.77
C GLN C 165 24.00 20.76 14.26
N VAL C 166 23.27 21.79 14.69
CA VAL C 166 23.24 22.07 16.16
C VAL C 166 22.44 20.98 16.88
N ARG C 167 21.52 20.31 16.20
CA ARG C 167 20.77 19.20 16.78
C ARG C 167 21.68 17.97 16.81
N LYS C 168 22.28 17.61 15.67
CA LYS C 168 23.03 16.34 15.58
C LYS C 168 24.26 16.38 16.49
N GLU C 169 24.88 17.55 16.66
CA GLU C 169 26.16 17.68 17.40
C GLU C 169 25.91 18.01 18.87
N GLY C 170 24.66 18.27 19.26
CA GLY C 170 24.32 18.59 20.68
C GLY C 170 24.73 19.99 21.07
N ILE C 171 24.76 20.91 20.09
CA ILE C 171 25.02 22.36 20.38
C ILE C 171 23.78 22.98 20.98
N VAL C 172 22.63 22.62 20.46
CA VAL C 172 21.31 23.06 20.99
C VAL C 172 20.50 21.82 21.28
N PRO C 173 20.17 21.57 22.55
CA PRO C 173 19.38 20.39 22.87
C PRO C 173 17.89 20.54 22.50
N HIS C 174 17.15 19.42 22.61
CA HIS C 174 15.67 19.38 22.55
C HIS C 174 15.10 19.72 21.17
N LEU C 175 15.93 19.66 20.15
CA LEU C 175 15.48 19.78 18.74
C LEU C 175 15.12 18.40 18.15
N ARG C 176 14.25 18.45 17.16
CA ARG C 176 13.81 17.25 16.40
C ARG C 176 14.01 17.54 14.91
N PRO C 177 13.97 16.54 14.02
CA PRO C 177 14.53 16.72 12.68
C PRO C 177 13.88 17.71 11.70
N ASP C 178 12.57 17.86 11.76
CA ASP C 178 11.83 18.62 10.72
C ASP C 178 12.04 20.11 10.98
N GLY C 179 12.39 20.86 9.94
CA GLY C 179 12.45 22.32 10.08
C GLY C 179 12.58 23.01 8.75
N LYS C 180 12.28 24.29 8.77
CA LYS C 180 12.23 25.14 7.56
C LYS C 180 12.92 26.46 7.88
N THR C 181 13.62 27.04 6.92
CA THR C 181 14.22 28.38 7.08
C THR C 181 13.79 29.25 5.92
N GLN C 182 13.74 30.55 6.13
CA GLN C 182 13.38 31.44 5.01
C GLN C 182 14.05 32.78 5.25
N VAL C 183 14.59 33.40 4.21
CA VAL C 183 15.24 34.73 4.37
C VAL C 183 14.66 35.66 3.31
N THR C 184 14.42 36.89 3.72
CA THR C 184 13.92 37.98 2.85
C THR C 184 14.97 39.08 2.88
N PHE C 185 15.48 39.46 1.71
CA PHE C 185 16.45 40.55 1.51
C PHE C 185 15.75 41.73 0.82
N ALA C 186 15.99 42.92 1.33
CA ALA C 186 15.73 44.16 0.57
C ALA C 186 16.67 44.16 -0.61
N TYR C 187 16.17 44.59 -1.77
CA TYR C 187 16.91 44.58 -3.05
C TYR C 187 16.94 46.05 -3.52
N ASP C 188 18.01 46.39 -4.21
CA ASP C 188 18.24 47.75 -4.74
C ASP C 188 17.55 47.86 -6.12
N ALA C 189 17.54 49.06 -6.70
CA ALA C 189 16.89 49.30 -8.04
C ALA C 189 17.53 48.48 -9.16
N GLN C 190 18.79 48.09 -9.01
CA GLN C 190 19.60 47.27 -9.94
C GLN C 190 19.36 45.75 -9.71
N ASP C 191 18.35 45.36 -8.93
CA ASP C 191 17.97 43.93 -8.70
C ASP C 191 19.06 43.21 -7.91
N ARG C 192 19.81 43.92 -7.06
CA ARG C 192 20.85 43.31 -6.17
C ARG C 192 20.43 43.32 -4.70
N PRO C 193 20.89 42.33 -3.90
CA PRO C 193 20.63 42.35 -2.47
C PRO C 193 21.35 43.54 -1.83
N SER C 194 20.67 44.20 -0.91
CA SER C 194 21.16 45.38 -0.17
C SER C 194 21.18 45.14 1.35
N HIS C 195 20.21 44.43 1.91
CA HIS C 195 20.09 44.28 3.38
C HIS C 195 19.31 43.02 3.70
N LEU C 196 19.73 42.30 4.72
CA LEU C 196 18.88 41.23 5.25
C LEU C 196 17.72 41.84 6.04
N ASP C 197 16.48 41.48 5.74
CA ASP C 197 15.28 42.10 6.32
C ASP C 197 14.60 41.16 7.34
N THR C 198 14.23 39.95 6.94
CA THR C 198 13.47 38.98 7.76
C THR C 198 14.11 37.60 7.67
N VAL C 199 14.23 36.95 8.82
CA VAL C 199 14.67 35.53 8.93
C VAL C 199 13.57 34.79 9.66
N VAL C 200 13.09 33.69 9.06
CA VAL C 200 12.11 32.74 9.64
C VAL C 200 12.86 31.43 9.87
N ILE C 201 12.71 30.86 11.05
CA ILE C 201 13.09 29.45 11.27
C ILE C 201 11.93 28.82 12.02
N SER C 202 11.38 27.73 11.48
CA SER C 202 10.39 26.92 12.21
C SER C 202 11.10 25.59 12.49
N THR C 203 11.28 25.21 13.74
CA THR C 203 11.90 23.90 14.05
C THR C 203 10.97 23.02 14.91
N GLN C 204 11.01 21.72 14.61
CA GLN C 204 10.47 20.64 15.46
C GLN C 204 11.30 20.59 16.74
N HIS C 205 10.65 20.29 17.87
CA HIS C 205 11.32 20.36 19.18
C HIS C 205 10.60 19.45 20.17
N ASP C 206 11.29 19.13 21.24
CA ASP C 206 10.75 18.40 22.41
C ASP C 206 9.77 19.29 23.16
N PRO C 207 8.75 18.71 23.83
CA PRO C 207 7.79 19.52 24.56
C PRO C 207 8.38 20.24 25.78
N GLU C 208 9.57 19.85 26.24
CA GLU C 208 10.23 20.48 27.43
C GLU C 208 10.69 21.90 27.10
N VAL C 209 10.80 22.29 25.83
CA VAL C 209 11.15 23.70 25.48
C VAL C 209 10.00 24.39 24.74
N ASP C 210 9.99 25.72 24.85
CA ASP C 210 8.97 26.52 24.15
C ASP C 210 9.61 27.51 23.18
N ARG C 211 8.79 28.25 22.44
CA ARG C 211 9.21 29.25 21.43
C ARG C 211 10.23 30.22 22.05
N ALA C 212 10.03 30.70 23.27
CA ALA C 212 10.89 31.77 23.85
C ALA C 212 12.32 31.22 23.97
N TRP C 213 12.46 30.00 24.51
CA TRP C 213 13.77 29.31 24.66
C TRP C 213 14.37 29.07 23.28
N LEU C 214 13.57 28.64 22.32
CA LEU C 214 14.08 28.38 20.96
C LEU C 214 14.55 29.69 20.35
N GLU C 215 13.84 30.77 20.56
CA GLU C 215 14.23 32.05 19.92
C GLU C 215 15.62 32.40 20.46
N THR C 216 15.84 32.32 21.78
CA THR C 216 17.18 32.66 22.36
C THR C 216 18.25 31.77 21.76
N GLN C 217 18.01 30.47 21.81
CA GLN C 217 19.01 29.45 21.36
C GLN C 217 19.27 29.62 19.85
N LEU C 218 18.24 29.71 19.03
CA LEU C 218 18.51 29.75 17.57
C LEU C 218 19.08 31.11 17.12
N ARG C 219 18.75 32.22 17.78
CA ARG C 219 19.36 33.53 17.42
C ARG C 219 20.88 33.43 17.55
N GLU C 220 21.37 32.81 18.62
CA GLU C 220 22.82 32.75 18.91
C GLU C 220 23.48 31.66 18.05
N HIS C 221 22.97 30.42 18.15
CA HIS C 221 23.70 29.24 17.67
C HIS C 221 23.39 28.93 16.19
N VAL C 222 22.33 29.53 15.61
CA VAL C 222 22.06 29.30 14.16
C VAL C 222 22.18 30.62 13.42
N ILE C 223 21.37 31.62 13.75
CA ILE C 223 21.35 32.86 12.92
C ILE C 223 22.68 33.63 13.04
N ASP C 224 23.05 34.03 14.26
CA ASP C 224 24.27 34.83 14.45
C ASP C 224 25.48 34.04 13.98
N TRP C 225 25.51 32.73 14.25
CA TRP C 225 26.64 31.88 13.86
C TRP C 225 26.80 31.88 12.35
N VAL C 226 25.69 31.71 11.64
CA VAL C 226 25.72 31.69 10.15
C VAL C 226 26.07 33.07 9.55
N ILE C 227 25.55 34.18 10.08
CA ILE C 227 25.87 35.54 9.57
C ILE C 227 27.40 35.71 9.64
N LYS C 228 28.05 35.22 10.71
CA LYS C 228 29.51 35.33 10.86
C LYS C 228 30.24 34.34 9.95
N ASP C 229 29.69 33.13 9.80
CA ASP C 229 30.33 32.07 9.00
C ASP C 229 30.29 32.50 7.52
N ALA C 230 29.22 33.18 7.11
CA ALA C 230 28.96 33.60 5.71
C ALA C 230 29.70 34.90 5.39
N GLY C 231 30.17 35.58 6.44
CA GLY C 231 30.83 36.89 6.35
C GLY C 231 29.88 37.96 5.82
N ILE C 232 28.60 37.96 6.20
CA ILE C 232 27.66 39.00 5.71
C ILE C 232 27.28 39.98 6.83
N GLU C 233 28.11 40.22 7.85
CA GLU C 233 27.78 41.18 8.93
C GLU C 233 27.29 42.52 8.34
N ASP C 234 27.88 42.97 7.25
CA ASP C 234 27.62 44.30 6.64
C ASP C 234 26.21 44.34 6.02
N LEU C 235 25.64 43.19 5.66
CA LEU C 235 24.22 43.13 5.17
C LEU C 235 23.26 42.92 6.34
N ALA C 236 23.73 42.73 7.59
CA ALA C 236 22.88 42.26 8.70
C ALA C 236 22.91 43.30 9.82
N THR C 237 23.20 44.57 9.52
CA THR C 237 23.25 45.66 10.51
C THR C 237 21.81 46.11 10.79
N GLY C 238 21.59 46.83 11.88
CA GLY C 238 20.32 47.51 12.15
C GLY C 238 19.22 46.53 12.51
N GLU C 239 17.97 46.84 12.16
CA GLU C 239 16.79 46.05 12.60
C GLU C 239 16.60 44.86 11.65
N ILE C 240 16.70 43.64 12.15
CA ILE C 240 16.38 42.41 11.36
C ILE C 240 15.16 41.79 12.03
N THR C 241 14.08 41.51 11.30
CA THR C 241 12.89 40.85 11.89
C THR C 241 13.25 39.38 11.97
N VAL C 242 13.22 38.83 13.18
CA VAL C 242 13.52 37.38 13.37
C VAL C 242 12.27 36.71 13.93
N LEU C 243 11.75 35.72 13.19
CA LEU C 243 10.52 34.98 13.51
C LEU C 243 10.91 33.52 13.73
N ILE C 244 10.93 33.10 14.97
CA ILE C 244 11.27 31.71 15.37
C ILE C 244 10.00 31.03 15.85
N ASN C 245 9.58 29.93 15.20
CA ASN C 245 8.38 29.17 15.60
C ASN C 245 7.26 30.17 15.82
N PRO C 246 7.06 31.10 14.86
CA PRO C 246 6.04 32.13 15.01
C PRO C 246 4.61 31.56 15.11
N SER C 247 4.35 30.35 14.63
CA SER C 247 3.03 29.67 14.79
C SER C 247 2.89 28.88 16.11
N GLY C 248 3.89 28.91 16.99
CA GLY C 248 3.82 28.25 18.32
C GLY C 248 4.49 26.88 18.31
N SER C 249 3.94 25.91 19.04
CA SER C 249 4.58 24.59 19.34
C SER C 249 4.71 23.75 18.05
N PHE C 250 5.82 23.05 17.87
CA PHE C 250 6.08 22.15 16.72
C PHE C 250 6.65 20.84 17.27
N ILE C 251 5.82 20.00 17.88
CA ILE C 251 6.26 18.77 18.60
C ILE C 251 6.34 17.57 17.65
N LEU C 252 5.27 17.29 16.90
CA LEU C 252 5.23 16.22 15.87
C LEU C 252 5.71 16.85 14.58
N GLY C 253 6.39 16.07 13.76
CA GLY C 253 6.83 16.62 12.49
C GLY C 253 7.10 15.49 11.57
N GLY C 254 7.79 15.75 10.46
CA GLY C 254 8.10 14.72 9.46
C GLY C 254 6.78 14.24 8.85
N PRO C 255 6.70 12.98 8.40
CA PRO C 255 5.54 12.52 7.66
C PRO C 255 4.16 12.59 8.36
N MET C 256 4.15 12.59 9.68
CA MET C 256 2.90 12.58 10.48
C MET C 256 2.12 13.89 10.27
N GLY C 257 0.98 13.91 9.56
CA GLY C 257 0.19 15.12 9.20
C GLY C 257 0.78 16.02 8.11
N ASP C 258 1.87 15.63 7.42
CA ASP C 258 2.50 16.45 6.32
C ASP C 258 3.14 15.45 5.36
N ALA C 259 2.32 14.82 4.51
CA ALA C 259 2.76 13.80 3.54
C ALA C 259 3.89 14.43 2.72
N GLY C 260 4.88 13.64 2.37
CA GLY C 260 6.00 14.05 1.52
C GLY C 260 6.11 13.20 0.29
N LEU C 261 6.61 13.82 -0.79
CA LEU C 261 6.86 13.12 -2.06
C LEU C 261 8.21 13.53 -2.57
N THR C 262 8.86 12.66 -3.31
CA THR C 262 10.06 12.99 -4.11
C THR C 262 9.75 14.13 -5.09
N GLY C 263 10.68 15.06 -5.28
CA GLY C 263 10.60 16.09 -6.34
C GLY C 263 9.58 17.16 -6.06
N ARG C 264 9.34 17.46 -4.79
CA ARG C 264 8.44 18.53 -4.35
C ARG C 264 9.20 19.67 -3.64
N LYS C 265 10.51 19.74 -3.80
CA LYS C 265 11.34 20.87 -3.28
C LYS C 265 12.31 21.27 -4.38
N ILE C 266 11.82 21.42 -5.63
CA ILE C 266 12.72 21.61 -6.79
C ILE C 266 13.37 22.99 -6.76
N ILE C 267 12.78 23.97 -6.07
CA ILE C 267 13.28 25.36 -6.04
C ILE C 267 14.30 25.47 -4.90
N VAL C 268 14.05 24.83 -3.75
CA VAL C 268 15.06 24.62 -2.67
C VAL C 268 16.28 23.87 -3.22
N ASP C 269 16.08 22.93 -4.12
CA ASP C 269 17.17 22.10 -4.70
C ASP C 269 18.13 22.88 -5.60
N THR C 270 17.66 24.00 -6.15
CA THR C 270 18.33 24.72 -7.25
C THR C 270 18.73 26.10 -6.71
N TYR C 271 17.97 27.15 -7.03
CA TYR C 271 18.47 28.53 -6.82
C TYR C 271 17.47 29.34 -5.99
N GLY C 272 16.53 28.68 -5.29
CA GLY C 272 15.62 29.36 -4.35
C GLY C 272 14.74 30.43 -4.98
N GLY C 273 14.44 30.29 -6.25
CA GLY C 273 13.51 31.20 -6.94
C GLY C 273 14.24 32.32 -7.64
N MET C 274 15.57 32.43 -7.51
CA MET C 274 16.33 33.52 -8.18
C MET C 274 16.38 33.23 -9.68
N ALA C 275 16.52 31.96 -10.02
CA ALA C 275 16.57 31.49 -11.41
C ALA C 275 15.26 30.83 -11.82
N ARG C 276 14.98 30.85 -13.12
CA ARG C 276 13.89 30.07 -13.73
C ARG C 276 14.19 28.56 -13.62
N HIS C 277 13.16 27.75 -13.79
CA HIS C 277 13.19 26.27 -13.60
C HIS C 277 12.35 25.63 -14.71
N GLY C 278 12.78 24.48 -15.23
CA GLY C 278 12.07 23.73 -16.28
C GLY C 278 11.07 22.72 -15.77
N GLY C 279 11.04 22.43 -14.45
CA GLY C 279 9.99 21.55 -13.87
C GLY C 279 10.48 20.20 -13.42
N GLY C 280 11.63 19.75 -13.93
CA GLY C 280 12.20 18.41 -13.71
C GLY C 280 12.73 18.28 -12.29
N ALA C 281 12.35 17.23 -11.58
CA ALA C 281 12.95 16.85 -10.27
C ALA C 281 14.29 16.14 -10.50
N PHE C 282 15.18 16.15 -9.52
CA PHE C 282 16.49 15.47 -9.60
C PHE C 282 16.46 14.09 -8.95
N SER C 283 15.96 13.98 -7.72
CA SER C 283 16.25 12.81 -6.89
C SER C 283 15.54 11.56 -7.45
N GLY C 284 16.21 10.42 -7.31
CA GLY C 284 15.63 9.13 -7.71
C GLY C 284 15.88 8.84 -9.16
N LYS C 285 16.63 9.70 -9.85
CA LYS C 285 16.90 9.57 -11.30
C LYS C 285 18.40 9.35 -11.53
N ASP C 286 18.74 8.35 -12.32
CA ASP C 286 20.15 8.13 -12.73
C ASP C 286 20.53 9.22 -13.73
N PRO C 287 21.82 9.42 -14.00
CA PRO C 287 22.27 10.47 -14.94
C PRO C 287 21.84 10.41 -16.41
N SER C 288 21.32 9.28 -16.90
CA SER C 288 20.71 9.24 -18.25
C SER C 288 19.41 10.08 -18.30
N LYS C 289 18.84 10.50 -17.16
CA LYS C 289 17.68 11.42 -17.21
C LYS C 289 18.20 12.85 -17.39
N VAL C 290 17.87 13.48 -18.52
CA VAL C 290 18.29 14.87 -18.82
C VAL C 290 17.71 15.85 -17.79
N ASP C 291 16.54 15.56 -17.21
CA ASP C 291 16.05 16.42 -16.10
C ASP C 291 17.17 16.68 -15.09
N ARG C 292 18.04 15.72 -14.84
CA ARG C 292 19.10 15.87 -13.83
C ARG C 292 20.41 16.32 -14.53
N SER C 293 20.91 15.51 -15.46
CA SER C 293 22.25 15.71 -16.05
C SER C 293 22.30 17.04 -16.83
N ALA C 294 21.23 17.45 -17.50
CA ALA C 294 21.27 18.69 -18.31
C ALA C 294 21.16 19.92 -17.38
N ALA C 295 20.45 19.80 -16.26
CA ALA C 295 20.42 20.88 -15.25
C ALA C 295 21.82 21.03 -14.64
N TYR C 296 22.46 19.93 -14.30
CA TYR C 296 23.86 19.92 -13.83
C TYR C 296 24.74 20.59 -14.91
N ALA C 297 24.57 20.22 -16.20
CA ALA C 297 25.39 20.81 -17.30
C ALA C 297 25.15 22.31 -17.38
N MET C 298 23.94 22.77 -17.09
CA MET C 298 23.61 24.20 -17.22
C MET C 298 24.25 24.95 -16.06
N ARG C 299 24.35 24.35 -14.87
CA ARG C 299 25.04 25.02 -13.75
C ARG C 299 26.52 25.20 -14.15
N TRP C 300 27.10 24.12 -14.66
CA TRP C 300 28.50 24.03 -15.09
C TRP C 300 28.77 25.14 -16.12
N VAL C 301 27.90 25.25 -17.11
CA VAL C 301 28.03 26.29 -18.19
C VAL C 301 27.91 27.69 -17.55
N ALA C 302 26.83 27.95 -16.82
CA ALA C 302 26.56 29.25 -16.17
C ALA C 302 27.72 29.64 -15.23
N LYS C 303 28.28 28.73 -14.42
CA LYS C 303 29.39 29.04 -13.49
C LYS C 303 30.68 29.37 -14.27
N ASN C 304 30.96 28.63 -15.34
CA ASN C 304 32.16 28.91 -16.19
C ASN C 304 32.01 30.25 -16.93
N ILE C 305 30.82 30.61 -17.41
CA ILE C 305 30.55 31.94 -18.04
C ILE C 305 30.97 33.04 -17.06
N VAL C 306 30.54 32.89 -15.80
CA VAL C 306 30.78 33.92 -14.75
C VAL C 306 32.25 33.86 -14.33
N ALA C 307 32.82 32.66 -14.10
CA ALA C 307 34.24 32.49 -13.70
C ALA C 307 35.18 33.05 -14.79
N ALA C 308 34.76 32.99 -16.05
CA ALA C 308 35.56 33.41 -17.23
C ALA C 308 35.60 34.93 -17.35
N GLY C 309 34.74 35.62 -16.58
CA GLY C 309 34.61 37.09 -16.57
C GLY C 309 33.73 37.59 -17.70
N LEU C 310 32.78 36.78 -18.17
CA LEU C 310 31.91 37.19 -19.30
C LEU C 310 30.64 37.89 -18.79
N ALA C 311 30.33 37.79 -17.50
CA ALA C 311 29.11 38.36 -16.90
C ALA C 311 29.19 38.23 -15.39
N ASP C 312 28.44 39.04 -14.67
CA ASP C 312 28.32 38.90 -13.20
C ASP C 312 27.25 37.85 -12.85
N ARG C 313 26.26 37.66 -13.71
CA ARG C 313 25.13 36.72 -13.51
C ARG C 313 24.82 36.11 -14.86
N ALA C 314 24.58 34.81 -14.89
CA ALA C 314 24.24 34.13 -16.14
C ALA C 314 23.20 33.05 -15.82
N GLU C 315 22.16 33.01 -16.62
CA GLU C 315 21.10 31.96 -16.57
C GLU C 315 21.02 31.31 -17.96
N VAL C 316 21.06 29.98 -18.04
CA VAL C 316 21.03 29.29 -19.35
C VAL C 316 19.94 28.22 -19.34
N GLN C 317 19.06 28.27 -20.34
CA GLN C 317 18.12 27.17 -20.60
C GLN C 317 18.73 26.25 -21.65
N VAL C 318 18.41 24.97 -21.51
CA VAL C 318 18.67 23.94 -22.54
C VAL C 318 17.40 23.09 -22.68
N ALA C 319 17.18 22.52 -23.86
CA ALA C 319 15.98 21.72 -24.08
C ALA C 319 16.28 20.62 -25.10
N TYR C 320 15.58 19.49 -24.91
CA TYR C 320 15.81 18.25 -25.68
C TYR C 320 14.47 17.78 -26.27
N ALA C 321 14.57 16.95 -27.30
CA ALA C 321 13.43 16.15 -27.79
C ALA C 321 13.78 14.68 -27.63
N ILE C 322 12.82 13.86 -27.19
CA ILE C 322 13.04 12.39 -27.02
C ILE C 322 13.54 11.87 -28.36
N GLY C 323 14.63 11.09 -28.35
CA GLY C 323 15.17 10.44 -29.54
C GLY C 323 16.31 11.21 -30.20
N ARG C 324 16.67 12.39 -29.68
CA ARG C 324 17.71 13.24 -30.30
C ARG C 324 18.79 13.60 -29.27
N ALA C 325 20.07 13.56 -29.69
CA ALA C 325 21.23 13.76 -28.80
C ALA C 325 21.48 15.27 -28.64
N LYS C 326 21.60 16.00 -29.76
CA LYS C 326 21.87 17.48 -29.72
C LYS C 326 20.64 18.22 -29.19
N PRO C 327 20.82 19.21 -28.28
CA PRO C 327 19.69 20.00 -27.79
C PRO C 327 18.86 20.65 -28.90
N VAL C 328 17.54 20.71 -28.74
CA VAL C 328 16.67 21.49 -29.68
C VAL C 328 16.67 22.97 -29.30
N GLY C 329 17.14 23.30 -28.08
CA GLY C 329 17.14 24.70 -27.61
C GLY C 329 18.29 24.98 -26.68
N LEU C 330 18.84 26.20 -26.77
CA LEU C 330 19.83 26.76 -25.83
C LEU C 330 19.54 28.26 -25.74
N TYR C 331 19.55 28.86 -24.55
CA TYR C 331 19.18 30.27 -24.34
C TYR C 331 20.03 30.86 -23.22
N VAL C 332 20.94 31.77 -23.55
CA VAL C 332 21.84 32.45 -22.57
C VAL C 332 21.25 33.82 -22.22
N GLU C 333 21.09 34.14 -20.92
CA GLU C 333 20.65 35.47 -20.42
C GLU C 333 21.67 35.94 -19.39
N THR C 334 22.25 37.15 -19.54
CA THR C 334 23.22 37.67 -18.53
C THR C 334 22.73 38.97 -17.88
N PHE C 335 21.46 39.31 -18.09
CA PHE C 335 20.72 40.38 -17.40
C PHE C 335 21.46 41.73 -17.50
N ASP C 336 22.07 42.03 -18.65
CA ASP C 336 22.87 43.28 -18.85
C ASP C 336 24.13 43.30 -17.98
N THR C 337 24.58 42.18 -17.39
CA THR C 337 25.86 42.15 -16.63
C THR C 337 27.00 41.69 -17.54
N ASN C 338 26.69 41.43 -18.81
CA ASN C 338 27.67 40.98 -19.84
C ASN C 338 28.78 42.04 -19.97
N LYS C 339 30.02 41.59 -19.95
CA LYS C 339 31.25 42.43 -20.00
C LYS C 339 31.93 42.27 -21.37
N GLU C 340 33.01 43.02 -21.58
CA GLU C 340 33.98 42.87 -22.71
C GLU C 340 33.29 43.14 -24.06
N GLY C 341 32.18 43.87 -24.04
CA GLY C 341 31.43 44.28 -25.24
C GLY C 341 30.71 43.12 -25.91
N LEU C 342 30.65 41.94 -25.27
CA LEU C 342 29.97 40.72 -25.80
C LEU C 342 28.48 40.79 -25.55
N SER C 343 27.67 40.34 -26.50
CA SER C 343 26.21 40.12 -26.36
C SER C 343 26.00 38.69 -25.87
N ASP C 344 24.76 38.36 -25.48
CA ASP C 344 24.43 37.00 -24.97
C ASP C 344 24.41 36.02 -26.16
N GLU C 345 24.03 36.51 -27.34
CA GLU C 345 24.14 35.75 -28.63
C GLU C 345 25.61 35.37 -28.85
N GLN C 346 26.57 36.26 -28.59
CA GLN C 346 28.01 35.97 -28.75
C GLN C 346 28.50 35.01 -27.66
N ILE C 347 28.08 35.20 -26.41
CA ILE C 347 28.47 34.25 -25.32
C ILE C 347 27.94 32.87 -25.69
N GLN C 348 26.70 32.82 -26.20
CA GLN C 348 26.04 31.54 -26.55
C GLN C 348 26.84 30.85 -27.66
N ALA C 349 27.36 31.54 -28.67
CA ALA C 349 28.19 30.88 -29.72
C ALA C 349 29.44 30.24 -29.09
N ALA C 350 30.10 30.93 -28.15
CA ALA C 350 31.28 30.42 -27.42
C ALA C 350 30.89 29.14 -26.66
N VAL C 351 29.72 29.16 -26.04
CA VAL C 351 29.22 28.00 -25.24
C VAL C 351 29.09 26.79 -26.18
N LEU C 352 28.49 26.98 -27.35
CA LEU C 352 28.24 25.91 -28.36
C LEU C 352 29.55 25.35 -28.91
N GLU C 353 30.61 26.16 -28.96
CA GLU C 353 31.95 25.73 -29.45
C GLU C 353 32.65 24.88 -28.38
N VAL C 354 32.49 25.23 -27.10
CA VAL C 354 33.32 24.66 -25.99
C VAL C 354 32.62 23.44 -25.39
N PHE C 355 31.29 23.47 -25.28
CA PHE C 355 30.53 22.51 -24.45
C PHE C 355 29.84 21.48 -25.34
N ASP C 356 30.08 20.19 -25.09
CA ASP C 356 29.29 19.12 -25.76
C ASP C 356 28.07 18.80 -24.87
N LEU C 357 26.87 19.17 -25.31
CA LEU C 357 25.65 19.08 -24.48
C LEU C 357 24.79 17.90 -24.93
N ARG C 358 25.36 16.92 -25.65
CA ARG C 358 24.66 15.63 -25.85
C ARG C 358 24.67 14.90 -24.50
N PRO C 359 23.58 14.25 -24.09
CA PRO C 359 23.55 13.64 -22.76
C PRO C 359 24.75 12.73 -22.46
N ALA C 360 25.13 11.86 -23.40
CA ALA C 360 26.24 10.91 -23.21
C ALA C 360 27.57 11.64 -22.95
N ALA C 361 27.75 12.81 -23.57
CA ALA C 361 28.97 13.64 -23.48
C ALA C 361 29.02 14.34 -22.13
N ILE C 362 27.88 14.81 -21.64
CA ILE C 362 27.75 15.40 -20.27
C ILE C 362 28.09 14.31 -19.25
N ILE C 363 27.44 13.16 -19.36
CA ILE C 363 27.72 12.02 -18.43
C ILE C 363 29.23 11.72 -18.44
N ARG C 364 29.87 11.66 -19.61
CA ARG C 364 31.33 11.35 -19.76
C ARG C 364 32.19 12.45 -19.12
N GLU C 365 32.02 13.72 -19.53
CA GLU C 365 32.90 14.83 -19.08
C GLU C 365 32.71 15.08 -17.58
N LEU C 366 31.52 14.85 -17.03
CA LEU C 366 31.33 15.16 -15.59
C LEU C 366 31.47 13.86 -14.77
N ASP C 367 31.71 12.72 -15.43
CA ASP C 367 31.89 11.41 -14.76
C ASP C 367 30.73 11.20 -13.78
N LEU C 368 29.52 11.15 -14.30
CA LEU C 368 28.30 11.16 -13.44
C LEU C 368 27.95 9.75 -12.92
N LEU C 369 28.53 8.67 -13.45
CA LEU C 369 28.11 7.28 -13.06
C LEU C 369 28.83 6.84 -11.78
N ARG C 370 28.64 7.59 -10.71
CA ARG C 370 29.25 7.36 -9.39
C ARG C 370 28.18 7.66 -8.35
N PRO C 371 28.29 7.00 -7.17
CA PRO C 371 27.30 7.15 -6.10
C PRO C 371 27.55 8.41 -5.28
N ILE C 372 27.25 9.57 -5.89
CA ILE C 372 27.52 10.93 -5.33
C ILE C 372 26.22 11.68 -5.02
N TYR C 373 25.05 11.07 -5.19
CA TYR C 373 23.77 11.81 -5.26
C TYR C 373 23.09 11.93 -3.88
N ALA C 374 23.22 10.98 -2.95
CA ALA C 374 22.47 11.04 -1.67
C ALA C 374 22.85 12.35 -0.95
N ASP C 375 24.07 12.81 -1.17
CA ASP C 375 24.62 14.03 -0.51
C ASP C 375 23.94 15.29 -1.06
N THR C 376 23.42 15.23 -2.29
CA THR C 376 22.73 16.36 -2.96
C THR C 376 21.27 16.49 -2.54
N ALA C 377 20.71 15.53 -1.81
CA ALA C 377 19.24 15.39 -1.66
C ALA C 377 18.70 16.31 -0.55
N ALA C 378 19.56 16.97 0.19
CA ALA C 378 19.20 18.08 1.08
C ALA C 378 20.28 19.16 0.99
N TYR C 379 19.90 20.39 1.25
CA TYR C 379 20.81 21.54 1.43
C TYR C 379 21.26 22.04 0.05
N GLY C 380 20.60 21.56 -1.04
CA GLY C 380 20.79 22.05 -2.41
C GLY C 380 21.82 21.27 -3.23
N HIS C 381 21.65 21.28 -4.55
CA HIS C 381 22.53 20.53 -5.48
C HIS C 381 23.69 21.41 -5.94
N PHE C 382 23.61 22.73 -5.71
CA PHE C 382 24.58 23.70 -6.30
C PHE C 382 25.25 24.51 -5.20
N GLY C 383 26.50 24.90 -5.48
CA GLY C 383 27.28 25.77 -4.57
C GLY C 383 27.61 25.08 -3.28
N ARG C 384 27.91 23.78 -3.35
CA ARG C 384 28.15 22.91 -2.18
C ARG C 384 29.64 22.81 -1.92
N THR C 385 30.12 23.72 -1.08
CA THR C 385 31.55 23.82 -0.71
C THR C 385 31.89 22.63 0.21
N ASP C 386 30.91 21.93 0.79
CA ASP C 386 31.15 20.71 1.61
C ASP C 386 31.30 19.46 0.71
N LEU C 387 31.01 19.57 -0.58
CA LEU C 387 31.08 18.40 -1.51
C LEU C 387 32.09 18.75 -2.59
N ASP C 388 32.48 17.80 -3.45
CA ASP C 388 33.35 18.07 -4.61
C ASP C 388 32.60 17.61 -5.86
N LEU C 389 31.59 18.37 -6.27
CA LEU C 389 30.61 17.96 -7.29
C LEU C 389 31.13 18.40 -8.65
N PRO C 390 31.10 17.52 -9.67
CA PRO C 390 31.82 17.74 -10.93
C PRO C 390 31.29 18.97 -11.67
N TRP C 391 29.99 19.28 -11.49
CA TRP C 391 29.29 20.38 -12.19
C TRP C 391 29.64 21.72 -11.55
N GLU C 392 30.47 21.72 -10.50
CA GLU C 392 30.92 22.97 -9.83
C GLU C 392 32.31 23.35 -10.33
N ALA C 393 32.89 22.59 -11.26
CA ALA C 393 34.29 22.82 -11.70
C ALA C 393 34.33 24.04 -12.63
N ILE C 394 35.28 24.95 -12.42
CA ILE C 394 35.43 26.12 -13.34
C ILE C 394 36.63 25.88 -14.27
N ASP C 395 36.61 24.69 -14.88
CA ASP C 395 37.70 24.05 -15.65
C ASP C 395 37.56 24.38 -17.14
N ARG C 396 36.60 25.27 -17.53
CA ARG C 396 36.32 25.56 -18.96
C ARG C 396 36.49 27.05 -19.27
N VAL C 397 36.97 27.86 -18.32
CA VAL C 397 37.06 29.34 -18.51
C VAL C 397 38.06 29.62 -19.66
N ASP C 398 39.18 28.90 -19.69
CA ASP C 398 40.28 29.07 -20.69
C ASP C 398 39.72 28.90 -22.11
N GLU C 399 38.94 27.84 -22.34
CA GLU C 399 38.35 27.52 -23.66
C GLU C 399 37.31 28.57 -24.05
N LEU C 400 36.55 29.10 -23.07
CA LEU C 400 35.55 30.15 -23.38
C LEU C 400 36.28 31.45 -23.79
N ARG C 401 37.25 31.90 -23.01
CA ARG C 401 38.03 33.14 -23.31
C ARG C 401 38.65 33.00 -24.71
N ALA C 402 39.27 31.84 -24.97
CA ALA C 402 40.05 31.50 -26.20
C ALA C 402 39.12 31.41 -27.41
N ALA C 403 37.84 31.10 -27.22
CA ALA C 403 36.83 31.02 -28.30
C ALA C 403 36.23 32.41 -28.54
N LEU C 404 36.40 33.33 -27.59
CA LEU C 404 35.93 34.73 -27.74
C LEU C 404 37.12 35.65 -28.04
N LYS C 405 38.31 35.06 -28.26
CA LYS C 405 39.55 35.77 -28.68
C LYS C 405 39.93 36.79 -27.59
N LEU C 406 39.88 36.38 -26.32
CA LEU C 406 40.17 37.25 -25.15
C LEU C 406 41.51 36.85 -24.55
N ALA C 407 42.19 37.80 -23.89
CA ALA C 407 43.39 37.58 -23.04
C ALA C 407 43.14 36.41 -22.08
N GLN D 3 32.76 38.78 -33.52
CA GLN D 3 32.63 37.43 -32.90
C GLN D 3 31.38 36.72 -33.42
N PRO D 4 31.42 35.39 -33.55
CA PRO D 4 30.25 34.62 -33.98
C PRO D 4 29.03 34.85 -33.08
N THR D 5 27.83 34.85 -33.65
CA THR D 5 26.56 34.96 -32.89
C THR D 5 25.76 33.67 -33.07
N ALA D 6 25.01 33.28 -32.04
CA ALA D 6 24.02 32.17 -32.08
C ALA D 6 22.62 32.75 -31.84
N VAL D 7 21.60 32.16 -32.44
CA VAL D 7 20.19 32.58 -32.22
C VAL D 7 19.73 31.93 -30.90
N ARG D 8 19.19 32.72 -29.99
CA ARG D 8 18.77 32.18 -28.67
C ARG D 8 17.45 31.45 -28.93
N LEU D 9 17.27 30.28 -28.31
CA LEU D 9 16.07 29.45 -28.53
C LEU D 9 15.50 29.03 -27.18
N PHE D 10 14.28 29.49 -26.90
CA PHE D 10 13.56 29.24 -25.64
C PHE D 10 12.42 28.24 -25.87
N THR D 11 12.28 27.30 -24.92
CA THR D 11 11.36 26.14 -25.02
C THR D 11 10.42 26.05 -23.81
N SER D 12 9.16 25.73 -24.08
CA SER D 12 8.14 25.37 -23.05
C SER D 12 7.45 24.08 -23.47
N GLU D 13 6.86 23.40 -22.50
CA GLU D 13 6.24 22.09 -22.73
C GLU D 13 4.88 22.06 -22.07
N SER D 14 4.06 21.13 -22.53
CA SER D 14 2.78 20.79 -21.88
C SER D 14 2.56 19.29 -22.04
N VAL D 15 1.60 18.78 -21.29
CA VAL D 15 1.24 17.34 -21.34
C VAL D 15 -0.27 17.25 -21.34
N THR D 16 -0.79 16.11 -21.79
CA THR D 16 -2.23 15.83 -21.79
C THR D 16 -2.66 15.48 -20.37
N GLU D 17 -3.96 15.43 -20.17
CA GLU D 17 -4.65 14.94 -18.95
C GLU D 17 -4.32 13.48 -18.67
N GLY D 18 -3.84 12.72 -19.66
CA GLY D 18 -3.45 11.30 -19.50
C GLY D 18 -2.00 11.09 -19.14
N HIS D 19 -1.20 12.15 -19.01
CA HIS D 19 0.21 11.98 -18.57
C HIS D 19 0.12 11.57 -17.09
N PRO D 20 0.92 10.62 -16.58
CA PRO D 20 0.68 10.14 -15.22
C PRO D 20 0.73 11.22 -14.11
N ASP D 21 1.67 12.18 -14.17
CA ASP D 21 1.73 13.34 -13.24
C ASP D 21 0.39 14.09 -13.29
N LYS D 22 -0.15 14.34 -14.49
CA LYS D 22 -1.43 15.11 -14.57
C LYS D 22 -2.61 14.28 -14.15
N ILE D 23 -2.53 12.96 -14.31
CA ILE D 23 -3.58 12.09 -13.71
C ILE D 23 -3.63 12.39 -12.20
N CYS D 24 -2.50 12.46 -11.56
CA CYS D 24 -2.45 12.65 -10.08
C CYS D 24 -2.99 14.02 -9.73
N ASP D 25 -2.59 15.05 -10.48
CA ASP D 25 -3.08 16.43 -10.23
C ASP D 25 -4.61 16.44 -10.31
N ALA D 26 -5.17 15.81 -11.35
CA ALA D 26 -6.61 15.73 -11.61
C ALA D 26 -7.35 15.00 -10.48
N ILE D 27 -6.86 13.85 -10.03
CA ILE D 27 -7.50 13.07 -8.95
C ILE D 27 -7.49 13.94 -7.68
N SER D 28 -6.34 14.51 -7.33
CA SER D 28 -6.18 15.36 -6.13
C SER D 28 -7.21 16.49 -6.16
N ASP D 29 -7.39 17.15 -7.31
CA ASP D 29 -8.31 18.31 -7.42
C ASP D 29 -9.76 17.84 -7.59
N THR D 30 -10.00 16.63 -8.11
CA THR D 30 -11.36 16.06 -8.15
C THR D 30 -11.82 15.76 -6.73
N ILE D 31 -10.95 15.22 -5.87
CA ILE D 31 -11.31 15.03 -4.45
C ILE D 31 -11.59 16.38 -3.78
N LEU D 32 -10.73 17.36 -3.96
CA LEU D 32 -10.92 18.71 -3.40
C LEU D 32 -12.29 19.26 -3.83
N ASP D 33 -12.55 19.29 -5.14
CA ASP D 33 -13.82 19.83 -5.65
C ASP D 33 -14.99 19.12 -4.99
N ALA D 34 -14.95 17.78 -4.85
CA ALA D 34 -16.10 17.01 -4.28
C ALA D 34 -16.30 17.45 -2.85
N LEU D 35 -15.20 17.71 -2.10
CA LEU D 35 -15.33 18.13 -0.70
C LEU D 35 -15.85 19.59 -0.61
N LEU D 36 -15.35 20.50 -1.42
CA LEU D 36 -15.74 21.94 -1.39
C LEU D 36 -17.23 22.08 -1.76
N GLU D 37 -17.71 21.22 -2.66
CA GLU D 37 -19.15 21.14 -3.12
C GLU D 37 -20.09 20.99 -1.91
N LYS D 38 -19.79 20.12 -0.94
CA LYS D 38 -20.68 19.87 0.22
C LYS D 38 -20.20 20.64 1.45
N ASP D 39 -18.92 21.04 1.51
CA ASP D 39 -18.34 21.77 2.68
C ASP D 39 -17.27 22.75 2.18
N PRO D 40 -17.66 23.99 1.87
CA PRO D 40 -16.73 24.98 1.35
C PRO D 40 -15.58 25.32 2.32
N GLN D 41 -15.71 25.03 3.62
CA GLN D 41 -14.68 25.28 4.66
C GLN D 41 -13.71 24.09 4.75
N SER D 42 -13.78 23.11 3.84
CA SER D 42 -12.91 21.90 3.91
C SER D 42 -11.44 22.29 3.86
N ARG D 43 -10.63 21.74 4.77
CA ARG D 43 -9.15 21.78 4.68
C ARG D 43 -8.69 20.49 4.01
N VAL D 44 -7.96 20.62 2.91
CA VAL D 44 -7.58 19.48 2.03
C VAL D 44 -6.08 19.58 1.74
N ALA D 45 -5.35 18.51 2.00
CA ALA D 45 -3.97 18.35 1.49
C ALA D 45 -3.82 16.88 1.05
N VAL D 46 -4.20 16.60 -0.19
CA VAL D 46 -4.31 15.21 -0.70
C VAL D 46 -3.37 15.07 -1.90
N GLU D 47 -2.43 14.15 -1.77
CA GLU D 47 -1.43 13.78 -2.80
C GLU D 47 -1.90 12.44 -3.38
N THR D 48 -1.72 12.30 -4.68
CA THR D 48 -2.03 11.07 -5.45
C THR D 48 -0.72 10.54 -6.02
N VAL D 49 -0.55 9.23 -5.99
CA VAL D 49 0.59 8.53 -6.60
C VAL D 49 0.00 7.44 -7.48
N VAL D 50 0.49 7.35 -8.70
CA VAL D 50 0.10 6.30 -9.66
C VAL D 50 1.35 5.54 -10.10
N THR D 51 1.19 4.24 -10.18
CA THR D 51 2.18 3.35 -10.82
C THR D 51 1.41 2.17 -11.40
N THR D 52 2.11 1.25 -12.03
CA THR D 52 1.43 0.10 -12.68
C THR D 52 0.29 -0.42 -11.79
N GLY D 53 -0.95 -0.37 -12.26
CA GLY D 53 -2.08 -1.08 -11.60
C GLY D 53 -2.66 -0.34 -10.40
N ILE D 54 -2.05 0.76 -9.93
CA ILE D 54 -2.54 1.27 -8.63
C ILE D 54 -2.55 2.79 -8.53
N VAL D 55 -3.58 3.24 -7.85
CA VAL D 55 -3.67 4.62 -7.34
C VAL D 55 -3.56 4.59 -5.83
N HIS D 56 -2.66 5.38 -5.28
CA HIS D 56 -2.59 5.55 -3.81
C HIS D 56 -2.82 7.03 -3.50
N VAL D 57 -3.86 7.31 -2.73
CA VAL D 57 -4.25 8.67 -2.30
C VAL D 57 -3.83 8.82 -0.84
N VAL D 58 -3.06 9.88 -0.50
CA VAL D 58 -2.49 10.07 0.87
C VAL D 58 -2.72 11.52 1.29
N GLY D 59 -2.72 11.72 2.58
CA GLY D 59 -2.66 13.08 3.13
C GLY D 59 -3.68 13.26 4.21
N GLU D 60 -4.20 14.46 4.34
CA GLU D 60 -5.00 14.90 5.52
C GLU D 60 -6.16 15.77 5.04
N VAL D 61 -7.34 15.61 5.63
CA VAL D 61 -8.55 16.40 5.30
C VAL D 61 -9.24 16.77 6.61
N ARG D 62 -9.83 17.96 6.69
CA ARG D 62 -10.72 18.40 7.79
C ARG D 62 -12.03 18.86 7.15
N THR D 63 -13.12 18.15 7.38
CA THR D 63 -14.32 18.32 6.55
C THR D 63 -15.52 17.72 7.27
N SER D 64 -16.69 18.30 7.05
CA SER D 64 -17.96 17.65 7.46
C SER D 64 -18.51 16.80 6.32
N ALA D 65 -17.98 16.92 5.11
CA ALA D 65 -18.52 16.24 3.90
C ALA D 65 -18.12 14.75 3.89
N TYR D 66 -19.04 13.87 3.45
CA TYR D 66 -18.74 12.50 2.96
C TYR D 66 -18.58 12.49 1.45
N VAL D 67 -17.41 12.05 0.97
CA VAL D 67 -17.18 11.70 -0.46
C VAL D 67 -16.61 10.29 -0.49
N ALA D 68 -17.08 9.52 -1.48
CA ALA D 68 -16.65 8.14 -1.81
C ALA D 68 -15.44 8.25 -2.70
N ILE D 69 -14.24 8.24 -2.11
CA ILE D 69 -13.01 8.54 -2.88
C ILE D 69 -12.76 7.46 -3.92
N PRO D 70 -12.82 6.15 -3.60
CA PRO D 70 -12.55 5.15 -4.62
C PRO D 70 -13.39 5.38 -5.90
N GLN D 71 -14.70 5.64 -5.77
CA GLN D 71 -15.56 5.79 -6.98
C GLN D 71 -15.12 7.06 -7.71
N LEU D 72 -14.71 8.13 -7.01
CA LEU D 72 -14.29 9.39 -7.67
C LEU D 72 -13.06 9.10 -8.55
N VAL D 73 -12.13 8.36 -8.00
CA VAL D 73 -10.88 7.99 -8.70
C VAL D 73 -11.26 7.19 -9.94
N ARG D 74 -12.07 6.14 -9.80
CA ARG D 74 -12.29 5.21 -10.94
C ARG D 74 -12.96 5.99 -12.09
N ASN D 75 -13.92 6.84 -11.74
CA ASN D 75 -14.69 7.62 -12.73
C ASN D 75 -13.78 8.62 -13.42
N LYS D 76 -12.85 9.22 -12.68
CA LYS D 76 -11.92 10.20 -13.30
C LYS D 76 -11.00 9.50 -14.30
N LEU D 77 -10.48 8.32 -13.96
CA LEU D 77 -9.61 7.55 -14.88
C LEU D 77 -10.39 7.18 -16.14
N ILE D 78 -11.65 6.78 -15.97
CA ILE D 78 -12.56 6.43 -17.11
C ILE D 78 -12.69 7.67 -18.02
N GLU D 79 -12.99 8.85 -17.44
CA GLU D 79 -13.18 10.12 -18.22
C GLU D 79 -11.90 10.44 -18.99
N ILE D 80 -10.73 10.23 -18.38
CA ILE D 80 -9.43 10.49 -19.07
C ILE D 80 -9.22 9.54 -20.25
N GLY D 81 -9.73 8.31 -20.15
CA GLY D 81 -9.69 7.33 -21.24
C GLY D 81 -8.95 6.05 -20.87
N PHE D 82 -8.52 5.89 -19.61
CA PHE D 82 -7.89 4.64 -19.09
C PHE D 82 -8.97 3.66 -18.61
N ASN D 83 -9.43 2.81 -19.53
CA ASN D 83 -10.67 2.00 -19.34
C ASN D 83 -10.38 0.56 -19.76
N SER D 84 -9.11 0.19 -19.89
CA SER D 84 -8.73 -1.18 -20.30
C SER D 84 -7.26 -1.50 -20.00
N SER D 85 -6.99 -2.77 -19.68
CA SER D 85 -5.61 -3.28 -19.56
C SER D 85 -4.88 -3.11 -20.90
N GLU D 86 -5.62 -3.13 -22.02
CA GLU D 86 -5.04 -2.95 -23.37
C GLU D 86 -4.42 -1.54 -23.53
N VAL D 87 -4.97 -0.51 -22.88
CA VAL D 87 -4.36 0.86 -22.95
C VAL D 87 -3.36 1.06 -21.80
N GLY D 88 -3.24 0.09 -20.88
CA GLY D 88 -2.16 0.08 -19.86
C GLY D 88 -2.66 0.39 -18.46
N PHE D 89 -3.94 0.75 -18.33
CA PHE D 89 -4.53 1.20 -17.05
C PHE D 89 -6.05 1.20 -17.21
N ASP D 90 -6.81 0.68 -16.23
CA ASP D 90 -8.30 0.63 -16.29
C ASP D 90 -8.89 1.11 -14.97
N GLY D 91 -9.58 2.25 -14.99
CA GLY D 91 -10.24 2.76 -13.79
C GLY D 91 -11.19 1.75 -13.18
N ARG D 92 -11.81 0.88 -14.00
CA ARG D 92 -12.82 -0.08 -13.48
C ARG D 92 -12.18 -1.18 -12.65
N THR D 93 -10.91 -1.53 -12.88
CA THR D 93 -10.28 -2.77 -12.35
C THR D 93 -8.94 -2.49 -11.63
N CYS D 94 -8.51 -1.25 -11.55
CA CYS D 94 -7.19 -0.91 -10.98
C CYS D 94 -7.32 -0.91 -9.45
N GLY D 95 -6.17 -0.98 -8.77
CA GLY D 95 -6.08 -0.82 -7.32
C GLY D 95 -6.38 0.62 -6.93
N VAL D 96 -7.11 0.81 -5.84
CA VAL D 96 -7.25 2.17 -5.20
C VAL D 96 -7.03 1.99 -3.70
N SER D 97 -6.01 2.66 -3.17
CA SER D 97 -5.69 2.58 -1.73
C SER D 97 -5.71 4.00 -1.17
N VAL D 98 -6.28 4.18 0.01
CA VAL D 98 -6.53 5.52 0.62
C VAL D 98 -5.84 5.53 2.00
N SER D 99 -4.93 6.50 2.21
CA SER D 99 -4.23 6.66 3.51
C SER D 99 -4.38 8.14 3.91
N ILE D 100 -5.61 8.50 4.23
CA ILE D 100 -5.97 9.91 4.58
C ILE D 100 -6.38 10.01 6.06
N GLY D 101 -5.72 10.87 6.83
CA GLY D 101 -6.09 11.21 8.21
C GLY D 101 -7.24 12.24 8.23
N GLU D 102 -8.22 12.09 9.11
CA GLU D 102 -9.43 12.98 9.11
C GLU D 102 -9.51 13.79 10.41
N GLN D 103 -8.53 13.64 11.31
CA GLN D 103 -8.53 14.24 12.67
C GLN D 103 -7.08 14.49 13.10
N ASP D 126 -11.98 38.10 10.42
CA ASP D 126 -11.66 36.89 9.63
C ASP D 126 -10.37 37.11 8.81
N ASP D 127 -10.15 38.35 8.31
CA ASP D 127 -9.09 38.70 7.33
C ASP D 127 -7.71 38.78 8.03
N ARG D 128 -7.67 38.65 9.35
CA ARG D 128 -6.41 38.75 10.14
C ARG D 128 -5.83 37.36 10.44
N ALA D 129 -6.39 36.28 9.85
CA ALA D 129 -5.94 34.88 10.02
C ALA D 129 -4.56 34.72 9.37
N GLY D 130 -3.56 34.29 10.14
CA GLY D 130 -2.19 34.07 9.63
C GLY D 130 -2.12 33.06 8.49
N ALA D 131 -1.07 33.13 7.67
CA ALA D 131 -0.68 32.10 6.67
C ALA D 131 -0.46 30.75 7.38
N GLY D 132 -0.88 29.67 6.75
CA GLY D 132 -0.74 28.29 7.28
C GLY D 132 0.66 27.76 7.07
N ASP D 133 1.48 28.45 6.26
CA ASP D 133 2.88 28.02 6.02
C ASP D 133 3.72 29.22 5.59
N GLN D 134 5.04 29.05 5.67
CA GLN D 134 5.97 29.97 5.01
C GLN D 134 5.91 29.66 3.50
N GLY D 135 6.65 30.41 2.71
CA GLY D 135 6.80 30.10 1.28
C GLY D 135 6.84 31.37 0.46
N LEU D 136 7.23 31.17 -0.78
CA LEU D 136 7.36 32.22 -1.81
C LEU D 136 6.54 31.76 -3.01
N MET D 137 5.90 32.72 -3.67
CA MET D 137 4.96 32.49 -4.78
C MET D 137 5.22 33.58 -5.83
N PHE D 138 5.22 33.19 -7.10
CA PHE D 138 5.39 34.13 -8.23
C PHE D 138 4.16 34.14 -9.12
N GLY D 139 3.87 35.31 -9.67
CA GLY D 139 2.85 35.54 -10.70
C GLY D 139 3.45 36.29 -11.86
N TYR D 140 2.90 36.12 -13.05
CA TYR D 140 3.45 36.69 -14.27
C TYR D 140 2.34 37.07 -15.22
N ALA D 141 2.63 38.05 -16.07
CA ALA D 141 1.72 38.38 -17.17
C ALA D 141 2.50 39.12 -18.25
N THR D 142 2.04 39.01 -19.48
CA THR D 142 2.74 39.64 -20.63
C THR D 142 1.67 39.99 -21.64
N ASN D 143 1.73 41.17 -22.25
CA ASN D 143 0.64 41.55 -23.21
C ASN D 143 0.98 40.98 -24.59
N GLU D 144 1.92 40.05 -24.71
CA GLU D 144 2.27 39.43 -26.01
C GLU D 144 1.13 38.54 -26.57
N THR D 145 0.21 38.02 -25.74
CA THR D 145 -0.98 37.25 -26.18
C THR D 145 -2.20 37.90 -25.56
N GLU D 146 -3.40 37.74 -26.16
CA GLU D 146 -4.67 38.25 -25.60
C GLU D 146 -4.92 37.68 -24.19
N GLU D 147 -4.49 36.45 -23.92
CA GLU D 147 -4.74 35.84 -22.58
C GLU D 147 -3.66 36.25 -21.58
N TYR D 148 -2.75 37.16 -21.96
CA TYR D 148 -1.68 37.72 -21.07
C TYR D 148 -0.66 36.62 -20.68
N MET D 149 -0.36 35.69 -21.59
CA MET D 149 0.52 34.51 -21.35
C MET D 149 1.70 34.59 -22.28
N PRO D 150 2.87 34.05 -21.86
CA PRO D 150 4.01 33.90 -22.74
C PRO D 150 3.56 33.03 -23.94
N LEU D 151 4.03 33.34 -25.14
CA LEU D 151 3.66 32.55 -26.36
C LEU D 151 4.15 31.09 -26.27
N PRO D 152 5.34 30.76 -25.73
CA PRO D 152 5.80 29.36 -25.77
C PRO D 152 4.90 28.42 -24.96
N ILE D 153 4.61 28.72 -23.68
CA ILE D 153 3.61 27.91 -22.91
C ILE D 153 2.19 28.03 -23.49
N ALA D 154 1.77 29.19 -24.00
CA ALA D 154 0.42 29.38 -24.58
C ALA D 154 0.27 28.38 -25.73
N LEU D 155 1.27 28.27 -26.57
CA LEU D 155 1.23 27.36 -27.75
C LEU D 155 1.33 25.90 -27.27
N ALA D 156 2.27 25.58 -26.36
CA ALA D 156 2.42 24.18 -25.86
C ALA D 156 1.07 23.69 -25.30
N HIS D 157 0.36 24.48 -24.50
CA HIS D 157 -0.96 24.15 -23.89
C HIS D 157 -2.00 23.99 -25.01
N ARG D 158 -2.00 24.88 -26.00
CA ARG D 158 -3.00 24.74 -27.08
C ARG D 158 -2.78 23.38 -27.73
N LEU D 159 -1.53 22.99 -27.99
CA LEU D 159 -1.25 21.71 -28.69
C LEU D 159 -1.74 20.54 -27.82
N SER D 160 -1.50 20.57 -26.51
CA SER D 160 -1.83 19.41 -25.65
C SER D 160 -3.33 19.32 -25.54
N ARG D 161 -4.04 20.47 -25.42
CA ARG D 161 -5.50 20.51 -25.34
C ARG D 161 -6.05 19.99 -26.69
N ARG D 162 -5.46 20.43 -27.80
CA ARG D 162 -5.90 19.98 -29.15
C ARG D 162 -5.67 18.46 -29.29
N LEU D 163 -4.50 17.98 -28.91
CA LEU D 163 -4.16 16.52 -28.92
C LEU D 163 -5.24 15.73 -28.18
N THR D 164 -5.62 16.13 -26.96
CA THR D 164 -6.76 15.50 -26.23
C THR D 164 -8.02 15.60 -27.10
N GLN D 165 -8.32 16.79 -27.61
CA GLN D 165 -9.58 17.06 -28.35
C GLN D 165 -9.72 16.08 -29.53
N VAL D 166 -8.68 15.91 -30.35
CA VAL D 166 -8.80 15.11 -31.62
C VAL D 166 -9.07 13.62 -31.27
N ARG D 167 -8.67 13.18 -30.06
CA ARG D 167 -8.97 11.81 -29.56
C ARG D 167 -10.42 11.72 -29.09
N LYS D 168 -10.86 12.60 -28.19
CA LYS D 168 -12.18 12.50 -27.51
C LYS D 168 -13.30 12.67 -28.54
N GLU D 169 -13.04 13.50 -29.56
CA GLU D 169 -14.01 13.84 -30.64
C GLU D 169 -13.78 12.92 -31.84
N GLY D 170 -12.70 12.14 -31.83
CA GLY D 170 -12.36 11.17 -32.88
C GLY D 170 -12.06 11.82 -34.21
N ILE D 171 -11.41 12.99 -34.20
CA ILE D 171 -10.99 13.73 -35.43
C ILE D 171 -9.76 12.98 -35.97
N VAL D 172 -8.99 12.39 -35.05
CA VAL D 172 -7.82 11.53 -35.33
C VAL D 172 -8.03 10.23 -34.55
N PRO D 173 -8.33 9.09 -35.24
CA PRO D 173 -8.54 7.83 -34.53
C PRO D 173 -7.25 7.16 -34.04
N HIS D 174 -7.39 6.11 -33.22
CA HIS D 174 -6.31 5.21 -32.79
C HIS D 174 -5.42 5.96 -31.78
N LEU D 175 -5.92 7.01 -31.15
CA LEU D 175 -5.11 7.74 -30.13
C LEU D 175 -5.40 7.18 -28.74
N ARG D 176 -4.40 7.23 -27.86
CA ARG D 176 -4.52 6.84 -26.42
C ARG D 176 -4.15 8.05 -25.56
N PRO D 177 -4.61 8.12 -24.28
CA PRO D 177 -4.61 9.36 -23.50
C PRO D 177 -3.30 10.12 -23.24
N ASP D 178 -2.21 9.41 -23.03
CA ASP D 178 -0.91 9.96 -22.58
C ASP D 178 -0.21 10.67 -23.76
N GLY D 179 0.18 11.94 -23.57
CA GLY D 179 0.87 12.73 -24.61
C GLY D 179 1.67 13.87 -24.00
N LYS D 180 2.69 14.36 -24.73
CA LYS D 180 3.50 15.54 -24.35
C LYS D 180 3.67 16.42 -25.58
N THR D 181 3.65 17.75 -25.40
CA THR D 181 3.89 18.73 -26.49
C THR D 181 5.07 19.61 -26.05
N GLN D 182 5.83 20.14 -26.99
CA GLN D 182 6.99 21.00 -26.67
C GLN D 182 7.20 21.96 -27.83
N VAL D 183 7.38 23.23 -27.49
CA VAL D 183 7.53 24.29 -28.53
C VAL D 183 8.81 25.05 -28.24
N THR D 184 9.63 25.28 -29.26
CA THR D 184 10.89 26.07 -29.18
C THR D 184 10.78 27.23 -30.17
N PHE D 185 10.87 28.46 -29.65
CA PHE D 185 10.87 29.73 -30.43
C PHE D 185 12.28 30.33 -30.48
N ALA D 186 12.64 30.87 -31.64
CA ALA D 186 13.77 31.78 -31.72
C ALA D 186 13.37 33.08 -31.01
N TYR D 187 14.33 33.64 -30.30
CA TYR D 187 14.22 34.92 -29.57
C TYR D 187 15.22 35.94 -30.15
N ASP D 188 14.82 37.21 -30.11
CA ASP D 188 15.65 38.35 -30.55
C ASP D 188 16.54 38.79 -29.37
N ALA D 189 17.42 39.75 -29.63
CA ALA D 189 18.45 40.23 -28.68
C ALA D 189 17.82 40.90 -27.46
N GLN D 190 16.56 41.33 -27.55
CA GLN D 190 15.78 42.00 -26.49
C GLN D 190 14.80 41.00 -25.84
N ASP D 191 15.06 39.71 -25.99
CA ASP D 191 14.39 38.65 -25.18
C ASP D 191 12.90 38.52 -25.59
N ARG D 192 12.51 38.90 -26.81
CA ARG D 192 11.12 38.72 -27.30
C ARG D 192 11.10 37.61 -28.35
N PRO D 193 9.98 36.85 -28.41
CA PRO D 193 9.82 35.78 -29.39
C PRO D 193 9.93 36.38 -30.81
N SER D 194 10.60 35.68 -31.72
CA SER D 194 10.75 36.08 -33.15
C SER D 194 10.05 35.11 -34.12
N HIS D 195 10.19 33.79 -33.94
CA HIS D 195 9.48 32.78 -34.79
C HIS D 195 9.62 31.35 -34.21
N LEU D 196 8.57 30.57 -34.43
CA LEU D 196 8.47 29.12 -34.11
C LEU D 196 9.65 28.40 -34.79
N ASP D 197 10.37 27.58 -34.05
CA ASP D 197 11.57 26.88 -34.56
C ASP D 197 11.33 25.37 -34.59
N THR D 198 10.80 24.80 -33.50
CA THR D 198 10.65 23.34 -33.36
C THR D 198 9.37 23.05 -32.58
N VAL D 199 8.58 22.11 -33.10
CA VAL D 199 7.38 21.59 -32.39
C VAL D 199 7.58 20.08 -32.21
N VAL D 200 7.34 19.62 -30.98
CA VAL D 200 7.48 18.17 -30.62
C VAL D 200 6.12 17.72 -30.10
N ILE D 201 5.63 16.60 -30.62
CA ILE D 201 4.39 15.98 -30.07
C ILE D 201 4.68 14.50 -29.92
N SER D 202 4.54 13.97 -28.69
CA SER D 202 4.59 12.51 -28.46
C SER D 202 3.20 12.11 -28.00
N THR D 203 2.51 11.20 -28.71
CA THR D 203 1.19 10.74 -28.27
C THR D 203 1.21 9.21 -28.18
N GLN D 204 0.56 8.72 -27.13
CA GLN D 204 0.16 7.32 -26.99
C GLN D 204 -0.80 6.97 -28.13
N HIS D 205 -0.70 5.73 -28.62
CA HIS D 205 -1.51 5.27 -29.80
C HIS D 205 -1.76 3.76 -29.77
N ASP D 206 -2.81 3.34 -30.49
CA ASP D 206 -3.12 1.92 -30.85
C ASP D 206 -1.98 1.38 -31.71
N PRO D 207 -1.61 0.09 -31.59
CA PRO D 207 -0.50 -0.46 -32.38
C PRO D 207 -0.80 -0.58 -33.90
N GLU D 208 -2.05 -0.41 -34.33
CA GLU D 208 -2.49 -0.45 -35.76
C GLU D 208 -1.89 0.72 -36.55
N VAL D 209 -1.67 1.88 -35.90
CA VAL D 209 -1.08 3.09 -36.56
C VAL D 209 0.41 3.16 -36.20
N ASP D 210 1.21 3.80 -37.07
CA ASP D 210 2.69 3.94 -36.95
C ASP D 210 3.05 5.43 -36.87
N ARG D 211 4.33 5.75 -36.64
CA ARG D 211 4.88 7.13 -36.60
C ARG D 211 4.46 7.89 -37.87
N ALA D 212 4.65 7.26 -39.03
CA ALA D 212 4.37 7.83 -40.38
C ALA D 212 2.93 8.33 -40.48
N TRP D 213 1.96 7.57 -39.95
CA TRP D 213 0.51 7.89 -40.05
C TRP D 213 0.15 9.01 -39.07
N LEU D 214 0.69 8.94 -37.86
CA LEU D 214 0.56 9.99 -36.81
C LEU D 214 1.13 11.32 -37.32
N GLU D 215 2.29 11.29 -37.99
CA GLU D 215 2.97 12.49 -38.53
C GLU D 215 2.03 13.24 -39.49
N THR D 216 1.35 12.57 -40.44
CA THR D 216 0.39 13.21 -41.36
C THR D 216 -0.85 13.73 -40.60
N GLN D 217 -1.46 12.90 -39.76
CA GLN D 217 -2.70 13.20 -39.00
C GLN D 217 -2.49 14.38 -38.04
N LEU D 218 -1.34 14.42 -37.38
CA LEU D 218 -1.07 15.39 -36.28
C LEU D 218 -0.63 16.73 -36.88
N ARG D 219 0.16 16.72 -37.97
CA ARG D 219 0.54 17.96 -38.71
C ARG D 219 -0.73 18.69 -39.13
N GLU D 220 -1.69 18.00 -39.77
CA GLU D 220 -2.94 18.64 -40.23
C GLU D 220 -3.82 18.97 -39.03
N HIS D 221 -4.27 17.97 -38.25
CA HIS D 221 -5.44 18.16 -37.35
C HIS D 221 -4.99 18.76 -36.00
N VAL D 222 -3.70 18.79 -35.73
CA VAL D 222 -3.24 19.38 -34.43
C VAL D 222 -2.35 20.61 -34.66
N ILE D 223 -1.16 20.46 -35.26
CA ILE D 223 -0.15 21.55 -35.37
C ILE D 223 -0.71 22.64 -36.26
N ASP D 224 -1.12 22.31 -37.51
CA ASP D 224 -1.58 23.35 -38.47
C ASP D 224 -2.88 24.00 -37.94
N TRP D 225 -3.80 23.20 -37.37
CA TRP D 225 -5.06 23.71 -36.77
C TRP D 225 -4.78 24.74 -35.68
N VAL D 226 -3.86 24.45 -34.77
CA VAL D 226 -3.57 25.30 -33.58
C VAL D 226 -2.97 26.63 -34.06
N ILE D 227 -1.96 26.56 -34.93
CA ILE D 227 -1.25 27.75 -35.49
C ILE D 227 -2.32 28.72 -36.00
N LYS D 228 -3.33 28.20 -36.70
CA LYS D 228 -4.45 28.98 -37.26
C LYS D 228 -5.36 29.46 -36.12
N ASP D 229 -5.71 28.56 -35.19
CA ASP D 229 -6.65 28.89 -34.09
C ASP D 229 -6.05 29.95 -33.17
N ALA D 230 -4.72 30.01 -33.06
CA ALA D 230 -4.00 30.98 -32.19
C ALA D 230 -3.66 32.28 -32.95
N GLY D 231 -3.82 32.29 -34.28
CA GLY D 231 -3.50 33.45 -35.13
C GLY D 231 -2.01 33.78 -35.10
N ILE D 232 -1.13 32.78 -35.20
CA ILE D 232 0.36 32.97 -35.16
C ILE D 232 0.99 32.53 -36.48
N GLU D 233 0.28 32.68 -37.62
CA GLU D 233 0.81 32.34 -38.97
C GLU D 233 2.05 33.20 -39.24
N ASP D 234 2.00 34.48 -38.84
CA ASP D 234 3.14 35.43 -39.05
C ASP D 234 4.40 34.93 -38.33
N LEU D 235 4.28 34.09 -37.29
CA LEU D 235 5.44 33.56 -36.52
C LEU D 235 5.80 32.13 -36.98
N ALA D 236 4.94 31.48 -37.79
CA ALA D 236 5.12 30.08 -38.24
C ALA D 236 5.46 30.01 -39.75
N THR D 237 5.95 31.10 -40.33
CA THR D 237 6.40 31.12 -41.76
C THR D 237 7.69 30.31 -41.88
N GLY D 238 8.10 30.00 -43.11
CA GLY D 238 9.40 29.37 -43.39
C GLY D 238 9.45 27.93 -42.90
N GLU D 239 10.65 27.42 -42.61
CA GLU D 239 10.90 26.01 -42.23
C GLU D 239 10.76 25.85 -40.71
N ILE D 240 9.80 25.02 -40.28
CA ILE D 240 9.64 24.59 -38.85
C ILE D 240 9.97 23.11 -38.74
N THR D 241 10.88 22.75 -37.81
CA THR D 241 11.17 21.34 -37.45
C THR D 241 9.99 20.79 -36.65
N VAL D 242 9.39 19.72 -37.16
CA VAL D 242 8.28 19.00 -36.48
C VAL D 242 8.79 17.58 -36.20
N LEU D 243 8.88 17.22 -34.91
CA LEU D 243 9.28 15.87 -34.41
C LEU D 243 8.04 15.21 -33.81
N ILE D 244 7.41 14.28 -34.53
CA ILE D 244 6.18 13.56 -34.07
C ILE D 244 6.59 12.13 -33.70
N ASN D 245 6.30 11.72 -32.46
CA ASN D 245 6.78 10.43 -31.90
C ASN D 245 8.17 10.08 -32.42
N PRO D 246 9.20 10.94 -32.21
CA PRO D 246 10.57 10.65 -32.67
C PRO D 246 11.25 9.39 -32.09
N SER D 247 10.86 8.92 -30.91
CA SER D 247 11.50 7.77 -30.23
C SER D 247 10.92 6.43 -30.71
N GLY D 248 9.82 6.46 -31.47
CA GLY D 248 9.17 5.28 -32.06
C GLY D 248 7.75 5.09 -31.54
N SER D 249 7.29 3.84 -31.50
CA SER D 249 5.96 3.41 -30.95
C SER D 249 5.76 4.04 -29.56
N PHE D 250 4.51 4.30 -29.22
CA PHE D 250 4.07 4.77 -27.89
C PHE D 250 2.69 4.17 -27.65
N ILE D 251 2.67 2.88 -27.32
CA ILE D 251 1.43 2.06 -27.24
C ILE D 251 0.97 1.99 -25.78
N LEU D 252 1.87 1.57 -24.89
CA LEU D 252 1.66 1.51 -23.42
C LEU D 252 1.79 2.94 -22.90
N GLY D 253 0.85 3.39 -22.08
CA GLY D 253 0.93 4.76 -21.55
C GLY D 253 0.39 4.85 -20.16
N GLY D 254 0.40 6.06 -19.64
CA GLY D 254 -0.07 6.33 -18.28
C GLY D 254 0.93 5.77 -17.29
N PRO D 255 0.41 5.37 -16.14
CA PRO D 255 1.23 4.99 -14.99
C PRO D 255 2.09 3.74 -15.24
N MET D 256 1.64 2.89 -16.16
CA MET D 256 2.33 1.63 -16.59
C MET D 256 3.77 1.94 -17.04
N GLY D 257 4.78 1.57 -16.26
CA GLY D 257 6.20 1.90 -16.46
C GLY D 257 6.56 3.39 -16.46
N ASP D 258 5.73 4.30 -15.89
CA ASP D 258 6.05 5.76 -15.74
C ASP D 258 5.27 6.32 -14.54
N ALA D 259 5.79 6.13 -13.31
CA ALA D 259 5.07 6.50 -12.09
C ALA D 259 4.74 7.99 -12.15
N GLY D 260 3.60 8.39 -11.61
CA GLY D 260 3.24 9.80 -11.48
C GLY D 260 3.01 10.21 -10.04
N LEU D 261 3.09 11.50 -9.75
CA LEU D 261 2.86 12.09 -8.42
C LEU D 261 2.17 13.46 -8.59
N THR D 262 1.33 13.83 -7.63
CA THR D 262 0.77 15.19 -7.56
C THR D 262 1.94 16.19 -7.44
N GLY D 263 1.86 17.32 -8.14
CA GLY D 263 2.77 18.47 -7.99
C GLY D 263 4.11 18.26 -8.62
N ARG D 264 4.19 17.49 -9.71
CA ARG D 264 5.43 17.23 -10.45
C ARG D 264 5.37 17.87 -11.84
N LYS D 265 4.41 18.76 -12.08
CA LYS D 265 4.34 19.50 -13.39
C LYS D 265 4.07 20.97 -13.06
N ILE D 266 4.84 21.53 -12.11
CA ILE D 266 4.49 22.86 -11.57
C ILE D 266 4.82 23.94 -12.60
N ILE D 267 5.70 23.66 -13.56
CA ILE D 267 6.13 24.67 -14.57
C ILE D 267 5.13 24.61 -15.75
N VAL D 268 4.69 23.40 -16.12
CA VAL D 268 3.50 23.18 -17.00
C VAL D 268 2.28 23.92 -16.45
N ASP D 269 2.08 23.91 -15.12
CA ASP D 269 0.84 24.43 -14.51
C ASP D 269 0.82 25.96 -14.57
N THR D 270 1.99 26.60 -14.72
CA THR D 270 2.18 28.06 -14.48
C THR D 270 2.57 28.72 -15.81
N TYR D 271 3.84 29.00 -16.08
CA TYR D 271 4.20 29.89 -17.26
C TYR D 271 5.26 29.23 -18.15
N GLY D 272 5.41 27.90 -18.02
CA GLY D 272 6.28 27.06 -18.84
C GLY D 272 7.73 27.44 -18.79
N GLY D 273 8.20 28.00 -17.68
CA GLY D 273 9.62 28.36 -17.54
C GLY D 273 9.92 29.80 -17.87
N MET D 274 8.96 30.57 -18.37
CA MET D 274 9.20 31.98 -18.74
C MET D 274 9.32 32.81 -17.45
N ALA D 275 8.58 32.40 -16.43
CA ALA D 275 8.57 33.12 -15.13
C ALA D 275 9.21 32.23 -14.08
N ARG D 276 9.71 32.86 -13.05
CA ARG D 276 10.29 32.17 -11.88
C ARG D 276 9.16 31.52 -11.09
N HIS D 277 9.53 30.58 -10.20
CA HIS D 277 8.58 29.75 -9.44
C HIS D 277 9.13 29.59 -8.02
N GLY D 278 8.23 29.55 -7.06
CA GLY D 278 8.50 29.42 -5.60
C GLY D 278 8.60 27.99 -5.12
N GLY D 279 8.17 27.02 -5.96
CA GLY D 279 8.32 25.57 -5.74
C GLY D 279 7.06 24.89 -5.26
N GLY D 280 6.05 25.64 -4.87
CA GLY D 280 4.82 25.06 -4.29
C GLY D 280 3.91 24.48 -5.35
N ALA D 281 3.37 23.29 -5.12
CA ALA D 281 2.41 22.63 -6.03
C ALA D 281 1.02 23.22 -5.73
N PHE D 282 0.09 23.15 -6.71
CA PHE D 282 -1.31 23.63 -6.57
C PHE D 282 -2.31 22.51 -6.21
N SER D 283 -2.29 21.37 -6.91
CA SER D 283 -3.40 20.41 -6.86
C SER D 283 -3.45 19.67 -5.52
N GLY D 284 -4.65 19.43 -5.03
CA GLY D 284 -4.95 18.70 -3.79
C GLY D 284 -4.89 19.61 -2.57
N LYS D 285 -4.76 20.90 -2.82
CA LYS D 285 -4.67 21.92 -1.75
C LYS D 285 -5.89 22.85 -1.80
N ASP D 286 -6.58 22.96 -0.70
CA ASP D 286 -7.69 23.93 -0.59
C ASP D 286 -7.10 25.34 -0.59
N PRO D 287 -7.94 26.40 -0.78
CA PRO D 287 -7.46 27.78 -0.86
C PRO D 287 -6.74 28.36 0.36
N SER D 288 -6.86 27.76 1.55
CA SER D 288 -6.12 28.20 2.77
C SER D 288 -4.60 28.05 2.57
N LYS D 289 -4.16 27.22 1.62
CA LYS D 289 -2.73 26.98 1.34
C LYS D 289 -2.21 28.12 0.47
N VAL D 290 -1.36 28.97 1.03
CA VAL D 290 -0.76 30.11 0.24
C VAL D 290 -0.08 29.60 -1.03
N ASP D 291 0.51 28.40 -1.01
CA ASP D 291 1.21 27.84 -2.21
C ASP D 291 0.31 28.00 -3.42
N ARG D 292 -0.99 27.84 -3.21
CA ARG D 292 -2.02 28.00 -4.27
C ARG D 292 -2.59 29.42 -4.30
N SER D 293 -3.26 29.85 -3.23
CA SER D 293 -4.05 31.12 -3.20
C SER D 293 -3.12 32.30 -3.48
N ALA D 294 -1.89 32.30 -2.99
CA ALA D 294 -0.98 33.46 -3.19
C ALA D 294 -0.40 33.45 -4.60
N ALA D 295 -0.17 32.29 -5.21
CA ALA D 295 0.25 32.22 -6.61
C ALA D 295 -0.90 32.79 -7.47
N TYR D 296 -2.13 32.42 -7.12
CA TYR D 296 -3.31 32.91 -7.85
C TYR D 296 -3.36 34.43 -7.70
N ALA D 297 -3.13 34.94 -6.49
CA ALA D 297 -3.12 36.41 -6.23
C ALA D 297 -2.01 37.07 -7.08
N MET D 298 -0.84 36.46 -7.21
CA MET D 298 0.26 37.11 -7.94
C MET D 298 -0.09 37.18 -9.43
N ARG D 299 -0.77 36.17 -9.96
CA ARG D 299 -1.23 36.24 -11.35
C ARG D 299 -2.17 37.43 -11.50
N TRP D 300 -3.15 37.58 -10.61
CA TRP D 300 -4.18 38.65 -10.60
C TRP D 300 -3.48 40.02 -10.55
N VAL D 301 -2.50 40.17 -9.64
CA VAL D 301 -1.66 41.40 -9.55
C VAL D 301 -0.94 41.66 -10.87
N ALA D 302 -0.16 40.69 -11.37
CA ALA D 302 0.72 40.84 -12.55
C ALA D 302 -0.16 41.18 -13.79
N LYS D 303 -1.32 40.52 -13.91
CA LYS D 303 -2.26 40.77 -15.03
C LYS D 303 -2.77 42.21 -14.97
N ASN D 304 -3.16 42.70 -13.81
CA ASN D 304 -3.71 44.08 -13.63
C ASN D 304 -2.62 45.12 -13.86
N ILE D 305 -1.38 44.84 -13.45
CA ILE D 305 -0.25 45.78 -13.74
C ILE D 305 -0.14 45.98 -15.26
N VAL D 306 -0.15 44.90 -16.04
CA VAL D 306 0.02 44.98 -17.52
C VAL D 306 -1.24 45.60 -18.13
N ALA D 307 -2.44 45.19 -17.70
CA ALA D 307 -3.74 45.68 -18.23
C ALA D 307 -3.85 47.17 -17.97
N ALA D 308 -3.31 47.65 -16.85
CA ALA D 308 -3.41 49.08 -16.44
C ALA D 308 -2.43 49.96 -17.24
N GLY D 309 -1.58 49.36 -18.09
CA GLY D 309 -0.60 50.01 -18.97
C GLY D 309 0.65 50.45 -18.22
N LEU D 310 1.04 49.73 -17.15
CA LEU D 310 2.21 50.13 -16.31
C LEU D 310 3.47 49.48 -16.87
N ALA D 311 3.35 48.42 -17.66
CA ALA D 311 4.46 47.62 -18.20
C ALA D 311 3.91 46.70 -19.29
N ASP D 312 4.77 46.14 -20.12
CA ASP D 312 4.37 45.09 -21.10
C ASP D 312 4.43 43.71 -20.42
N ARG D 313 5.42 43.49 -19.55
CA ARG D 313 5.63 42.17 -18.88
C ARG D 313 5.77 42.47 -17.40
N ALA D 314 5.13 41.71 -16.53
CA ALA D 314 5.32 41.91 -15.08
C ALA D 314 5.51 40.56 -14.40
N GLU D 315 6.45 40.46 -13.45
CA GLU D 315 6.61 39.25 -12.61
C GLU D 315 6.64 39.69 -11.16
N VAL D 316 5.81 39.11 -10.28
CA VAL D 316 5.69 39.55 -8.87
C VAL D 316 5.88 38.33 -7.95
N GLN D 317 6.83 38.49 -7.03
CA GLN D 317 7.05 37.53 -5.91
C GLN D 317 6.34 38.05 -4.65
N VAL D 318 5.69 37.14 -3.94
CA VAL D 318 5.17 37.41 -2.58
C VAL D 318 5.71 36.29 -1.69
N ALA D 319 5.92 36.57 -0.41
CA ALA D 319 6.33 35.53 0.58
C ALA D 319 5.64 35.76 1.92
N TYR D 320 5.49 34.68 2.69
CA TYR D 320 4.72 34.64 3.96
C TYR D 320 5.57 33.95 5.00
N ALA D 321 5.29 34.28 6.26
CA ALA D 321 5.76 33.52 7.43
C ALA D 321 4.55 32.84 8.06
N ILE D 322 4.70 31.57 8.43
CA ILE D 322 3.63 30.82 9.13
C ILE D 322 3.13 31.64 10.33
N GLY D 323 1.81 31.79 10.43
CA GLY D 323 1.16 32.44 11.58
C GLY D 323 1.03 33.93 11.44
N ARG D 324 1.51 34.53 10.33
CA ARG D 324 1.49 36.00 10.10
C ARG D 324 0.62 36.30 8.86
N ALA D 325 -0.32 37.25 8.94
CA ALA D 325 -1.26 37.48 7.81
C ALA D 325 -0.57 38.30 6.73
N LYS D 326 0.07 39.41 7.10
CA LYS D 326 0.70 40.29 6.09
C LYS D 326 1.93 39.58 5.53
N PRO D 327 2.14 39.63 4.20
CA PRO D 327 3.33 39.05 3.59
C PRO D 327 4.61 39.61 4.23
N VAL D 328 5.66 38.83 4.26
CA VAL D 328 7.01 39.32 4.69
C VAL D 328 7.76 39.92 3.51
N GLY D 329 7.33 39.62 2.29
CA GLY D 329 8.10 40.04 1.10
C GLY D 329 7.17 40.23 -0.07
N LEU D 330 7.50 41.20 -0.91
CA LEU D 330 6.83 41.47 -2.22
C LEU D 330 7.92 42.06 -3.08
N TYR D 331 8.00 41.59 -4.32
CA TYR D 331 9.05 41.98 -5.29
C TYR D 331 8.40 42.10 -6.67
N VAL D 332 8.37 43.30 -7.22
CA VAL D 332 7.87 43.56 -8.60
C VAL D 332 9.04 43.66 -9.56
N GLU D 333 8.99 42.98 -10.69
CA GLU D 333 9.96 43.19 -11.78
C GLU D 333 9.20 43.38 -13.11
N THR D 334 9.56 44.39 -13.92
CA THR D 334 8.92 44.58 -15.24
C THR D 334 9.96 44.50 -16.38
N PHE D 335 11.22 44.18 -16.13
CA PHE D 335 12.23 43.82 -17.16
C PHE D 335 12.50 44.99 -18.11
N ASP D 336 12.49 46.20 -17.56
CA ASP D 336 12.69 47.49 -18.30
C ASP D 336 11.59 47.72 -19.35
N THR D 337 10.37 47.17 -19.16
CA THR D 337 9.16 47.42 -20.00
C THR D 337 8.25 48.42 -19.27
N ASN D 338 8.72 49.02 -18.17
CA ASN D 338 7.91 49.92 -17.31
C ASN D 338 7.55 51.14 -18.16
N LYS D 339 6.36 51.65 -17.98
CA LYS D 339 5.80 52.80 -18.75
C LYS D 339 5.70 54.02 -17.84
N GLU D 340 5.45 55.20 -18.42
CA GLU D 340 5.01 56.42 -17.67
C GLU D 340 6.14 56.90 -16.73
N GLY D 341 7.40 56.56 -17.03
CA GLY D 341 8.60 56.89 -16.22
C GLY D 341 8.52 56.31 -14.82
N LEU D 342 7.71 55.28 -14.59
CA LEU D 342 7.53 54.64 -13.25
C LEU D 342 8.61 53.57 -13.03
N SER D 343 9.15 53.49 -11.82
CA SER D 343 10.13 52.41 -11.52
C SER D 343 9.30 51.23 -11.03
N ASP D 344 9.95 50.08 -10.94
CA ASP D 344 9.38 48.88 -10.28
C ASP D 344 9.04 49.20 -8.82
N GLU D 345 9.86 49.98 -8.11
CA GLU D 345 9.59 50.42 -6.71
C GLU D 345 8.31 51.25 -6.64
N GLN D 346 8.09 52.13 -7.61
CA GLN D 346 6.83 52.94 -7.72
C GLN D 346 5.60 52.09 -8.02
N ILE D 347 5.71 51.11 -8.92
CA ILE D 347 4.57 50.22 -9.27
C ILE D 347 4.22 49.39 -8.05
N GLN D 348 5.23 48.86 -7.36
CA GLN D 348 5.03 48.11 -6.13
C GLN D 348 4.27 48.93 -5.06
N ALA D 349 4.55 50.21 -4.84
CA ALA D 349 3.80 51.03 -3.88
C ALA D 349 2.31 51.02 -4.27
N ALA D 350 2.06 51.15 -5.55
CA ALA D 350 0.68 51.15 -6.08
C ALA D 350 0.02 49.81 -5.78
N VAL D 351 0.71 48.72 -6.04
CA VAL D 351 0.18 47.35 -5.76
C VAL D 351 -0.16 47.24 -4.26
N LEU D 352 0.69 47.76 -3.36
CA LEU D 352 0.46 47.65 -1.90
C LEU D 352 -0.74 48.49 -1.50
N GLU D 353 -0.98 49.59 -2.21
CA GLU D 353 -2.17 50.45 -1.94
C GLU D 353 -3.46 49.69 -2.33
N VAL D 354 -3.47 49.04 -3.49
CA VAL D 354 -4.68 48.48 -4.16
C VAL D 354 -5.05 47.09 -3.59
N PHE D 355 -4.06 46.20 -3.46
CA PHE D 355 -4.26 44.75 -3.15
C PHE D 355 -4.04 44.45 -1.66
N ASP D 356 -4.96 43.70 -1.06
CA ASP D 356 -4.85 43.10 0.29
C ASP D 356 -4.30 41.69 0.10
N LEU D 357 -3.03 41.44 0.45
CA LEU D 357 -2.42 40.11 0.20
C LEU D 357 -2.44 39.26 1.46
N ARG D 358 -3.24 39.60 2.47
CA ARG D 358 -3.52 38.65 3.57
C ARG D 358 -4.26 37.45 2.98
N PRO D 359 -3.91 36.19 3.33
CA PRO D 359 -4.53 35.02 2.69
C PRO D 359 -6.08 35.03 2.73
N ALA D 360 -6.66 35.41 3.87
CA ALA D 360 -8.12 35.46 4.09
C ALA D 360 -8.78 36.46 3.15
N ALA D 361 -8.15 37.61 2.94
CA ALA D 361 -8.61 38.67 2.01
C ALA D 361 -8.46 38.22 0.56
N ILE D 362 -7.44 37.42 0.23
CA ILE D 362 -7.33 36.83 -1.12
C ILE D 362 -8.50 35.87 -1.38
N ILE D 363 -8.72 34.94 -0.46
CA ILE D 363 -9.86 33.96 -0.53
C ILE D 363 -11.17 34.73 -0.71
N ARG D 364 -11.36 35.81 0.05
CA ARG D 364 -12.64 36.58 0.03
C ARG D 364 -12.76 37.30 -1.31
N GLU D 365 -11.74 38.05 -1.73
CA GLU D 365 -11.82 38.93 -2.93
C GLU D 365 -11.94 38.08 -4.18
N LEU D 366 -11.31 36.88 -4.24
CA LEU D 366 -11.38 36.05 -5.45
C LEU D 366 -12.43 34.95 -5.32
N ASP D 367 -13.20 34.92 -4.23
CA ASP D 367 -14.31 33.95 -4.00
C ASP D 367 -13.76 32.53 -4.21
N LEU D 368 -12.71 32.14 -3.50
CA LEU D 368 -12.03 30.87 -3.85
C LEU D 368 -12.73 29.61 -3.32
N LEU D 369 -13.71 29.70 -2.42
CA LEU D 369 -14.24 28.51 -1.69
C LEU D 369 -15.37 27.87 -2.51
N ARG D 370 -15.03 27.50 -3.72
CA ARG D 370 -15.96 26.89 -4.70
C ARG D 370 -15.27 25.71 -5.37
N PRO D 371 -16.05 24.74 -5.87
CA PRO D 371 -15.45 23.62 -6.59
C PRO D 371 -15.08 23.94 -8.04
N ILE D 372 -13.99 24.69 -8.25
CA ILE D 372 -13.58 25.13 -9.61
C ILE D 372 -12.22 24.56 -10.00
N TYR D 373 -11.64 23.63 -9.23
CA TYR D 373 -10.19 23.37 -9.31
C TYR D 373 -9.88 22.18 -10.22
N ALA D 374 -10.76 21.21 -10.36
CA ALA D 374 -10.44 20.03 -11.21
C ALA D 374 -10.17 20.53 -12.63
N ASP D 375 -10.85 21.59 -13.07
CA ASP D 375 -10.66 22.16 -14.42
C ASP D 375 -9.21 22.63 -14.57
N THR D 376 -8.57 23.05 -13.47
CA THR D 376 -7.24 23.71 -13.51
C THR D 376 -6.15 22.66 -13.58
N ALA D 377 -6.47 21.38 -13.30
CA ALA D 377 -5.44 20.35 -13.03
C ALA D 377 -4.80 19.79 -14.31
N ALA D 378 -5.22 20.20 -15.51
CA ALA D 378 -4.39 20.04 -16.71
C ALA D 378 -4.68 21.21 -17.65
N TYR D 379 -3.71 21.46 -18.51
CA TYR D 379 -3.69 22.49 -19.58
C TYR D 379 -3.50 23.88 -18.96
N GLY D 380 -3.04 23.92 -17.72
CA GLY D 380 -2.56 25.17 -17.09
C GLY D 380 -3.58 25.86 -16.22
N HIS D 381 -3.07 26.58 -15.23
CA HIS D 381 -3.90 27.31 -14.26
C HIS D 381 -4.17 28.73 -14.76
N PHE D 382 -3.41 29.21 -15.73
CA PHE D 382 -3.44 30.65 -16.12
C PHE D 382 -3.70 30.78 -17.62
N GLY D 383 -4.37 31.87 -17.97
CA GLY D 383 -4.58 32.27 -19.36
C GLY D 383 -5.63 31.39 -20.01
N ARG D 384 -6.56 30.85 -19.24
CA ARG D 384 -7.55 29.84 -19.68
C ARG D 384 -8.79 30.55 -20.22
N THR D 385 -8.87 30.64 -21.54
CA THR D 385 -10.04 31.24 -22.27
C THR D 385 -11.27 30.32 -22.15
N ASP D 386 -11.08 29.02 -21.89
CA ASP D 386 -12.20 28.05 -21.77
C ASP D 386 -12.81 28.10 -20.37
N LEU D 387 -12.15 28.75 -19.37
CA LEU D 387 -12.68 28.80 -18.00
C LEU D 387 -12.89 30.26 -17.60
N ASP D 388 -13.63 30.50 -16.51
CA ASP D 388 -13.85 31.87 -15.98
C ASP D 388 -13.29 31.91 -14.55
N LEU D 389 -11.98 32.04 -14.46
CA LEU D 389 -11.25 31.91 -13.18
C LEU D 389 -11.07 33.30 -12.57
N PRO D 390 -11.36 33.47 -11.25
CA PRO D 390 -11.41 34.80 -10.63
C PRO D 390 -10.06 35.53 -10.68
N TRP D 391 -8.94 34.80 -10.70
CA TRP D 391 -7.59 35.40 -10.69
C TRP D 391 -7.21 35.92 -12.08
N GLU D 392 -8.06 35.76 -13.12
CA GLU D 392 -7.83 36.27 -14.50
C GLU D 392 -8.58 37.59 -14.73
N ALA D 393 -9.28 38.11 -13.72
CA ALA D 393 -10.10 39.34 -13.81
C ALA D 393 -9.17 40.55 -13.90
N ILE D 394 -9.36 41.43 -14.90
CA ILE D 394 -8.56 42.70 -14.93
C ILE D 394 -9.39 43.82 -14.29
N ASP D 395 -9.87 43.58 -13.07
CA ASP D 395 -10.91 44.42 -12.38
C ASP D 395 -10.25 45.36 -11.37
N ARG D 396 -8.94 45.57 -11.44
CA ARG D 396 -8.26 46.50 -10.49
C ARG D 396 -7.48 47.56 -11.28
N VAL D 397 -7.72 47.68 -12.60
CA VAL D 397 -6.95 48.61 -13.49
C VAL D 397 -7.21 50.05 -13.05
N ASP D 398 -8.47 50.42 -12.80
CA ASP D 398 -8.83 51.80 -12.36
C ASP D 398 -8.09 52.09 -11.04
N GLU D 399 -8.03 51.09 -10.17
CA GLU D 399 -7.55 51.32 -8.78
C GLU D 399 -6.04 51.60 -8.82
N LEU D 400 -5.31 50.87 -9.66
CA LEU D 400 -3.84 51.01 -9.89
C LEU D 400 -3.59 52.37 -10.56
N ARG D 401 -4.37 52.73 -11.56
CA ARG D 401 -4.10 54.01 -12.27
C ARG D 401 -4.39 55.14 -11.28
N ALA D 402 -5.48 55.05 -10.53
CA ALA D 402 -5.89 56.10 -9.57
C ALA D 402 -4.83 56.20 -8.48
N ALA D 403 -4.16 55.09 -8.13
CA ALA D 403 -3.11 55.11 -7.09
C ALA D 403 -1.88 55.85 -7.59
N LEU D 404 -1.65 55.84 -8.91
CA LEU D 404 -0.47 56.47 -9.55
C LEU D 404 -0.86 57.86 -10.08
N LYS D 405 -2.08 58.30 -9.76
CA LYS D 405 -2.73 59.55 -10.24
C LYS D 405 -2.61 59.64 -11.76
N LEU D 406 -2.75 58.50 -12.44
CA LEU D 406 -2.83 58.48 -13.92
C LEU D 406 -4.28 58.71 -14.31
N ALA D 407 -4.52 59.42 -15.41
CA ALA D 407 -5.87 59.68 -15.95
C ALA D 407 -6.53 58.32 -16.27
#